data_3KQI
# 
_entry.id   3KQI 
# 
_audit_conform.dict_name       mmcif_pdbx.dic 
_audit_conform.dict_version    5.403 
_audit_conform.dict_location   http://mmcif.pdb.org/dictionaries/ascii/mmcif_pdbx.dic 
# 
loop_
_database_2.database_id 
_database_2.database_code 
_database_2.pdbx_database_accession 
_database_2.pdbx_DOI 
PDB   3KQI         pdb_00003kqi 10.2210/pdb3kqi/pdb 
RCSB  RCSB056320   ?            ?                   
WWPDB D_1000056320 ?            ?                   
# 
loop_
_pdbx_audit_revision_history.ordinal 
_pdbx_audit_revision_history.data_content_type 
_pdbx_audit_revision_history.major_revision 
_pdbx_audit_revision_history.minor_revision 
_pdbx_audit_revision_history.revision_date 
_pdbx_audit_revision_history.part_number 
1 'Structure model' 1 0 2010-02-02 ? 
2 'Structure model' 1 1 2011-07-13 ? 
3 'Structure model' 1 2 2019-02-13 ? 
4 'Structure model' 1 3 2025-03-26 ? 
# 
_pdbx_audit_revision_details.ordinal             1 
_pdbx_audit_revision_details.revision_ordinal    1 
_pdbx_audit_revision_details.data_content_type   'Structure model' 
_pdbx_audit_revision_details.provider            repository 
_pdbx_audit_revision_details.type                'Initial release' 
_pdbx_audit_revision_details.description         ? 
_pdbx_audit_revision_details.details             ? 
# 
loop_
_pdbx_audit_revision_group.ordinal 
_pdbx_audit_revision_group.revision_ordinal 
_pdbx_audit_revision_group.data_content_type 
_pdbx_audit_revision_group.group 
1 2 'Structure model' Advisory                    
2 2 'Structure model' 'Version format compliance' 
3 3 'Structure model' Advisory                    
4 3 'Structure model' 'Data collection'           
5 3 'Structure model' 'Derived calculations'      
6 4 'Structure model' 'Data collection'           
7 4 'Structure model' 'Database references'       
8 4 'Structure model' 'Derived calculations'      
9 4 'Structure model' 'Structure summary'         
# 
loop_
_pdbx_audit_revision_category.ordinal 
_pdbx_audit_revision_category.revision_ordinal 
_pdbx_audit_revision_category.data_content_type 
_pdbx_audit_revision_category.category 
1  3 'Structure model' pdbx_distant_solvent_atoms 
2  3 'Structure model' pdbx_struct_assembly       
3  3 'Structure model' pdbx_struct_assembly_gen   
4  3 'Structure model' pdbx_struct_assembly_prop  
5  3 'Structure model' pdbx_struct_oper_list      
6  3 'Structure model' struct_conn                
7  4 'Structure model' chem_comp_atom             
8  4 'Structure model' chem_comp_bond             
9  4 'Structure model' database_2                 
10 4 'Structure model' pdbx_entry_details         
11 4 'Structure model' pdbx_modification_feature  
12 4 'Structure model' struct_ref_seq_dif         
13 4 'Structure model' struct_site                
# 
loop_
_pdbx_audit_revision_item.ordinal 
_pdbx_audit_revision_item.revision_ordinal 
_pdbx_audit_revision_item.data_content_type 
_pdbx_audit_revision_item.item 
1  3 'Structure model' '_pdbx_struct_assembly.oligomeric_count'    
2  3 'Structure model' '_pdbx_struct_assembly.oligomeric_details'  
3  3 'Structure model' '_pdbx_struct_assembly_prop.value'          
4  3 'Structure model' '_pdbx_struct_oper_list.matrix[1][1]'       
5  3 'Structure model' '_pdbx_struct_oper_list.matrix[1][2]'       
6  3 'Structure model' '_pdbx_struct_oper_list.matrix[2][1]'       
7  3 'Structure model' '_pdbx_struct_oper_list.matrix[2][2]'       
8  3 'Structure model' '_pdbx_struct_oper_list.matrix[3][3]'       
9  3 'Structure model' '_pdbx_struct_oper_list.name'               
10 3 'Structure model' '_pdbx_struct_oper_list.symmetry_operation' 
11 3 'Structure model' '_pdbx_struct_oper_list.type'               
12 3 'Structure model' '_pdbx_struct_oper_list.vector[1]'          
13 3 'Structure model' '_pdbx_struct_oper_list.vector[2]'          
14 3 'Structure model' '_pdbx_struct_oper_list.vector[3]'          
15 3 'Structure model' '_struct_conn.pdbx_leaving_atom_flag'       
16 4 'Structure model' '_database_2.pdbx_DOI'                      
17 4 'Structure model' '_database_2.pdbx_database_accession'       
18 4 'Structure model' '_struct_ref_seq_dif.details'               
19 4 'Structure model' '_struct_site.pdbx_auth_asym_id'            
20 4 'Structure model' '_struct_site.pdbx_auth_comp_id'            
21 4 'Structure model' '_struct_site.pdbx_auth_seq_id'             
# 
_pdbx_database_status.status_code                     REL 
_pdbx_database_status.entry_id                        3KQI 
_pdbx_database_status.recvd_initial_deposition_date   2009-11-17 
_pdbx_database_status.deposit_site                    RCSB 
_pdbx_database_status.process_site                    RCSB 
_pdbx_database_status.status_code_sf                  REL 
_pdbx_database_status.status_code_mr                  ? 
_pdbx_database_status.SG_entry                        ? 
_pdbx_database_status.pdb_format_compatible           Y 
_pdbx_database_status.status_code_cs                  ? 
_pdbx_database_status.methods_development_category    ? 
_pdbx_database_status.status_code_nmr_data            ? 
# 
loop_
_audit_author.name 
_audit_author.pdbx_ordinal 
'Wen, H.'  1 
'Li, J.Z.' 2 
'Song, T.' 3 
'Lu, M.'   4 
'Lee, M.'  5 
# 
_citation.id                        primary 
_citation.title                     
'Recognition of histone H3K4 trimethylation by the plant homeodomain of PHF2 modulates histone demethylation.' 
_citation.journal_abbrev            J.Biol.Chem. 
_citation.journal_volume            285 
_citation.page_first                9322 
_citation.page_last                 9326 
_citation.year                      2010 
_citation.journal_id_ASTM           JBCHA3 
_citation.country                   US 
_citation.journal_id_ISSN           0021-9258 
_citation.journal_id_CSD            0071 
_citation.book_publisher            ? 
_citation.pdbx_database_id_PubMed   20129925 
_citation.pdbx_database_id_DOI      10.1074/jbc.C109.097667 
# 
loop_
_citation_author.citation_id 
_citation_author.name 
_citation_author.ordinal 
_citation_author.identifier_ORCID 
primary 'Wen, H.'   1 ? 
primary 'Li, J.'    2 ? 
primary 'Song, T.'  3 ? 
primary 'Lu, M.'    4 ? 
primary 'Kan, P.Y.' 5 ? 
primary 'Lee, M.G.' 6 ? 
primary 'Sha, B.'   7 ? 
primary 'Shi, X.'   8 ? 
# 
loop_
_entity.id 
_entity.type 
_entity.src_method 
_entity.pdbx_description 
_entity.formula_weight 
_entity.pdbx_number_of_molecules 
_entity.pdbx_ec 
_entity.pdbx_mutation 
_entity.pdbx_fragment 
_entity.details 
1 polymer     man 'PHD finger protein 2' 8575.896 1   ? ? 'PHD finger' ? 
2 polymer     syn 'H3K4Me3 peptide'      1350.568 1   ? ? ?            ? 
3 non-polymer syn 'ZINC ION'             65.409   2   ? ? ?            ? 
4 non-polymer syn GLYCEROL               92.094   1   ? ? ?            ? 
5 non-polymer syn 'CHLORIDE ION'         35.453   1   ? ? ?            ? 
6 non-polymer syn 'MAGNESIUM ION'        24.305   2   ? ? ?            ? 
7 water       nat water                  18.015   125 ? ? ?            ? 
# 
_entity_name_com.entity_id   1 
_entity_name_com.name        GRC5 
# 
loop_
_entity_poly.entity_id 
_entity_poly.type 
_entity_poly.nstd_linkage 
_entity_poly.nstd_monomer 
_entity_poly.pdbx_seq_one_letter_code 
_entity_poly.pdbx_seq_one_letter_code_can 
_entity_poly.pdbx_strand_id 
_entity_poly.pdbx_target_identifier 
1 'polypeptide(L)' no no  GPLGSMATVPVYCVCRLPYDVTRFMIECDACKDWFHGSCVGVEEEEAPDIDIYHCPNCEKTHGKSTLKKKRTWHK 
GPLGSMATVPVYCVCRLPYDVTRFMIECDACKDWFHGSCVGVEEEEAPDIDIYHCPNCEKTHGKSTLKKKRTWHK A ? 
2 'polypeptide(L)' no yes 'ART(M3L)QTARKSTG'                                                          ARTKQTARKSTG B ? 
# 
loop_
_pdbx_entity_nonpoly.entity_id 
_pdbx_entity_nonpoly.name 
_pdbx_entity_nonpoly.comp_id 
3 'ZINC ION'      ZN  
4 GLYCEROL        GOL 
5 'CHLORIDE ION'  CL  
6 'MAGNESIUM ION' MG  
7 water           HOH 
# 
loop_
_entity_poly_seq.entity_id 
_entity_poly_seq.num 
_entity_poly_seq.mon_id 
_entity_poly_seq.hetero 
1 1  GLY n 
1 2  PRO n 
1 3  LEU n 
1 4  GLY n 
1 5  SER n 
1 6  MET n 
1 7  ALA n 
1 8  THR n 
1 9  VAL n 
1 10 PRO n 
1 11 VAL n 
1 12 TYR n 
1 13 CYS n 
1 14 VAL n 
1 15 CYS n 
1 16 ARG n 
1 17 LEU n 
1 18 PRO n 
1 19 TYR n 
1 20 ASP n 
1 21 VAL n 
1 22 THR n 
1 23 ARG n 
1 24 PHE n 
1 25 MET n 
1 26 ILE n 
1 27 GLU n 
1 28 CYS n 
1 29 ASP n 
1 30 ALA n 
1 31 CYS n 
1 32 LYS n 
1 33 ASP n 
1 34 TRP n 
1 35 PHE n 
1 36 HIS n 
1 37 GLY n 
1 38 SER n 
1 39 CYS n 
1 40 VAL n 
1 41 GLY n 
1 42 VAL n 
1 43 GLU n 
1 44 GLU n 
1 45 GLU n 
1 46 GLU n 
1 47 ALA n 
1 48 PRO n 
1 49 ASP n 
1 50 ILE n 
1 51 ASP n 
1 52 ILE n 
1 53 TYR n 
1 54 HIS n 
1 55 CYS n 
1 56 PRO n 
1 57 ASN n 
1 58 CYS n 
1 59 GLU n 
1 60 LYS n 
1 61 THR n 
1 62 HIS n 
1 63 GLY n 
1 64 LYS n 
1 65 SER n 
1 66 THR n 
1 67 LEU n 
1 68 LYS n 
1 69 LYS n 
1 70 LYS n 
1 71 ARG n 
1 72 THR n 
1 73 TRP n 
1 74 HIS n 
1 75 LYS n 
2 1  ALA n 
2 2  ARG n 
2 3  THR n 
2 4  M3L n 
2 5  GLN n 
2 6  THR n 
2 7  ALA n 
2 8  ARG n 
2 9  LYS n 
2 10 SER n 
2 11 THR n 
2 12 GLY n 
# 
_entity_src_gen.entity_id                          1 
_entity_src_gen.pdbx_src_id                        1 
_entity_src_gen.pdbx_alt_source_flag               sample 
_entity_src_gen.pdbx_seq_type                      ? 
_entity_src_gen.pdbx_beg_seq_num                   ? 
_entity_src_gen.pdbx_end_seq_num                   ? 
_entity_src_gen.gene_src_common_name               human 
_entity_src_gen.gene_src_genus                     ? 
_entity_src_gen.pdbx_gene_src_gene                 'KIAA0662, PHF2' 
_entity_src_gen.gene_src_species                   ? 
_entity_src_gen.gene_src_strain                    ? 
_entity_src_gen.gene_src_tissue                    ? 
_entity_src_gen.gene_src_tissue_fraction           ? 
_entity_src_gen.gene_src_details                   ? 
_entity_src_gen.pdbx_gene_src_fragment             ? 
_entity_src_gen.pdbx_gene_src_scientific_name      'Homo sapiens' 
_entity_src_gen.pdbx_gene_src_ncbi_taxonomy_id     9606 
_entity_src_gen.pdbx_gene_src_variant              ? 
_entity_src_gen.pdbx_gene_src_cell_line            ? 
_entity_src_gen.pdbx_gene_src_atcc                 ? 
_entity_src_gen.pdbx_gene_src_organ                ? 
_entity_src_gen.pdbx_gene_src_organelle            ? 
_entity_src_gen.pdbx_gene_src_cell                 ? 
_entity_src_gen.pdbx_gene_src_cellular_location    ? 
_entity_src_gen.host_org_common_name               ? 
_entity_src_gen.pdbx_host_org_scientific_name      'Escherichia coli' 
_entity_src_gen.pdbx_host_org_ncbi_taxonomy_id     469008 
_entity_src_gen.host_org_genus                     ? 
_entity_src_gen.pdbx_host_org_gene                 ? 
_entity_src_gen.pdbx_host_org_organ                ? 
_entity_src_gen.host_org_species                   ? 
_entity_src_gen.pdbx_host_org_tissue               ? 
_entity_src_gen.pdbx_host_org_tissue_fraction      ? 
_entity_src_gen.pdbx_host_org_strain               'BL21(DE3)' 
_entity_src_gen.pdbx_host_org_variant              ? 
_entity_src_gen.pdbx_host_org_cell_line            ? 
_entity_src_gen.pdbx_host_org_atcc                 ? 
_entity_src_gen.pdbx_host_org_culture_collection   ? 
_entity_src_gen.pdbx_host_org_cell                 ? 
_entity_src_gen.pdbx_host_org_organelle            ? 
_entity_src_gen.pdbx_host_org_cellular_location    ? 
_entity_src_gen.pdbx_host_org_vector_type          PLASMID 
_entity_src_gen.pdbx_host_org_vector               ? 
_entity_src_gen.host_org_details                   ? 
_entity_src_gen.expression_system_id               ? 
_entity_src_gen.plasmid_name                       PGEX6P1 
_entity_src_gen.plasmid_details                    ? 
_entity_src_gen.pdbx_description                   ? 
# 
loop_
_chem_comp.id 
_chem_comp.type 
_chem_comp.mon_nstd_flag 
_chem_comp.name 
_chem_comp.pdbx_synonyms 
_chem_comp.formula 
_chem_comp.formula_weight 
ALA 'L-peptide linking' y ALANINE           ?                               'C3 H7 N O2'     89.093  
ARG 'L-peptide linking' y ARGININE          ?                               'C6 H15 N4 O2 1' 175.209 
ASN 'L-peptide linking' y ASPARAGINE        ?                               'C4 H8 N2 O3'    132.118 
ASP 'L-peptide linking' y 'ASPARTIC ACID'   ?                               'C4 H7 N O4'     133.103 
CL  non-polymer         . 'CHLORIDE ION'    ?                               'Cl -1'          35.453  
CYS 'L-peptide linking' y CYSTEINE          ?                               'C3 H7 N O2 S'   121.158 
GLN 'L-peptide linking' y GLUTAMINE         ?                               'C5 H10 N2 O3'   146.144 
GLU 'L-peptide linking' y 'GLUTAMIC ACID'   ?                               'C5 H9 N O4'     147.129 
GLY 'peptide linking'   y GLYCINE           ?                               'C2 H5 N O2'     75.067  
GOL non-polymer         . GLYCEROL          'GLYCERIN; PROPANE-1,2,3-TRIOL' 'C3 H8 O3'       92.094  
HIS 'L-peptide linking' y HISTIDINE         ?                               'C6 H10 N3 O2 1' 156.162 
HOH non-polymer         . WATER             ?                               'H2 O'           18.015  
ILE 'L-peptide linking' y ISOLEUCINE        ?                               'C6 H13 N O2'    131.173 
LEU 'L-peptide linking' y LEUCINE           ?                               'C6 H13 N O2'    131.173 
LYS 'L-peptide linking' y LYSINE            ?                               'C6 H15 N2 O2 1' 147.195 
M3L 'L-peptide linking' n N-TRIMETHYLLYSINE ?                               'C9 H21 N2 O2 1' 189.275 
MET 'L-peptide linking' y METHIONINE        ?                               'C5 H11 N O2 S'  149.211 
MG  non-polymer         . 'MAGNESIUM ION'   ?                               'Mg 2'           24.305  
PHE 'L-peptide linking' y PHENYLALANINE     ?                               'C9 H11 N O2'    165.189 
PRO 'L-peptide linking' y PROLINE           ?                               'C5 H9 N O2'     115.130 
SER 'L-peptide linking' y SERINE            ?                               'C3 H7 N O3'     105.093 
THR 'L-peptide linking' y THREONINE         ?                               'C4 H9 N O3'     119.119 
TRP 'L-peptide linking' y TRYPTOPHAN        ?                               'C11 H12 N2 O2'  204.225 
TYR 'L-peptide linking' y TYROSINE          ?                               'C9 H11 N O3'    181.189 
VAL 'L-peptide linking' y VALINE            ?                               'C5 H11 N O2'    117.146 
ZN  non-polymer         . 'ZINC ION'        ?                               'Zn 2'           65.409  
# 
loop_
_pdbx_poly_seq_scheme.asym_id 
_pdbx_poly_seq_scheme.entity_id 
_pdbx_poly_seq_scheme.seq_id 
_pdbx_poly_seq_scheme.mon_id 
_pdbx_poly_seq_scheme.ndb_seq_num 
_pdbx_poly_seq_scheme.pdb_seq_num 
_pdbx_poly_seq_scheme.auth_seq_num 
_pdbx_poly_seq_scheme.pdb_mon_id 
_pdbx_poly_seq_scheme.auth_mon_id 
_pdbx_poly_seq_scheme.pdb_strand_id 
_pdbx_poly_seq_scheme.pdb_ins_code 
_pdbx_poly_seq_scheme.hetero 
A 1 1  GLY 1  -4 ?  ?   ?   A . n 
A 1 2  PRO 2  -3 ?  ?   ?   A . n 
A 1 3  LEU 3  -2 ?  ?   ?   A . n 
A 1 4  GLY 4  -1 -1 GLY GLY A . n 
A 1 5  SER 5  0  0  SER SER A . n 
A 1 6  MET 6  1  1  MET MET A . n 
A 1 7  ALA 7  2  2  ALA ALA A . n 
A 1 8  THR 8  3  3  THR THR A . n 
A 1 9  VAL 9  4  4  VAL VAL A . n 
A 1 10 PRO 10 5  5  PRO PRO A . n 
A 1 11 VAL 11 6  6  VAL VAL A . n 
A 1 12 TYR 12 7  7  TYR TYR A . n 
A 1 13 CYS 13 8  8  CYS CYS A . n 
A 1 14 VAL 14 9  9  VAL VAL A . n 
A 1 15 CYS 15 10 10 CYS CYS A . n 
A 1 16 ARG 16 11 11 ARG ARG A . n 
A 1 17 LEU 17 12 12 LEU LEU A . n 
A 1 18 PRO 18 13 13 PRO PRO A . n 
A 1 19 TYR 19 14 14 TYR TYR A . n 
A 1 20 ASP 20 15 15 ASP ASP A . n 
A 1 21 VAL 21 16 16 VAL VAL A . n 
A 1 22 THR 22 17 17 THR THR A . n 
A 1 23 ARG 23 18 18 ARG ARG A . n 
A 1 24 PHE 24 19 19 PHE PHE A . n 
A 1 25 MET 25 20 20 MET MET A . n 
A 1 26 ILE 26 21 21 ILE ILE A . n 
A 1 27 GLU 27 22 22 GLU GLU A . n 
A 1 28 CYS 28 23 23 CYS CYS A . n 
A 1 29 ASP 29 24 24 ASP ASP A . n 
A 1 30 ALA 30 25 25 ALA ALA A . n 
A 1 31 CYS 31 26 26 CYS CYS A . n 
A 1 32 LYS 32 27 27 LYS LYS A . n 
A 1 33 ASP 33 28 28 ASP ASP A . n 
A 1 34 TRP 34 29 29 TRP TRP A . n 
A 1 35 PHE 35 30 30 PHE PHE A . n 
A 1 36 HIS 36 31 31 HIS HIS A . n 
A 1 37 GLY 37 32 32 GLY GLY A . n 
A 1 38 SER 38 33 33 SER SER A . n 
A 1 39 CYS 39 34 34 CYS CYS A . n 
A 1 40 VAL 40 35 35 VAL VAL A . n 
A 1 41 GLY 41 36 36 GLY GLY A . n 
A 1 42 VAL 42 37 37 VAL VAL A . n 
A 1 43 GLU 43 38 38 GLU GLU A . n 
A 1 44 GLU 44 39 39 GLU GLU A . n 
A 1 45 GLU 45 40 40 GLU GLU A . n 
A 1 46 GLU 46 41 41 GLU GLU A . n 
A 1 47 ALA 47 42 42 ALA ALA A . n 
A 1 48 PRO 48 43 43 PRO PRO A . n 
A 1 49 ASP 49 44 44 ASP ASP A . n 
A 1 50 ILE 50 45 45 ILE ILE A . n 
A 1 51 ASP 51 46 46 ASP ASP A . n 
A 1 52 ILE 52 47 47 ILE ILE A . n 
A 1 53 TYR 53 48 48 TYR TYR A . n 
A 1 54 HIS 54 49 49 HIS HIS A . n 
A 1 55 CYS 55 50 50 CYS CYS A . n 
A 1 56 PRO 56 51 51 PRO PRO A . n 
A 1 57 ASN 57 52 52 ASN ASN A . n 
A 1 58 CYS 58 53 53 CYS CYS A . n 
A 1 59 GLU 59 54 54 GLU GLU A . n 
A 1 60 LYS 60 55 55 LYS LYS A . n 
A 1 61 THR 61 56 56 THR THR A . n 
A 1 62 HIS 62 57 57 HIS HIS A . n 
A 1 63 GLY 63 58 58 GLY GLY A . n 
A 1 64 LYS 64 59 59 LYS LYS A . n 
A 1 65 SER 65 60 60 SER SER A . n 
A 1 66 THR 66 61 61 THR THR A . n 
A 1 67 LEU 67 62 62 LEU LEU A . n 
A 1 68 LYS 68 63 63 LYS LYS A . n 
A 1 69 LYS 69 64 64 LYS LYS A . n 
A 1 70 LYS 70 65 65 LYS LYS A . n 
A 1 71 ARG 71 66 66 ARG ARG A . n 
A 1 72 THR 72 67 67 THR THR A . n 
A 1 73 TRP 73 68 68 TRP TRP A . n 
A 1 74 HIS 74 69 69 HIS HIS A . n 
A 1 75 LYS 75 70 ?  ?   ?   A . n 
B 2 1  ALA 1  1  1  ALA ALA B . n 
B 2 2  ARG 2  2  2  ARG ARG B . n 
B 2 3  THR 3  3  3  THR THR B . n 
B 2 4  M3L 4  4  4  M3L M3L B . n 
B 2 5  GLN 5  5  5  GLN GLN B . n 
B 2 6  THR 6  6  6  THR THR B . n 
B 2 7  ALA 7  7  ?  ?   ?   B . n 
B 2 8  ARG 8  8  ?  ?   ?   B . n 
B 2 9  LYS 9  9  ?  ?   ?   B . n 
B 2 10 SER 10 10 ?  ?   ?   B . n 
B 2 11 THR 11 11 ?  ?   ?   B . n 
B 2 12 GLY 12 12 ?  ?   ?   B . n 
# 
loop_
_pdbx_nonpoly_scheme.asym_id 
_pdbx_nonpoly_scheme.entity_id 
_pdbx_nonpoly_scheme.mon_id 
_pdbx_nonpoly_scheme.ndb_seq_num 
_pdbx_nonpoly_scheme.pdb_seq_num 
_pdbx_nonpoly_scheme.auth_seq_num 
_pdbx_nonpoly_scheme.pdb_mon_id 
_pdbx_nonpoly_scheme.auth_mon_id 
_pdbx_nonpoly_scheme.pdb_strand_id 
_pdbx_nonpoly_scheme.pdb_ins_code 
C 3 ZN  1   71  1   ZN  ZN  A . 
D 3 ZN  1   72  2   ZN  ZN  A . 
E 4 GOL 1   968 968 GOL GOL A . 
F 5 CL  1   73  1   CL  CL  A . 
G 6 MG  1   74  1   MG  MG  A . 
H 6 MG  1   75  1   MG  MG  A . 
I 7 HOH 1   76  76  HOH HOH A . 
I 7 HOH 2   77  77  HOH HOH A . 
I 7 HOH 3   78  78  HOH HOH A . 
I 7 HOH 4   79  1   HOH HOH A . 
I 7 HOH 5   80  2   HOH HOH A . 
I 7 HOH 6   81  3   HOH HOH A . 
I 7 HOH 7   82  82  HOH HOH A . 
I 7 HOH 8   83  83  HOH HOH A . 
I 7 HOH 9   84  4   HOH HOH A . 
I 7 HOH 10  85  5   HOH HOH A . 
I 7 HOH 11  86  6   HOH HOH A . 
I 7 HOH 12  87  87  HOH HOH A . 
I 7 HOH 13  88  88  HOH HOH A . 
I 7 HOH 14  89  7   HOH HOH A . 
I 7 HOH 15  90  90  HOH HOH A . 
I 7 HOH 16  91  91  HOH HOH A . 
I 7 HOH 17  92  92  HOH HOH A . 
I 7 HOH 18  93  93  HOH HOH A . 
I 7 HOH 19  94  8   HOH HOH A . 
I 7 HOH 20  95  95  HOH HOH A . 
I 7 HOH 21  96  9   HOH HOH A . 
I 7 HOH 22  97  97  HOH HOH A . 
I 7 HOH 23  98  98  HOH HOH A . 
I 7 HOH 24  99  99  HOH HOH A . 
I 7 HOH 25  100 100 HOH HOH A . 
I 7 HOH 26  101 10  HOH HOH A . 
I 7 HOH 27  102 102 HOH HOH A . 
I 7 HOH 28  103 103 HOH HOH A . 
I 7 HOH 29  104 104 HOH HOH A . 
I 7 HOH 30  105 105 HOH HOH A . 
I 7 HOH 31  106 106 HOH HOH A . 
I 7 HOH 32  107 107 HOH HOH A . 
I 7 HOH 33  108 11  HOH HOH A . 
I 7 HOH 34  109 12  HOH HOH A . 
I 7 HOH 35  110 110 HOH HOH A . 
I 7 HOH 36  111 111 HOH HOH A . 
I 7 HOH 37  112 112 HOH HOH A . 
I 7 HOH 38  113 13  HOH HOH A . 
I 7 HOH 39  114 14  HOH HOH A . 
I 7 HOH 40  115 115 HOH HOH A . 
I 7 HOH 41  116 116 HOH HOH A . 
I 7 HOH 42  117 15  HOH HOH A . 
I 7 HOH 43  118 118 HOH HOH A . 
I 7 HOH 44  119 16  HOH HOH A . 
I 7 HOH 45  120 17  HOH HOH A . 
I 7 HOH 46  121 121 HOH HOH A . 
I 7 HOH 47  122 18  HOH HOH A . 
I 7 HOH 48  123 19  HOH HOH A . 
I 7 HOH 49  124 20  HOH HOH A . 
I 7 HOH 50  125 21  HOH HOH A . 
I 7 HOH 51  126 24  HOH HOH A . 
I 7 HOH 52  127 25  HOH HOH A . 
I 7 HOH 53  128 128 HOH HOH A . 
I 7 HOH 54  129 129 HOH HOH A . 
I 7 HOH 55  130 26  HOH HOH A . 
I 7 HOH 56  131 131 HOH HOH A . 
I 7 HOH 57  132 132 HOH HOH A . 
I 7 HOH 58  133 27  HOH HOH A . 
I 7 HOH 59  134 28  HOH HOH A . 
I 7 HOH 60  135 29  HOH HOH A . 
I 7 HOH 61  136 136 HOH HOH A . 
I 7 HOH 62  137 30  HOH HOH A . 
I 7 HOH 63  138 138 HOH HOH A . 
I 7 HOH 64  139 139 HOH HOH A . 
I 7 HOH 65  140 31  HOH HOH A . 
I 7 HOH 66  141 141 HOH HOH A . 
I 7 HOH 67  142 32  HOH HOH A . 
I 7 HOH 68  143 143 HOH HOH A . 
I 7 HOH 69  144 144 HOH HOH A . 
I 7 HOH 70  145 33  HOH HOH A . 
I 7 HOH 71  146 35  HOH HOH A . 
I 7 HOH 72  147 39  HOH HOH A . 
I 7 HOH 73  148 40  HOH HOH A . 
I 7 HOH 74  149 149 HOH HOH A . 
I 7 HOH 75  150 41  HOH HOH A . 
I 7 HOH 76  151 42  HOH HOH A . 
I 7 HOH 77  152 43  HOH HOH A . 
I 7 HOH 78  153 44  HOH HOH A . 
I 7 HOH 79  154 154 HOH HOH A . 
I 7 HOH 80  155 45  HOH HOH A . 
I 7 HOH 81  156 46  HOH HOH A . 
I 7 HOH 82  157 47  HOH HOH A . 
I 7 HOH 83  158 158 HOH HOH A . 
I 7 HOH 84  159 50  HOH HOH A . 
I 7 HOH 85  160 51  HOH HOH A . 
I 7 HOH 86  161 52  HOH HOH A . 
I 7 HOH 87  162 53  HOH HOH A . 
I 7 HOH 88  163 54  HOH HOH A . 
I 7 HOH 89  164 55  HOH HOH A . 
I 7 HOH 90  165 165 HOH HOH A . 
I 7 HOH 91  166 56  HOH HOH A . 
I 7 HOH 92  167 167 HOH HOH A . 
I 7 HOH 93  168 168 HOH HOH A . 
I 7 HOH 94  169 58  HOH HOH A . 
I 7 HOH 95  170 59  HOH HOH A . 
I 7 HOH 96  171 60  HOH HOH A . 
I 7 HOH 97  172 61  HOH HOH A . 
I 7 HOH 98  173 62  HOH HOH A . 
I 7 HOH 99  174 63  HOH HOH A . 
I 7 HOH 100 175 64  HOH HOH A . 
I 7 HOH 101 176 65  HOH HOH A . 
I 7 HOH 102 177 66  HOH HOH A . 
I 7 HOH 103 178 68  HOH HOH A . 
I 7 HOH 104 179 69  HOH HOH A . 
I 7 HOH 105 180 70  HOH HOH A . 
I 7 HOH 106 181 72  HOH HOH A . 
I 7 HOH 107 182 75  HOH HOH A . 
J 7 HOH 1   22  22  HOH HOH B . 
J 7 HOH 2   23  23  HOH HOH B . 
J 7 HOH 3   34  34  HOH HOH B . 
J 7 HOH 4   36  36  HOH HOH B . 
J 7 HOH 5   37  37  HOH HOH B . 
J 7 HOH 6   49  49  HOH HOH B . 
J 7 HOH 7   67  67  HOH HOH B . 
J 7 HOH 8   71  71  HOH HOH B . 
J 7 HOH 9   73  73  HOH HOH B . 
J 7 HOH 10  84  84  HOH HOH B . 
J 7 HOH 11  96  96  HOH HOH B . 
J 7 HOH 12  109 109 HOH HOH B . 
J 7 HOH 13  113 113 HOH HOH B . 
J 7 HOH 14  124 124 HOH HOH B . 
J 7 HOH 15  133 133 HOH HOH B . 
J 7 HOH 16  160 160 HOH HOH B . 
J 7 HOH 17  164 164 HOH HOH B . 
J 7 HOH 18  171 171 HOH HOH B . 
# 
loop_
_software.name 
_software.classification 
_software.version 
_software.citation_id 
_software.pdbx_ordinal 
HKL-2000 'data collection' .        ? 1 
SOLVE    phasing           .        ? 2 
REFMAC   refinement        5.2.0019 ? 3 
HKL-2000 'data reduction'  .        ? 4 
HKL-2000 'data scaling'    .        ? 5 
# 
_cell.entry_id           3KQI 
_cell.length_a           77.757 
_cell.length_b           77.758 
_cell.length_c           72.116 
_cell.angle_alpha        90.00 
_cell.angle_beta         90.00 
_cell.angle_gamma        120.00 
_cell.Z_PDB              12 
_cell.pdbx_unique_axis   ? 
_cell.length_a_esd       ? 
_cell.length_b_esd       ? 
_cell.length_c_esd       ? 
_cell.angle_alpha_esd    ? 
_cell.angle_beta_esd     ? 
_cell.angle_gamma_esd    ? 
# 
_symmetry.entry_id                         3KQI 
_symmetry.space_group_name_H-M             'P 65 2 2' 
_symmetry.pdbx_full_space_group_name_H-M   ? 
_symmetry.cell_setting                     ? 
_symmetry.Int_Tables_number                179 
_symmetry.space_group_name_Hall            ? 
# 
_exptl.entry_id          3KQI 
_exptl.method            'X-RAY DIFFRACTION' 
_exptl.crystals_number   1 
# 
_exptl_crystal.id                    1 
_exptl_crystal.density_meas          ? 
_exptl_crystal.density_Matthews      3.17 
_exptl_crystal.density_percent_sol   61.20 
_exptl_crystal.description           ? 
_exptl_crystal.F_000                 ? 
_exptl_crystal.preparation           ? 
# 
_exptl_crystal_grow.crystal_id      1 
_exptl_crystal_grow.method          'VAPOR DIFFUSION, HANGING DROP' 
_exptl_crystal_grow.temp            298 
_exptl_crystal_grow.temp_details    ? 
_exptl_crystal_grow.pH              6.0 
_exptl_crystal_grow.pdbx_details    '2.0 M ammonium sulfate, pH 6.0, VAPOR DIFFUSION, HANGING DROP, temperature 298K' 
_exptl_crystal_grow.pdbx_pH_range   ? 
# 
_diffrn.id                     1 
_diffrn.ambient_temp           200 
_diffrn.ambient_temp_details   ? 
_diffrn.crystal_id             1 
# 
_diffrn_detector.diffrn_id              1 
_diffrn_detector.detector               CCD 
_diffrn_detector.type                   'MARMOSAIC 300 mm CCD' 
_diffrn_detector.pdbx_collection_date   2009-07-31 
_diffrn_detector.details                ? 
# 
_diffrn_radiation.diffrn_id                        1 
_diffrn_radiation.wavelength_id                    1 
_diffrn_radiation.pdbx_monochromatic_or_laue_m_l   M 
_diffrn_radiation.monochromator                    ? 
_diffrn_radiation.pdbx_diffrn_protocol             'SINGLE WAVELENGTH' 
_diffrn_radiation.pdbx_scattering_type             x-ray 
# 
_diffrn_radiation_wavelength.id           1 
_diffrn_radiation_wavelength.wavelength   1.0 
_diffrn_radiation_wavelength.wt           1.0 
# 
_diffrn_source.diffrn_id                   1 
_diffrn_source.source                      SYNCHROTRON 
_diffrn_source.type                        'APS BEAMLINE 22-ID' 
_diffrn_source.pdbx_synchrotron_site       APS 
_diffrn_source.pdbx_synchrotron_beamline   22-ID 
_diffrn_source.pdbx_wavelength             ? 
_diffrn_source.pdbx_wavelength_list        1.0 
# 
_reflns.entry_id                     3KQI 
_reflns.observed_criterion_sigma_I   2.0 
_reflns.observed_criterion_sigma_F   2.0 
_reflns.d_resolution_low             50 
_reflns.d_resolution_high            1.78 
_reflns.number_obs                   11858 
_reflns.number_all                   11858 
_reflns.percent_possible_obs         89.0 
_reflns.pdbx_Rmerge_I_obs            0.07 
_reflns.pdbx_Rsym_value              ? 
_reflns.pdbx_netI_over_sigmaI        0.3896 
_reflns.B_iso_Wilson_estimate        31 
_reflns.pdbx_redundancy              9.0 
_reflns.R_free_details               ? 
_reflns.limit_h_max                  ? 
_reflns.limit_h_min                  ? 
_reflns.limit_k_max                  ? 
_reflns.limit_k_min                  ? 
_reflns.limit_l_max                  ? 
_reflns.limit_l_min                  ? 
_reflns.observed_criterion_F_max     ? 
_reflns.observed_criterion_F_min     ? 
_reflns.pdbx_chi_squared             ? 
_reflns.pdbx_scaling_rejects         ? 
_reflns.pdbx_ordinal                 1 
_reflns.pdbx_diffrn_id               1 
# 
_reflns_shell.d_res_high             1.78 
_reflns_shell.d_res_low              1.84 
_reflns_shell.percent_possible_all   62.9 
_reflns_shell.Rmerge_I_obs           0.381 
_reflns_shell.pdbx_Rsym_value        0.381 
_reflns_shell.meanI_over_sigI_obs    3.83 
_reflns_shell.pdbx_redundancy        4.8 
_reflns_shell.percent_possible_obs   ? 
_reflns_shell.number_unique_all      927 
_reflns_shell.number_measured_all    ? 
_reflns_shell.number_measured_obs    ? 
_reflns_shell.number_unique_obs      ? 
_reflns_shell.pdbx_chi_squared       ? 
_reflns_shell.pdbx_ordinal           1 
_reflns_shell.pdbx_diffrn_id         1 
# 
_refine.entry_id                                 3KQI 
_refine.ls_number_reflns_obs                     11858 
_refine.ls_number_reflns_all                     ? 
_refine.pdbx_ls_sigma_I                          ? 
_refine.pdbx_ls_sigma_F                          . 
_refine.pdbx_data_cutoff_high_absF               ? 
_refine.pdbx_data_cutoff_low_absF                ? 
_refine.pdbx_data_cutoff_high_rms_absF           ? 
_refine.ls_d_res_low                             7.99 
_refine.ls_d_res_high                            1.78 
_refine.ls_percent_reflns_obs                    98.48 
_refine.ls_R_factor_obs                          0.19090 
_refine.ls_R_factor_all                          ? 
_refine.ls_R_factor_R_work                       0.18953 
_refine.ls_R_factor_R_free                       0.21801 
_refine.ls_R_factor_R_free_error                 ? 
_refine.ls_R_factor_R_free_error_details         ? 
_refine.ls_percent_reflns_R_free                 4.9 
_refine.ls_number_reflns_R_free                  617 
_refine.ls_number_parameters                     ? 
_refine.ls_number_restraints                     ? 
_refine.occupancy_min                            ? 
_refine.occupancy_max                            ? 
_refine.correlation_coeff_Fo_to_Fc               0.955 
_refine.correlation_coeff_Fo_to_Fc_free          0.943 
_refine.B_iso_mean                               30.438 
_refine.aniso_B[1][1]                            -0.04 
_refine.aniso_B[2][2]                            -0.04 
_refine.aniso_B[3][3]                            0.05 
_refine.aniso_B[1][2]                            -0.02 
_refine.aniso_B[1][3]                            0.00 
_refine.aniso_B[2][3]                            0.00 
_refine.solvent_model_details                    MASK 
_refine.solvent_model_param_ksol                 ? 
_refine.solvent_model_param_bsol                 ? 
_refine.pdbx_solvent_vdw_probe_radii             1.20 
_refine.pdbx_solvent_ion_probe_radii             0.80 
_refine.pdbx_solvent_shrinkage_radii             0.80 
_refine.pdbx_ls_cross_valid_method               THROUGHOUT 
_refine.details                                  'HYDROGENS HAVE BEEN ADDED IN THE RIDING POSITIONS' 
_refine.pdbx_starting_model                      ? 
_refine.pdbx_method_to_determine_struct          SAD 
_refine.pdbx_isotropic_thermal_model             ? 
_refine.pdbx_stereochemistry_target_values       'MAXIMUM LIKELIHOOD' 
_refine.pdbx_stereochem_target_val_spec_case     ? 
_refine.pdbx_R_Free_selection_details            RANDOM 
_refine.pdbx_overall_ESU_R                       0.101 
_refine.pdbx_overall_ESU_R_Free                  0.100 
_refine.overall_SU_ML                            0.059 
_refine.overall_SU_B                             3.070 
_refine.ls_redundancy_reflns_obs                 ? 
_refine.B_iso_min                                ? 
_refine.B_iso_max                                ? 
_refine.overall_SU_R_Cruickshank_DPI             ? 
_refine.overall_SU_R_free                        ? 
_refine.ls_wR_factor_R_free                      ? 
_refine.ls_wR_factor_R_work                      ? 
_refine.overall_FOM_free_R_set                   ? 
_refine.overall_FOM_work_R_set                   ? 
_refine.pdbx_overall_phase_error                 ? 
_refine.pdbx_refine_id                           'X-RAY DIFFRACTION' 
_refine.pdbx_TLS_residual_ADP_flag               'LIKELY RESIDUAL' 
_refine.pdbx_diffrn_id                           1 
_refine.pdbx_overall_SU_R_free_Cruickshank_DPI   ? 
_refine.pdbx_overall_SU_R_Blow_DPI               ? 
_refine.pdbx_overall_SU_R_free_Blow_DPI          ? 
# 
_refine_hist.pdbx_refine_id                   'X-RAY DIFFRACTION' 
_refine_hist.cycle_id                         LAST 
_refine_hist.pdbx_number_atoms_protein        618 
_refine_hist.pdbx_number_atoms_nucleic_acid   0 
_refine_hist.pdbx_number_atoms_ligand         11 
_refine_hist.number_atoms_solvent             125 
_refine_hist.number_atoms_total               754 
_refine_hist.d_res_high                       1.78 
_refine_hist.d_res_low                        7.99 
# 
loop_
_refine_ls_restr.type 
_refine_ls_restr.dev_ideal 
_refine_ls_restr.dev_ideal_target 
_refine_ls_restr.weight 
_refine_ls_restr.number 
_refine_ls_restr.pdbx_refine_id 
_refine_ls_restr.pdbx_restraint_function 
r_bond_refined_d             0.009  0.021  ? 643 'X-RAY DIFFRACTION' ? 
r_bond_other_d               ?      ?      ? ?   'X-RAY DIFFRACTION' ? 
r_angle_refined_deg          1.170  1.951  ? 870 'X-RAY DIFFRACTION' ? 
r_angle_other_deg            ?      ?      ? ?   'X-RAY DIFFRACTION' ? 
r_dihedral_angle_1_deg       5.224  5.000  ? 77  'X-RAY DIFFRACTION' ? 
r_dihedral_angle_2_deg       34.997 23.214 ? 28  'X-RAY DIFFRACTION' ? 
r_dihedral_angle_3_deg       11.329 15.000 ? 107 'X-RAY DIFFRACTION' ? 
r_dihedral_angle_4_deg       16.791 15.000 ? 4   'X-RAY DIFFRACTION' ? 
r_chiral_restr               0.080  0.200  ? 94  'X-RAY DIFFRACTION' ? 
r_gen_planes_refined         0.005  0.020  ? 474 'X-RAY DIFFRACTION' ? 
r_gen_planes_other           ?      ?      ? ?   'X-RAY DIFFRACTION' ? 
r_nbd_refined                0.199  0.200  ? 277 'X-RAY DIFFRACTION' ? 
r_nbd_other                  ?      ?      ? ?   'X-RAY DIFFRACTION' ? 
r_nbtor_refined              0.300  0.200  ? 433 'X-RAY DIFFRACTION' ? 
r_nbtor_other                ?      ?      ? ?   'X-RAY DIFFRACTION' ? 
r_xyhbond_nbd_refined        0.150  0.200  ? 86  'X-RAY DIFFRACTION' ? 
r_xyhbond_nbd_other          ?      ?      ? ?   'X-RAY DIFFRACTION' ? 
r_metal_ion_refined          ?      ?      ? ?   'X-RAY DIFFRACTION' ? 
r_metal_ion_other            ?      ?      ? ?   'X-RAY DIFFRACTION' ? 
r_symmetry_vdw_refined       0.199  0.200  ? 26  'X-RAY DIFFRACTION' ? 
r_symmetry_vdw_other         ?      ?      ? ?   'X-RAY DIFFRACTION' ? 
r_symmetry_hbond_refined     0.120  0.200  ? 16  'X-RAY DIFFRACTION' ? 
r_symmetry_hbond_other       ?      ?      ? ?   'X-RAY DIFFRACTION' ? 
r_symmetry_metal_ion_refined ?      ?      ? ?   'X-RAY DIFFRACTION' ? 
r_symmetry_metal_ion_other   ?      ?      ? ?   'X-RAY DIFFRACTION' ? 
r_mcbond_it                  0.605  1.500  ? 395 'X-RAY DIFFRACTION' ? 
r_mcbond_other               ?      ?      ? ?   'X-RAY DIFFRACTION' ? 
r_mcangle_it                 1.060  2.000  ? 629 'X-RAY DIFFRACTION' ? 
r_scbond_it                  1.625  3.000  ? 283 'X-RAY DIFFRACTION' ? 
r_scangle_it                 2.691  4.500  ? 240 'X-RAY DIFFRACTION' ? 
r_rigid_bond_restr           ?      ?      ? ?   'X-RAY DIFFRACTION' ? 
r_sphericity_free            ?      ?      ? ?   'X-RAY DIFFRACTION' ? 
r_sphericity_bonded          ?      ?      ? ?   'X-RAY DIFFRACTION' ? 
# 
_refine_ls_shell.pdbx_total_number_of_bins_used   20 
_refine_ls_shell.d_res_high                       1.780 
_refine_ls_shell.d_res_low                        1.824 
_refine_ls_shell.number_reflns_R_work             732 
_refine_ls_shell.R_factor_R_work                  0.224 
_refine_ls_shell.percent_reflns_obs               86.89 
_refine_ls_shell.R_factor_R_free                  0.314 
_refine_ls_shell.R_factor_R_free_error            ? 
_refine_ls_shell.percent_reflns_R_free            ? 
_refine_ls_shell.number_reflns_R_free             37 
_refine_ls_shell.number_reflns_all                ? 
_refine_ls_shell.R_factor_all                     ? 
_refine_ls_shell.number_reflns_obs                ? 
_refine_ls_shell.redundancy_reflns_obs            ? 
_refine_ls_shell.pdbx_refine_id                   'X-RAY DIFFRACTION' 
# 
_struct.entry_id                  3KQI 
_struct.title                     'crystal structure of PHF2 PHD domain complexed with H3K4Me3 peptide' 
_struct.pdbx_model_details        ? 
_struct.pdbx_CASP_flag            ? 
_struct.pdbx_model_type_details   ? 
# 
_struct_keywords.entry_id        3KQI 
_struct_keywords.pdbx_keywords   'NUCLEAR PROTEIN' 
_struct_keywords.text            'PHD finger, Metal-binding, Zinc-finger, Histone-binding, NUCLEAR PROTEIN' 
# 
loop_
_struct_asym.id 
_struct_asym.pdbx_blank_PDB_chainid_flag 
_struct_asym.pdbx_modified 
_struct_asym.entity_id 
_struct_asym.details 
A N N 1 ? 
B N N 2 ? 
C N N 3 ? 
D N N 3 ? 
E N N 4 ? 
F N N 5 ? 
G N N 6 ? 
H N N 6 ? 
I N N 7 ? 
J N N 7 ? 
# 
loop_
_struct_ref.id 
_struct_ref.db_name 
_struct_ref.db_code 
_struct_ref.pdbx_db_accession 
_struct_ref.entity_id 
_struct_ref.pdbx_seq_one_letter_code 
_struct_ref.pdbx_align_begin 
_struct_ref.pdbx_db_isoform 
1 UNP PHF2_HUMAN O75151 1 MATVPVYCVCRLPYDVTRFMIECDACKDWFHGSCVGVEEEEAPDIDIYHCPNCEKTHGKSTLKKKRTWHK 1 ? 
2 UNP H31_HUMAN  P68431 2 ARTKQTARKSTG                                                           1 ? 
# 
loop_
_struct_ref_seq.align_id 
_struct_ref_seq.ref_id 
_struct_ref_seq.pdbx_PDB_id_code 
_struct_ref_seq.pdbx_strand_id 
_struct_ref_seq.seq_align_beg 
_struct_ref_seq.pdbx_seq_align_beg_ins_code 
_struct_ref_seq.seq_align_end 
_struct_ref_seq.pdbx_seq_align_end_ins_code 
_struct_ref_seq.pdbx_db_accession 
_struct_ref_seq.db_align_beg 
_struct_ref_seq.pdbx_db_align_beg_ins_code 
_struct_ref_seq.db_align_end 
_struct_ref_seq.pdbx_db_align_end_ins_code 
_struct_ref_seq.pdbx_auth_seq_align_beg 
_struct_ref_seq.pdbx_auth_seq_align_end 
1 1 3KQI A 6 ? 75 ? O75151 1 ? 70 ? 1 70 
2 2 3KQI B 1 ? 12 ? P68431 1 ? 12 ? 1 12 
# 
loop_
_struct_ref_seq_dif.align_id 
_struct_ref_seq_dif.pdbx_pdb_id_code 
_struct_ref_seq_dif.mon_id 
_struct_ref_seq_dif.pdbx_pdb_strand_id 
_struct_ref_seq_dif.seq_num 
_struct_ref_seq_dif.pdbx_pdb_ins_code 
_struct_ref_seq_dif.pdbx_seq_db_name 
_struct_ref_seq_dif.pdbx_seq_db_accession_code 
_struct_ref_seq_dif.db_mon_id 
_struct_ref_seq_dif.pdbx_seq_db_seq_num 
_struct_ref_seq_dif.details 
_struct_ref_seq_dif.pdbx_auth_seq_num 
_struct_ref_seq_dif.pdbx_ordinal 
1 3KQI GLY A 1 ? UNP O75151 ? ? 'expression tag' -4 1 
1 3KQI PRO A 2 ? UNP O75151 ? ? 'expression tag' -3 2 
1 3KQI LEU A 3 ? UNP O75151 ? ? 'expression tag' -2 3 
1 3KQI GLY A 4 ? UNP O75151 ? ? 'expression tag' -1 4 
1 3KQI SER A 5 ? UNP O75151 ? ? 'expression tag' 0  5 
# 
loop_
_pdbx_struct_assembly.id 
_pdbx_struct_assembly.details 
_pdbx_struct_assembly.method_details 
_pdbx_struct_assembly.oligomeric_details 
_pdbx_struct_assembly.oligomeric_count 
1 author_and_software_defined_assembly PISA dimeric    2 
2 software_defined_assembly            PISA tetrameric 4 
# 
loop_
_pdbx_struct_assembly_prop.biol_id 
_pdbx_struct_assembly_prop.type 
_pdbx_struct_assembly_prop.value 
_pdbx_struct_assembly_prop.details 
1 'ABSA (A^2)' 1540  ? 
1 MORE         -30   ? 
1 'SSA (A^2)'  5810  ? 
2 'ABSA (A^2)' 4390  ? 
2 MORE         -76   ? 
2 'SSA (A^2)'  10500 ? 
# 
loop_
_pdbx_struct_assembly_gen.assembly_id 
_pdbx_struct_assembly_gen.oper_expression 
_pdbx_struct_assembly_gen.asym_id_list 
1 1   A,B,C,D,E,F,G,H,I,J 
2 1,2 A,B,C,D,E,F,G,H,I,J 
# 
loop_
_pdbx_struct_oper_list.id 
_pdbx_struct_oper_list.type 
_pdbx_struct_oper_list.name 
_pdbx_struct_oper_list.symmetry_operation 
_pdbx_struct_oper_list.matrix[1][1] 
_pdbx_struct_oper_list.matrix[1][2] 
_pdbx_struct_oper_list.matrix[1][3] 
_pdbx_struct_oper_list.vector[1] 
_pdbx_struct_oper_list.matrix[2][1] 
_pdbx_struct_oper_list.matrix[2][2] 
_pdbx_struct_oper_list.matrix[2][3] 
_pdbx_struct_oper_list.vector[2] 
_pdbx_struct_oper_list.matrix[3][1] 
_pdbx_struct_oper_list.matrix[3][2] 
_pdbx_struct_oper_list.matrix[3][3] 
_pdbx_struct_oper_list.vector[3] 
1 'identity operation'         1_555  x,y,z          1.0000000000  0.0000000000 0.0000000000 0.0000000000   0.0000000000 1.0000000000  0.0000000000 0.0000000000  0.0000000000 0.0000000000 1.0000000000 0.0000000000   
2 'crystal symmetry operation' 12_564 x,x-y+1,-z-1/6 -0.9778780447 0.1396444848 0.1557429346 -15.0339791729 0.1396374605 -0.1185407923 0.9830752997 17.6819358186 0.1557369431 0.9830869310 0.0964188370 -13.7187847827 
# 
loop_
_struct_conf.conf_type_id 
_struct_conf.id 
_struct_conf.pdbx_PDB_helix_id 
_struct_conf.beg_label_comp_id 
_struct_conf.beg_label_asym_id 
_struct_conf.beg_label_seq_id 
_struct_conf.pdbx_beg_PDB_ins_code 
_struct_conf.end_label_comp_id 
_struct_conf.end_label_asym_id 
_struct_conf.end_label_seq_id 
_struct_conf.pdbx_end_PDB_ins_code 
_struct_conf.beg_auth_comp_id 
_struct_conf.beg_auth_asym_id 
_struct_conf.beg_auth_seq_id 
_struct_conf.end_auth_comp_id 
_struct_conf.end_auth_asym_id 
_struct_conf.end_auth_seq_id 
_struct_conf.pdbx_PDB_helix_class 
_struct_conf.details 
_struct_conf.pdbx_PDB_helix_length 
HELX_P HELX_P1 1 GLY A 37 ? GLY A 41 ? GLY A 32 GLY A 36 1 ? 5 
HELX_P HELX_P2 2 GLU A 46 ? ILE A 50 ? GLU A 41 ILE A 45 5 ? 5 
HELX_P HELX_P3 3 CYS A 55 ? GLY A 63 ? CYS A 50 GLY A 58 1 ? 9 
# 
_struct_conf_type.id          HELX_P 
_struct_conf_type.criteria    ? 
_struct_conf_type.reference   ? 
# 
loop_
_struct_conn.id 
_struct_conn.conn_type_id 
_struct_conn.pdbx_leaving_atom_flag 
_struct_conn.pdbx_PDB_id 
_struct_conn.ptnr1_label_asym_id 
_struct_conn.ptnr1_label_comp_id 
_struct_conn.ptnr1_label_seq_id 
_struct_conn.ptnr1_label_atom_id 
_struct_conn.pdbx_ptnr1_label_alt_id 
_struct_conn.pdbx_ptnr1_PDB_ins_code 
_struct_conn.pdbx_ptnr1_standard_comp_id 
_struct_conn.ptnr1_symmetry 
_struct_conn.ptnr2_label_asym_id 
_struct_conn.ptnr2_label_comp_id 
_struct_conn.ptnr2_label_seq_id 
_struct_conn.ptnr2_label_atom_id 
_struct_conn.pdbx_ptnr2_label_alt_id 
_struct_conn.pdbx_ptnr2_PDB_ins_code 
_struct_conn.ptnr1_auth_asym_id 
_struct_conn.ptnr1_auth_comp_id 
_struct_conn.ptnr1_auth_seq_id 
_struct_conn.ptnr2_auth_asym_id 
_struct_conn.ptnr2_auth_comp_id 
_struct_conn.ptnr2_auth_seq_id 
_struct_conn.ptnr2_symmetry 
_struct_conn.pdbx_ptnr3_label_atom_id 
_struct_conn.pdbx_ptnr3_label_seq_id 
_struct_conn.pdbx_ptnr3_label_comp_id 
_struct_conn.pdbx_ptnr3_label_asym_id 
_struct_conn.pdbx_ptnr3_label_alt_id 
_struct_conn.pdbx_ptnr3_PDB_ins_code 
_struct_conn.details 
_struct_conn.pdbx_dist_value 
_struct_conn.pdbx_value_order 
_struct_conn.pdbx_role 
covale1 covale both ? B THR 3  C   ? ? ? 1_555 B M3L 4 N  ? ? B THR 3  B M3L 4  1_555 ? ? ? ? ? ? ? 1.332 ? ? 
covale2 covale both ? B M3L 4  C   ? ? ? 1_555 B GLN 5 N  ? ? B M3L 4  B GLN 5  1_555 ? ? ? ? ? ? ? 1.332 ? ? 
metalc1 metalc ?    ? A CYS 13 SG  ? ? ? 1_555 D ZN  . ZN ? ? A CYS 8  A ZN  72 1_555 ? ? ? ? ? ? ? 2.343 ? ? 
metalc2 metalc ?    ? A CYS 15 SG  ? ? ? 1_555 D ZN  . ZN ? ? A CYS 10 A ZN  72 1_555 ? ? ? ? ? ? ? 2.314 ? ? 
metalc3 metalc ?    ? A CYS 28 SG  ? ? ? 1_555 C ZN  . ZN ? ? A CYS 23 A ZN  71 1_555 ? ? ? ? ? ? ? 2.367 ? ? 
metalc4 metalc ?    ? A CYS 31 SG  ? ? ? 1_555 C ZN  . ZN ? ? A CYS 26 A ZN  71 1_555 ? ? ? ? ? ? ? 2.345 ? ? 
metalc5 metalc ?    ? A HIS 36 ND1 ? ? ? 1_555 D ZN  . ZN ? ? A HIS 31 A ZN  72 1_555 ? ? ? ? ? ? ? 2.164 ? ? 
metalc6 metalc ?    ? A CYS 39 SG  ? ? ? 1_555 D ZN  . ZN ? ? A CYS 34 A ZN  72 1_555 ? ? ? ? ? ? ? 2.311 ? ? 
metalc7 metalc ?    ? A CYS 55 SG  ? ? ? 1_555 C ZN  . ZN ? ? A CYS 50 A ZN  71 1_555 ? ? ? ? ? ? ? 2.295 ? ? 
metalc8 metalc ?    ? A CYS 58 SG  ? ? ? 1_555 C ZN  . ZN ? ? A CYS 53 A ZN  71 1_555 ? ? ? ? ? ? ? 2.356 ? ? 
# 
loop_
_struct_conn_type.id 
_struct_conn_type.criteria 
_struct_conn_type.reference 
covale ? ? 
metalc ? ? 
# 
loop_
_pdbx_struct_conn_angle.id 
_pdbx_struct_conn_angle.ptnr1_label_atom_id 
_pdbx_struct_conn_angle.ptnr1_label_alt_id 
_pdbx_struct_conn_angle.ptnr1_label_asym_id 
_pdbx_struct_conn_angle.ptnr1_label_comp_id 
_pdbx_struct_conn_angle.ptnr1_label_seq_id 
_pdbx_struct_conn_angle.ptnr1_auth_atom_id 
_pdbx_struct_conn_angle.ptnr1_auth_asym_id 
_pdbx_struct_conn_angle.ptnr1_auth_comp_id 
_pdbx_struct_conn_angle.ptnr1_auth_seq_id 
_pdbx_struct_conn_angle.ptnr1_PDB_ins_code 
_pdbx_struct_conn_angle.ptnr1_symmetry 
_pdbx_struct_conn_angle.ptnr2_label_atom_id 
_pdbx_struct_conn_angle.ptnr2_label_alt_id 
_pdbx_struct_conn_angle.ptnr2_label_asym_id 
_pdbx_struct_conn_angle.ptnr2_label_comp_id 
_pdbx_struct_conn_angle.ptnr2_label_seq_id 
_pdbx_struct_conn_angle.ptnr2_auth_atom_id 
_pdbx_struct_conn_angle.ptnr2_auth_asym_id 
_pdbx_struct_conn_angle.ptnr2_auth_comp_id 
_pdbx_struct_conn_angle.ptnr2_auth_seq_id 
_pdbx_struct_conn_angle.ptnr2_PDB_ins_code 
_pdbx_struct_conn_angle.ptnr2_symmetry 
_pdbx_struct_conn_angle.ptnr3_label_atom_id 
_pdbx_struct_conn_angle.ptnr3_label_alt_id 
_pdbx_struct_conn_angle.ptnr3_label_asym_id 
_pdbx_struct_conn_angle.ptnr3_label_comp_id 
_pdbx_struct_conn_angle.ptnr3_label_seq_id 
_pdbx_struct_conn_angle.ptnr3_auth_atom_id 
_pdbx_struct_conn_angle.ptnr3_auth_asym_id 
_pdbx_struct_conn_angle.ptnr3_auth_comp_id 
_pdbx_struct_conn_angle.ptnr3_auth_seq_id 
_pdbx_struct_conn_angle.ptnr3_PDB_ins_code 
_pdbx_struct_conn_angle.ptnr3_symmetry 
_pdbx_struct_conn_angle.value 
_pdbx_struct_conn_angle.value_esd 
1  SG  ? A CYS 13 ? A CYS 8  ? 1_555 ZN ? D ZN . ? A ZN 72 ? 1_555 SG  ? A CYS 15 ? A CYS 10 ? 1_555 112.2 ? 
2  SG  ? A CYS 13 ? A CYS 8  ? 1_555 ZN ? D ZN . ? A ZN 72 ? 1_555 ND1 ? A HIS 36 ? A HIS 31 ? 1_555 105.4 ? 
3  SG  ? A CYS 15 ? A CYS 10 ? 1_555 ZN ? D ZN . ? A ZN 72 ? 1_555 ND1 ? A HIS 36 ? A HIS 31 ? 1_555 97.5  ? 
4  SG  ? A CYS 13 ? A CYS 8  ? 1_555 ZN ? D ZN . ? A ZN 72 ? 1_555 SG  ? A CYS 39 ? A CYS 34 ? 1_555 109.0 ? 
5  SG  ? A CYS 15 ? A CYS 10 ? 1_555 ZN ? D ZN . ? A ZN 72 ? 1_555 SG  ? A CYS 39 ? A CYS 34 ? 1_555 119.5 ? 
6  ND1 ? A HIS 36 ? A HIS 31 ? 1_555 ZN ? D ZN . ? A ZN 72 ? 1_555 SG  ? A CYS 39 ? A CYS 34 ? 1_555 112.1 ? 
7  SG  ? A CYS 28 ? A CYS 23 ? 1_555 ZN ? C ZN . ? A ZN 71 ? 1_555 SG  ? A CYS 31 ? A CYS 26 ? 1_555 105.8 ? 
8  SG  ? A CYS 28 ? A CYS 23 ? 1_555 ZN ? C ZN . ? A ZN 71 ? 1_555 SG  ? A CYS 55 ? A CYS 50 ? 1_555 112.7 ? 
9  SG  ? A CYS 31 ? A CYS 26 ? 1_555 ZN ? C ZN . ? A ZN 71 ? 1_555 SG  ? A CYS 55 ? A CYS 50 ? 1_555 118.3 ? 
10 SG  ? A CYS 28 ? A CYS 23 ? 1_555 ZN ? C ZN . ? A ZN 71 ? 1_555 SG  ? A CYS 58 ? A CYS 53 ? 1_555 106.9 ? 
11 SG  ? A CYS 31 ? A CYS 26 ? 1_555 ZN ? C ZN . ? A ZN 71 ? 1_555 SG  ? A CYS 58 ? A CYS 53 ? 1_555 109.3 ? 
12 SG  ? A CYS 55 ? A CYS 50 ? 1_555 ZN ? C ZN . ? A ZN 71 ? 1_555 SG  ? A CYS 58 ? A CYS 53 ? 1_555 103.3 ? 
# 
_pdbx_modification_feature.ordinal                            1 
_pdbx_modification_feature.label_comp_id                      M3L 
_pdbx_modification_feature.label_asym_id                      B 
_pdbx_modification_feature.label_seq_id                       4 
_pdbx_modification_feature.label_alt_id                       ? 
_pdbx_modification_feature.modified_residue_label_comp_id     . 
_pdbx_modification_feature.modified_residue_label_asym_id     . 
_pdbx_modification_feature.modified_residue_label_seq_id      . 
_pdbx_modification_feature.modified_residue_label_alt_id      . 
_pdbx_modification_feature.auth_comp_id                       M3L 
_pdbx_modification_feature.auth_asym_id                       B 
_pdbx_modification_feature.auth_seq_id                        4 
_pdbx_modification_feature.PDB_ins_code                       ? 
_pdbx_modification_feature.symmetry                           1_555 
_pdbx_modification_feature.modified_residue_auth_comp_id      . 
_pdbx_modification_feature.modified_residue_auth_asym_id      . 
_pdbx_modification_feature.modified_residue_auth_seq_id       . 
_pdbx_modification_feature.modified_residue_PDB_ins_code      . 
_pdbx_modification_feature.modified_residue_symmetry          . 
_pdbx_modification_feature.comp_id_linking_atom               . 
_pdbx_modification_feature.modified_residue_id_linking_atom   . 
_pdbx_modification_feature.modified_residue_id                LYS 
_pdbx_modification_feature.ref_pcm_id                         1 
_pdbx_modification_feature.ref_comp_id                        M3L 
_pdbx_modification_feature.type                               Methylation 
_pdbx_modification_feature.category                           'Named protein modification' 
# 
loop_
_struct_sheet.id 
_struct_sheet.type 
_struct_sheet.number_strands 
_struct_sheet.details 
A ? 2 ? 
B ? 3 ? 
# 
loop_
_struct_sheet_order.sheet_id 
_struct_sheet_order.range_id_1 
_struct_sheet_order.range_id_2 
_struct_sheet_order.offset 
_struct_sheet_order.sense 
A 1 2 ? anti-parallel 
B 1 2 ? anti-parallel 
B 2 3 ? anti-parallel 
# 
loop_
_struct_sheet_range.sheet_id 
_struct_sheet_range.id 
_struct_sheet_range.beg_label_comp_id 
_struct_sheet_range.beg_label_asym_id 
_struct_sheet_range.beg_label_seq_id 
_struct_sheet_range.pdbx_beg_PDB_ins_code 
_struct_sheet_range.end_label_comp_id 
_struct_sheet_range.end_label_asym_id 
_struct_sheet_range.end_label_seq_id 
_struct_sheet_range.pdbx_end_PDB_ins_code 
_struct_sheet_range.beg_auth_comp_id 
_struct_sheet_range.beg_auth_asym_id 
_struct_sheet_range.beg_auth_seq_id 
_struct_sheet_range.end_auth_comp_id 
_struct_sheet_range.end_auth_asym_id 
_struct_sheet_range.end_auth_seq_id 
A 1 VAL A 11 ? TYR A 12 ? VAL A 6  TYR A 7  
A 2 LEU A 17 ? PRO A 18 ? LEU A 12 PRO A 13 
B 1 TRP A 34 ? HIS A 36 ? TRP A 29 HIS A 31 
B 2 MET A 25 ? GLU A 27 ? MET A 20 GLU A 22 
B 3 THR B 3  ? M3L B 4  ? THR B 3  M3L B 4  
# 
loop_
_pdbx_struct_sheet_hbond.sheet_id 
_pdbx_struct_sheet_hbond.range_id_1 
_pdbx_struct_sheet_hbond.range_id_2 
_pdbx_struct_sheet_hbond.range_1_label_atom_id 
_pdbx_struct_sheet_hbond.range_1_label_comp_id 
_pdbx_struct_sheet_hbond.range_1_label_asym_id 
_pdbx_struct_sheet_hbond.range_1_label_seq_id 
_pdbx_struct_sheet_hbond.range_1_PDB_ins_code 
_pdbx_struct_sheet_hbond.range_1_auth_atom_id 
_pdbx_struct_sheet_hbond.range_1_auth_comp_id 
_pdbx_struct_sheet_hbond.range_1_auth_asym_id 
_pdbx_struct_sheet_hbond.range_1_auth_seq_id 
_pdbx_struct_sheet_hbond.range_2_label_atom_id 
_pdbx_struct_sheet_hbond.range_2_label_comp_id 
_pdbx_struct_sheet_hbond.range_2_label_asym_id 
_pdbx_struct_sheet_hbond.range_2_label_seq_id 
_pdbx_struct_sheet_hbond.range_2_PDB_ins_code 
_pdbx_struct_sheet_hbond.range_2_auth_atom_id 
_pdbx_struct_sheet_hbond.range_2_auth_comp_id 
_pdbx_struct_sheet_hbond.range_2_auth_asym_id 
_pdbx_struct_sheet_hbond.range_2_auth_seq_id 
A 1 2 N TYR A 12 ? N TYR A 7  O LEU A 17 ? O LEU A 12 
B 1 2 O PHE A 35 ? O PHE A 30 N ILE A 26 ? N ILE A 21 
B 2 3 N MET A 25 ? N MET A 20 O M3L B 4  ? O M3L B 4  
# 
loop_
_struct_site.id 
_struct_site.pdbx_evidence_code 
_struct_site.pdbx_auth_asym_id 
_struct_site.pdbx_auth_comp_id 
_struct_site.pdbx_auth_seq_id 
_struct_site.pdbx_auth_ins_code 
_struct_site.pdbx_num_residues 
_struct_site.details 
AC1 Software A ZN  71  ? 4 'BINDING SITE FOR RESIDUE ZN A 71'   
AC2 Software A ZN  72  ? 4 'BINDING SITE FOR RESIDUE ZN A 72'   
AC3 Software A GOL 968 ? 7 'BINDING SITE FOR RESIDUE GOL A 968' 
AC4 Software A CL  73  ? 3 'BINDING SITE FOR RESIDUE CL A 73'   
AC5 Software A MG  74  ? 1 'BINDING SITE FOR RESIDUE MG A 74'   
AC6 Software A MG  75  ? 1 'BINDING SITE FOR RESIDUE MG A 75'   
# 
loop_
_struct_site_gen.id 
_struct_site_gen.site_id 
_struct_site_gen.pdbx_num_res 
_struct_site_gen.label_comp_id 
_struct_site_gen.label_asym_id 
_struct_site_gen.label_seq_id 
_struct_site_gen.pdbx_auth_ins_code 
_struct_site_gen.auth_comp_id 
_struct_site_gen.auth_asym_id 
_struct_site_gen.auth_seq_id 
_struct_site_gen.label_atom_id 
_struct_site_gen.label_alt_id 
_struct_site_gen.symmetry 
_struct_site_gen.details 
1  AC1 4 CYS A 28 ? CYS A 23  . ? 1_555  ? 
2  AC1 4 CYS A 31 ? CYS A 26  . ? 1_555  ? 
3  AC1 4 CYS A 55 ? CYS A 50  . ? 1_555  ? 
4  AC1 4 CYS A 58 ? CYS A 53  . ? 1_555  ? 
5  AC2 4 CYS A 13 ? CYS A 8   . ? 1_555  ? 
6  AC2 4 CYS A 15 ? CYS A 10  . ? 1_555  ? 
7  AC2 4 HIS A 36 ? HIS A 31  . ? 1_555  ? 
8  AC2 4 CYS A 39 ? CYS A 34  . ? 1_555  ? 
9  AC3 7 CYS A 58 ? CYS A 53  . ? 1_555  ? 
10 AC3 7 THR A 61 ? THR A 56  . ? 1_555  ? 
11 AC3 7 HIS A 62 ? HIS A 57  . ? 1_555  ? 
12 AC3 7 HIS A 62 ? HIS A 57  . ? 10_665 ? 
13 AC3 7 HOH I .  ? HOH A 83  . ? 1_555  ? 
14 AC3 7 HOH I .  ? HOH A 154 . ? 10_665 ? 
15 AC3 7 HOH I .  ? HOH A 154 . ? 1_555  ? 
16 AC4 3 LYS A 69 ? LYS A 64  . ? 1_555  ? 
17 AC4 3 HOH I .  ? HOH A 158 . ? 1_555  ? 
18 AC4 3 HOH I .  ? HOH A 167 . ? 1_555  ? 
19 AC5 1 THR A 72 ? THR A 67  . ? 1_555  ? 
20 AC6 1 SER A 38 ? SER A 33  . ? 1_555  ? 
# 
_pdbx_entry_details.entry_id                   3KQI 
_pdbx_entry_details.compound_details           ? 
_pdbx_entry_details.source_details             ? 
_pdbx_entry_details.nonpolymer_details         ? 
_pdbx_entry_details.sequence_details           ? 
_pdbx_entry_details.has_ligand_of_interest     ? 
_pdbx_entry_details.has_protein_modification   Y 
# 
_pdbx_validate_close_contact.id               1 
_pdbx_validate_close_contact.PDB_model_num    1 
_pdbx_validate_close_contact.auth_atom_id_1   O 
_pdbx_validate_close_contact.auth_asym_id_1   A 
_pdbx_validate_close_contact.auth_comp_id_1   TRP 
_pdbx_validate_close_contact.auth_seq_id_1    68 
_pdbx_validate_close_contact.PDB_ins_code_1   ? 
_pdbx_validate_close_contact.label_alt_id_1   ? 
_pdbx_validate_close_contact.auth_atom_id_2   O 
_pdbx_validate_close_contact.auth_asym_id_2   A 
_pdbx_validate_close_contact.auth_comp_id_2   HOH 
_pdbx_validate_close_contact.auth_seq_id_2    180 
_pdbx_validate_close_contact.PDB_ins_code_2   ? 
_pdbx_validate_close_contact.label_alt_id_2   ? 
_pdbx_validate_close_contact.dist             1.97 
# 
loop_
_pdbx_validate_torsion.id 
_pdbx_validate_torsion.PDB_model_num 
_pdbx_validate_torsion.auth_comp_id 
_pdbx_validate_torsion.auth_asym_id 
_pdbx_validate_torsion.auth_seq_id 
_pdbx_validate_torsion.PDB_ins_code 
_pdbx_validate_torsion.label_alt_id 
_pdbx_validate_torsion.phi 
_pdbx_validate_torsion.psi 
1 1 CYS A 8  ? ? 72.78  179.27 
2 1 ASP A 46 ? ? -85.32 -80.28 
# 
_pdbx_struct_mod_residue.id               1 
_pdbx_struct_mod_residue.label_asym_id    B 
_pdbx_struct_mod_residue.label_comp_id    M3L 
_pdbx_struct_mod_residue.label_seq_id     4 
_pdbx_struct_mod_residue.auth_asym_id     B 
_pdbx_struct_mod_residue.auth_comp_id     M3L 
_pdbx_struct_mod_residue.auth_seq_id      4 
_pdbx_struct_mod_residue.PDB_ins_code     ? 
_pdbx_struct_mod_residue.parent_comp_id   LYS 
_pdbx_struct_mod_residue.details          N-TRIMETHYLLYSINE 
# 
_pdbx_struct_special_symmetry.id              1 
_pdbx_struct_special_symmetry.PDB_model_num   1 
_pdbx_struct_special_symmetry.auth_asym_id    A 
_pdbx_struct_special_symmetry.auth_comp_id    HOH 
_pdbx_struct_special_symmetry.auth_seq_id     154 
_pdbx_struct_special_symmetry.PDB_ins_code    ? 
_pdbx_struct_special_symmetry.label_asym_id   I 
_pdbx_struct_special_symmetry.label_comp_id   HOH 
_pdbx_struct_special_symmetry.label_seq_id    . 
# 
loop_
_pdbx_refine_tls.pdbx_refine_id 
_pdbx_refine_tls.id 
_pdbx_refine_tls.details 
_pdbx_refine_tls.method 
_pdbx_refine_tls.origin_x 
_pdbx_refine_tls.origin_y 
_pdbx_refine_tls.origin_z 
_pdbx_refine_tls.T[1][1] 
_pdbx_refine_tls.T[2][2] 
_pdbx_refine_tls.T[3][3] 
_pdbx_refine_tls.T[1][2] 
_pdbx_refine_tls.T[1][3] 
_pdbx_refine_tls.T[2][3] 
_pdbx_refine_tls.L[1][1] 
_pdbx_refine_tls.L[2][2] 
_pdbx_refine_tls.L[3][3] 
_pdbx_refine_tls.L[1][2] 
_pdbx_refine_tls.L[1][3] 
_pdbx_refine_tls.L[2][3] 
_pdbx_refine_tls.S[1][1] 
_pdbx_refine_tls.S[1][2] 
_pdbx_refine_tls.S[1][3] 
_pdbx_refine_tls.S[2][1] 
_pdbx_refine_tls.S[2][2] 
_pdbx_refine_tls.S[2][3] 
_pdbx_refine_tls.S[3][1] 
_pdbx_refine_tls.S[3][2] 
_pdbx_refine_tls.S[3][3] 
'X-RAY DIFFRACTION' 1 ? refined 0.2965  -0.2603 0.7582 -0.0364 -0.0308 -0.0453 -0.0096 0.0164 0.0142 1.0719  0.8389 4.0448 -0.2546 1.0120 0.3697 0.0215  -0.0598 -0.1135 0.0209 0.0547  -0.0323 0.0535  -0.0785 -0.0763 
'X-RAY DIFFRACTION' 2 ? refined -3.0088 6.0711  1.6178 -0.0246 0.0001  -0.0662 0.0105  0.0333 0.0003 10.3810 7.9877 9.6749 -1.1578 9.5466 0.6473 -0.3089 -0.5130 0.4255  0.2824 -0.0294 0.1228  -0.4605 -0.3084 0.3383 
# 
loop_
_pdbx_refine_tls_group.pdbx_refine_id 
_pdbx_refine_tls_group.id 
_pdbx_refine_tls_group.refine_tls_id 
_pdbx_refine_tls_group.beg_auth_asym_id 
_pdbx_refine_tls_group.beg_auth_seq_id 
_pdbx_refine_tls_group.beg_label_asym_id 
_pdbx_refine_tls_group.beg_label_seq_id 
_pdbx_refine_tls_group.end_auth_asym_id 
_pdbx_refine_tls_group.end_auth_seq_id 
_pdbx_refine_tls_group.end_label_asym_id 
_pdbx_refine_tls_group.end_label_seq_id 
_pdbx_refine_tls_group.selection 
_pdbx_refine_tls_group.selection_details 
'X-RAY DIFFRACTION' 1 1 A -1 ? ? A 69 ? ? ? ? 
'X-RAY DIFFRACTION' 2 2 B 1  ? ? B 6  ? ? ? ? 
# 
loop_
_pdbx_distant_solvent_atoms.id 
_pdbx_distant_solvent_atoms.PDB_model_num 
_pdbx_distant_solvent_atoms.auth_atom_id 
_pdbx_distant_solvent_atoms.label_alt_id 
_pdbx_distant_solvent_atoms.auth_asym_id 
_pdbx_distant_solvent_atoms.auth_comp_id 
_pdbx_distant_solvent_atoms.auth_seq_id 
_pdbx_distant_solvent_atoms.PDB_ins_code 
_pdbx_distant_solvent_atoms.neighbor_macromolecule_distance 
_pdbx_distant_solvent_atoms.neighbor_ligand_distance 
1 1 O ? A HOH 148 ? 6.43 . 
2 1 O ? A HOH 149 ? 6.17 . 
3 1 O ? A HOH 176 ? 8.02 . 
4 1 O ? A HOH 177 ? 7.87 . 
# 
loop_
_pdbx_unobs_or_zero_occ_residues.id 
_pdbx_unobs_or_zero_occ_residues.PDB_model_num 
_pdbx_unobs_or_zero_occ_residues.polymer_flag 
_pdbx_unobs_or_zero_occ_residues.occupancy_flag 
_pdbx_unobs_or_zero_occ_residues.auth_asym_id 
_pdbx_unobs_or_zero_occ_residues.auth_comp_id 
_pdbx_unobs_or_zero_occ_residues.auth_seq_id 
_pdbx_unobs_or_zero_occ_residues.PDB_ins_code 
_pdbx_unobs_or_zero_occ_residues.label_asym_id 
_pdbx_unobs_or_zero_occ_residues.label_comp_id 
_pdbx_unobs_or_zero_occ_residues.label_seq_id 
1  1 Y 1 A GLY -4 ? A GLY 1  
2  1 Y 1 A PRO -3 ? A PRO 2  
3  1 Y 1 A LEU -2 ? A LEU 3  
4  1 Y 1 A LYS 70 ? A LYS 75 
5  1 Y 1 B ALA 7  ? B ALA 7  
6  1 Y 1 B ARG 8  ? B ARG 8  
7  1 Y 1 B LYS 9  ? B LYS 9  
8  1 Y 1 B SER 10 ? B SER 10 
9  1 Y 1 B THR 11 ? B THR 11 
10 1 Y 1 B GLY 12 ? B GLY 12 
# 
loop_
_chem_comp_atom.comp_id 
_chem_comp_atom.atom_id 
_chem_comp_atom.type_symbol 
_chem_comp_atom.pdbx_aromatic_flag 
_chem_comp_atom.pdbx_stereo_config 
_chem_comp_atom.pdbx_ordinal 
ALA N    N  N N 1   
ALA CA   C  N S 2   
ALA C    C  N N 3   
ALA O    O  N N 4   
ALA CB   C  N N 5   
ALA OXT  O  N N 6   
ALA H    H  N N 7   
ALA H2   H  N N 8   
ALA HA   H  N N 9   
ALA HB1  H  N N 10  
ALA HB2  H  N N 11  
ALA HB3  H  N N 12  
ALA HXT  H  N N 13  
ARG N    N  N N 14  
ARG CA   C  N S 15  
ARG C    C  N N 16  
ARG O    O  N N 17  
ARG CB   C  N N 18  
ARG CG   C  N N 19  
ARG CD   C  N N 20  
ARG NE   N  N N 21  
ARG CZ   C  N N 22  
ARG NH1  N  N N 23  
ARG NH2  N  N N 24  
ARG OXT  O  N N 25  
ARG H    H  N N 26  
ARG H2   H  N N 27  
ARG HA   H  N N 28  
ARG HB2  H  N N 29  
ARG HB3  H  N N 30  
ARG HG2  H  N N 31  
ARG HG3  H  N N 32  
ARG HD2  H  N N 33  
ARG HD3  H  N N 34  
ARG HE   H  N N 35  
ARG HH11 H  N N 36  
ARG HH12 H  N N 37  
ARG HH21 H  N N 38  
ARG HH22 H  N N 39  
ARG HXT  H  N N 40  
ASN N    N  N N 41  
ASN CA   C  N S 42  
ASN C    C  N N 43  
ASN O    O  N N 44  
ASN CB   C  N N 45  
ASN CG   C  N N 46  
ASN OD1  O  N N 47  
ASN ND2  N  N N 48  
ASN OXT  O  N N 49  
ASN H    H  N N 50  
ASN H2   H  N N 51  
ASN HA   H  N N 52  
ASN HB2  H  N N 53  
ASN HB3  H  N N 54  
ASN HD21 H  N N 55  
ASN HD22 H  N N 56  
ASN HXT  H  N N 57  
ASP N    N  N N 58  
ASP CA   C  N S 59  
ASP C    C  N N 60  
ASP O    O  N N 61  
ASP CB   C  N N 62  
ASP CG   C  N N 63  
ASP OD1  O  N N 64  
ASP OD2  O  N N 65  
ASP OXT  O  N N 66  
ASP H    H  N N 67  
ASP H2   H  N N 68  
ASP HA   H  N N 69  
ASP HB2  H  N N 70  
ASP HB3  H  N N 71  
ASP HD2  H  N N 72  
ASP HXT  H  N N 73  
CL  CL   CL N N 74  
CYS N    N  N N 75  
CYS CA   C  N R 76  
CYS C    C  N N 77  
CYS O    O  N N 78  
CYS CB   C  N N 79  
CYS SG   S  N N 80  
CYS OXT  O  N N 81  
CYS H    H  N N 82  
CYS H2   H  N N 83  
CYS HA   H  N N 84  
CYS HB2  H  N N 85  
CYS HB3  H  N N 86  
CYS HG   H  N N 87  
CYS HXT  H  N N 88  
GLN N    N  N N 89  
GLN CA   C  N S 90  
GLN C    C  N N 91  
GLN O    O  N N 92  
GLN CB   C  N N 93  
GLN CG   C  N N 94  
GLN CD   C  N N 95  
GLN OE1  O  N N 96  
GLN NE2  N  N N 97  
GLN OXT  O  N N 98  
GLN H    H  N N 99  
GLN H2   H  N N 100 
GLN HA   H  N N 101 
GLN HB2  H  N N 102 
GLN HB3  H  N N 103 
GLN HG2  H  N N 104 
GLN HG3  H  N N 105 
GLN HE21 H  N N 106 
GLN HE22 H  N N 107 
GLN HXT  H  N N 108 
GLU N    N  N N 109 
GLU CA   C  N S 110 
GLU C    C  N N 111 
GLU O    O  N N 112 
GLU CB   C  N N 113 
GLU CG   C  N N 114 
GLU CD   C  N N 115 
GLU OE1  O  N N 116 
GLU OE2  O  N N 117 
GLU OXT  O  N N 118 
GLU H    H  N N 119 
GLU H2   H  N N 120 
GLU HA   H  N N 121 
GLU HB2  H  N N 122 
GLU HB3  H  N N 123 
GLU HG2  H  N N 124 
GLU HG3  H  N N 125 
GLU HE2  H  N N 126 
GLU HXT  H  N N 127 
GLY N    N  N N 128 
GLY CA   C  N N 129 
GLY C    C  N N 130 
GLY O    O  N N 131 
GLY OXT  O  N N 132 
GLY H    H  N N 133 
GLY H2   H  N N 134 
GLY HA2  H  N N 135 
GLY HA3  H  N N 136 
GLY HXT  H  N N 137 
GOL C1   C  N N 138 
GOL O1   O  N N 139 
GOL C2   C  N N 140 
GOL O2   O  N N 141 
GOL C3   C  N N 142 
GOL O3   O  N N 143 
GOL H11  H  N N 144 
GOL H12  H  N N 145 
GOL HO1  H  N N 146 
GOL H2   H  N N 147 
GOL HO2  H  N N 148 
GOL H31  H  N N 149 
GOL H32  H  N N 150 
GOL HO3  H  N N 151 
HIS N    N  N N 152 
HIS CA   C  N S 153 
HIS C    C  N N 154 
HIS O    O  N N 155 
HIS CB   C  N N 156 
HIS CG   C  Y N 157 
HIS ND1  N  Y N 158 
HIS CD2  C  Y N 159 
HIS CE1  C  Y N 160 
HIS NE2  N  Y N 161 
HIS OXT  O  N N 162 
HIS H    H  N N 163 
HIS H2   H  N N 164 
HIS HA   H  N N 165 
HIS HB2  H  N N 166 
HIS HB3  H  N N 167 
HIS HD1  H  N N 168 
HIS HD2  H  N N 169 
HIS HE1  H  N N 170 
HIS HE2  H  N N 171 
HIS HXT  H  N N 172 
HOH O    O  N N 173 
HOH H1   H  N N 174 
HOH H2   H  N N 175 
ILE N    N  N N 176 
ILE CA   C  N S 177 
ILE C    C  N N 178 
ILE O    O  N N 179 
ILE CB   C  N S 180 
ILE CG1  C  N N 181 
ILE CG2  C  N N 182 
ILE CD1  C  N N 183 
ILE OXT  O  N N 184 
ILE H    H  N N 185 
ILE H2   H  N N 186 
ILE HA   H  N N 187 
ILE HB   H  N N 188 
ILE HG12 H  N N 189 
ILE HG13 H  N N 190 
ILE HG21 H  N N 191 
ILE HG22 H  N N 192 
ILE HG23 H  N N 193 
ILE HD11 H  N N 194 
ILE HD12 H  N N 195 
ILE HD13 H  N N 196 
ILE HXT  H  N N 197 
LEU N    N  N N 198 
LEU CA   C  N S 199 
LEU C    C  N N 200 
LEU O    O  N N 201 
LEU CB   C  N N 202 
LEU CG   C  N N 203 
LEU CD1  C  N N 204 
LEU CD2  C  N N 205 
LEU OXT  O  N N 206 
LEU H    H  N N 207 
LEU H2   H  N N 208 
LEU HA   H  N N 209 
LEU HB2  H  N N 210 
LEU HB3  H  N N 211 
LEU HG   H  N N 212 
LEU HD11 H  N N 213 
LEU HD12 H  N N 214 
LEU HD13 H  N N 215 
LEU HD21 H  N N 216 
LEU HD22 H  N N 217 
LEU HD23 H  N N 218 
LEU HXT  H  N N 219 
LYS N    N  N N 220 
LYS CA   C  N S 221 
LYS C    C  N N 222 
LYS O    O  N N 223 
LYS CB   C  N N 224 
LYS CG   C  N N 225 
LYS CD   C  N N 226 
LYS CE   C  N N 227 
LYS NZ   N  N N 228 
LYS OXT  O  N N 229 
LYS H    H  N N 230 
LYS H2   H  N N 231 
LYS HA   H  N N 232 
LYS HB2  H  N N 233 
LYS HB3  H  N N 234 
LYS HG2  H  N N 235 
LYS HG3  H  N N 236 
LYS HD2  H  N N 237 
LYS HD3  H  N N 238 
LYS HE2  H  N N 239 
LYS HE3  H  N N 240 
LYS HZ1  H  N N 241 
LYS HZ2  H  N N 242 
LYS HZ3  H  N N 243 
LYS HXT  H  N N 244 
M3L N    N  N N 245 
M3L CA   C  N S 246 
M3L CB   C  N N 247 
M3L CG   C  N N 248 
M3L CD   C  N N 249 
M3L CE   C  N N 250 
M3L NZ   N  N N 251 
M3L C    C  N N 252 
M3L O    O  N N 253 
M3L OXT  O  N N 254 
M3L CM1  C  N N 255 
M3L CM2  C  N N 256 
M3L CM3  C  N N 257 
M3L H    H  N N 258 
M3L H2   H  N N 259 
M3L HA   H  N N 260 
M3L HB2  H  N N 261 
M3L HB3  H  N N 262 
M3L HG2  H  N N 263 
M3L HG3  H  N N 264 
M3L HD2  H  N N 265 
M3L HD3  H  N N 266 
M3L HE2  H  N N 267 
M3L HE3  H  N N 268 
M3L HXT  H  N N 269 
M3L HM11 H  N N 270 
M3L HM12 H  N N 271 
M3L HM13 H  N N 272 
M3L HM21 H  N N 273 
M3L HM22 H  N N 274 
M3L HM23 H  N N 275 
M3L HM31 H  N N 276 
M3L HM32 H  N N 277 
M3L HM33 H  N N 278 
MET N    N  N N 279 
MET CA   C  N S 280 
MET C    C  N N 281 
MET O    O  N N 282 
MET CB   C  N N 283 
MET CG   C  N N 284 
MET SD   S  N N 285 
MET CE   C  N N 286 
MET OXT  O  N N 287 
MET H    H  N N 288 
MET H2   H  N N 289 
MET HA   H  N N 290 
MET HB2  H  N N 291 
MET HB3  H  N N 292 
MET HG2  H  N N 293 
MET HG3  H  N N 294 
MET HE1  H  N N 295 
MET HE2  H  N N 296 
MET HE3  H  N N 297 
MET HXT  H  N N 298 
MG  MG   MG N N 299 
PHE N    N  N N 300 
PHE CA   C  N S 301 
PHE C    C  N N 302 
PHE O    O  N N 303 
PHE CB   C  N N 304 
PHE CG   C  Y N 305 
PHE CD1  C  Y N 306 
PHE CD2  C  Y N 307 
PHE CE1  C  Y N 308 
PHE CE2  C  Y N 309 
PHE CZ   C  Y N 310 
PHE OXT  O  N N 311 
PHE H    H  N N 312 
PHE H2   H  N N 313 
PHE HA   H  N N 314 
PHE HB2  H  N N 315 
PHE HB3  H  N N 316 
PHE HD1  H  N N 317 
PHE HD2  H  N N 318 
PHE HE1  H  N N 319 
PHE HE2  H  N N 320 
PHE HZ   H  N N 321 
PHE HXT  H  N N 322 
PRO N    N  N N 323 
PRO CA   C  N S 324 
PRO C    C  N N 325 
PRO O    O  N N 326 
PRO CB   C  N N 327 
PRO CG   C  N N 328 
PRO CD   C  N N 329 
PRO OXT  O  N N 330 
PRO H    H  N N 331 
PRO HA   H  N N 332 
PRO HB2  H  N N 333 
PRO HB3  H  N N 334 
PRO HG2  H  N N 335 
PRO HG3  H  N N 336 
PRO HD2  H  N N 337 
PRO HD3  H  N N 338 
PRO HXT  H  N N 339 
SER N    N  N N 340 
SER CA   C  N S 341 
SER C    C  N N 342 
SER O    O  N N 343 
SER CB   C  N N 344 
SER OG   O  N N 345 
SER OXT  O  N N 346 
SER H    H  N N 347 
SER H2   H  N N 348 
SER HA   H  N N 349 
SER HB2  H  N N 350 
SER HB3  H  N N 351 
SER HG   H  N N 352 
SER HXT  H  N N 353 
THR N    N  N N 354 
THR CA   C  N S 355 
THR C    C  N N 356 
THR O    O  N N 357 
THR CB   C  N R 358 
THR OG1  O  N N 359 
THR CG2  C  N N 360 
THR OXT  O  N N 361 
THR H    H  N N 362 
THR H2   H  N N 363 
THR HA   H  N N 364 
THR HB   H  N N 365 
THR HG1  H  N N 366 
THR HG21 H  N N 367 
THR HG22 H  N N 368 
THR HG23 H  N N 369 
THR HXT  H  N N 370 
TRP N    N  N N 371 
TRP CA   C  N S 372 
TRP C    C  N N 373 
TRP O    O  N N 374 
TRP CB   C  N N 375 
TRP CG   C  Y N 376 
TRP CD1  C  Y N 377 
TRP CD2  C  Y N 378 
TRP NE1  N  Y N 379 
TRP CE2  C  Y N 380 
TRP CE3  C  Y N 381 
TRP CZ2  C  Y N 382 
TRP CZ3  C  Y N 383 
TRP CH2  C  Y N 384 
TRP OXT  O  N N 385 
TRP H    H  N N 386 
TRP H2   H  N N 387 
TRP HA   H  N N 388 
TRP HB2  H  N N 389 
TRP HB3  H  N N 390 
TRP HD1  H  N N 391 
TRP HE1  H  N N 392 
TRP HE3  H  N N 393 
TRP HZ2  H  N N 394 
TRP HZ3  H  N N 395 
TRP HH2  H  N N 396 
TRP HXT  H  N N 397 
TYR N    N  N N 398 
TYR CA   C  N S 399 
TYR C    C  N N 400 
TYR O    O  N N 401 
TYR CB   C  N N 402 
TYR CG   C  Y N 403 
TYR CD1  C  Y N 404 
TYR CD2  C  Y N 405 
TYR CE1  C  Y N 406 
TYR CE2  C  Y N 407 
TYR CZ   C  Y N 408 
TYR OH   O  N N 409 
TYR OXT  O  N N 410 
TYR H    H  N N 411 
TYR H2   H  N N 412 
TYR HA   H  N N 413 
TYR HB2  H  N N 414 
TYR HB3  H  N N 415 
TYR HD1  H  N N 416 
TYR HD2  H  N N 417 
TYR HE1  H  N N 418 
TYR HE2  H  N N 419 
TYR HH   H  N N 420 
TYR HXT  H  N N 421 
VAL N    N  N N 422 
VAL CA   C  N S 423 
VAL C    C  N N 424 
VAL O    O  N N 425 
VAL CB   C  N N 426 
VAL CG1  C  N N 427 
VAL CG2  C  N N 428 
VAL OXT  O  N N 429 
VAL H    H  N N 430 
VAL H2   H  N N 431 
VAL HA   H  N N 432 
VAL HB   H  N N 433 
VAL HG11 H  N N 434 
VAL HG12 H  N N 435 
VAL HG13 H  N N 436 
VAL HG21 H  N N 437 
VAL HG22 H  N N 438 
VAL HG23 H  N N 439 
VAL HXT  H  N N 440 
ZN  ZN   ZN N N 441 
# 
loop_
_chem_comp_bond.comp_id 
_chem_comp_bond.atom_id_1 
_chem_comp_bond.atom_id_2 
_chem_comp_bond.value_order 
_chem_comp_bond.pdbx_aromatic_flag 
_chem_comp_bond.pdbx_stereo_config 
_chem_comp_bond.pdbx_ordinal 
ALA N   CA   sing N N 1   
ALA N   H    sing N N 2   
ALA N   H2   sing N N 3   
ALA CA  C    sing N N 4   
ALA CA  CB   sing N N 5   
ALA CA  HA   sing N N 6   
ALA C   O    doub N N 7   
ALA C   OXT  sing N N 8   
ALA CB  HB1  sing N N 9   
ALA CB  HB2  sing N N 10  
ALA CB  HB3  sing N N 11  
ALA OXT HXT  sing N N 12  
ARG N   CA   sing N N 13  
ARG N   H    sing N N 14  
ARG N   H2   sing N N 15  
ARG CA  C    sing N N 16  
ARG CA  CB   sing N N 17  
ARG CA  HA   sing N N 18  
ARG C   O    doub N N 19  
ARG C   OXT  sing N N 20  
ARG CB  CG   sing N N 21  
ARG CB  HB2  sing N N 22  
ARG CB  HB3  sing N N 23  
ARG CG  CD   sing N N 24  
ARG CG  HG2  sing N N 25  
ARG CG  HG3  sing N N 26  
ARG CD  NE   sing N N 27  
ARG CD  HD2  sing N N 28  
ARG CD  HD3  sing N N 29  
ARG NE  CZ   sing N N 30  
ARG NE  HE   sing N N 31  
ARG CZ  NH1  sing N N 32  
ARG CZ  NH2  doub N N 33  
ARG NH1 HH11 sing N N 34  
ARG NH1 HH12 sing N N 35  
ARG NH2 HH21 sing N N 36  
ARG NH2 HH22 sing N N 37  
ARG OXT HXT  sing N N 38  
ASN N   CA   sing N N 39  
ASN N   H    sing N N 40  
ASN N   H2   sing N N 41  
ASN CA  C    sing N N 42  
ASN CA  CB   sing N N 43  
ASN CA  HA   sing N N 44  
ASN C   O    doub N N 45  
ASN C   OXT  sing N N 46  
ASN CB  CG   sing N N 47  
ASN CB  HB2  sing N N 48  
ASN CB  HB3  sing N N 49  
ASN CG  OD1  doub N N 50  
ASN CG  ND2  sing N N 51  
ASN ND2 HD21 sing N N 52  
ASN ND2 HD22 sing N N 53  
ASN OXT HXT  sing N N 54  
ASP N   CA   sing N N 55  
ASP N   H    sing N N 56  
ASP N   H2   sing N N 57  
ASP CA  C    sing N N 58  
ASP CA  CB   sing N N 59  
ASP CA  HA   sing N N 60  
ASP C   O    doub N N 61  
ASP C   OXT  sing N N 62  
ASP CB  CG   sing N N 63  
ASP CB  HB2  sing N N 64  
ASP CB  HB3  sing N N 65  
ASP CG  OD1  doub N N 66  
ASP CG  OD2  sing N N 67  
ASP OD2 HD2  sing N N 68  
ASP OXT HXT  sing N N 69  
CYS N   CA   sing N N 70  
CYS N   H    sing N N 71  
CYS N   H2   sing N N 72  
CYS CA  C    sing N N 73  
CYS CA  CB   sing N N 74  
CYS CA  HA   sing N N 75  
CYS C   O    doub N N 76  
CYS C   OXT  sing N N 77  
CYS CB  SG   sing N N 78  
CYS CB  HB2  sing N N 79  
CYS CB  HB3  sing N N 80  
CYS SG  HG   sing N N 81  
CYS OXT HXT  sing N N 82  
GLN N   CA   sing N N 83  
GLN N   H    sing N N 84  
GLN N   H2   sing N N 85  
GLN CA  C    sing N N 86  
GLN CA  CB   sing N N 87  
GLN CA  HA   sing N N 88  
GLN C   O    doub N N 89  
GLN C   OXT  sing N N 90  
GLN CB  CG   sing N N 91  
GLN CB  HB2  sing N N 92  
GLN CB  HB3  sing N N 93  
GLN CG  CD   sing N N 94  
GLN CG  HG2  sing N N 95  
GLN CG  HG3  sing N N 96  
GLN CD  OE1  doub N N 97  
GLN CD  NE2  sing N N 98  
GLN NE2 HE21 sing N N 99  
GLN NE2 HE22 sing N N 100 
GLN OXT HXT  sing N N 101 
GLU N   CA   sing N N 102 
GLU N   H    sing N N 103 
GLU N   H2   sing N N 104 
GLU CA  C    sing N N 105 
GLU CA  CB   sing N N 106 
GLU CA  HA   sing N N 107 
GLU C   O    doub N N 108 
GLU C   OXT  sing N N 109 
GLU CB  CG   sing N N 110 
GLU CB  HB2  sing N N 111 
GLU CB  HB3  sing N N 112 
GLU CG  CD   sing N N 113 
GLU CG  HG2  sing N N 114 
GLU CG  HG3  sing N N 115 
GLU CD  OE1  doub N N 116 
GLU CD  OE2  sing N N 117 
GLU OE2 HE2  sing N N 118 
GLU OXT HXT  sing N N 119 
GLY N   CA   sing N N 120 
GLY N   H    sing N N 121 
GLY N   H2   sing N N 122 
GLY CA  C    sing N N 123 
GLY CA  HA2  sing N N 124 
GLY CA  HA3  sing N N 125 
GLY C   O    doub N N 126 
GLY C   OXT  sing N N 127 
GLY OXT HXT  sing N N 128 
GOL C1  O1   sing N N 129 
GOL C1  C2   sing N N 130 
GOL C1  H11  sing N N 131 
GOL C1  H12  sing N N 132 
GOL O1  HO1  sing N N 133 
GOL C2  O2   sing N N 134 
GOL C2  C3   sing N N 135 
GOL C2  H2   sing N N 136 
GOL O2  HO2  sing N N 137 
GOL C3  O3   sing N N 138 
GOL C3  H31  sing N N 139 
GOL C3  H32  sing N N 140 
GOL O3  HO3  sing N N 141 
HIS N   CA   sing N N 142 
HIS N   H    sing N N 143 
HIS N   H2   sing N N 144 
HIS CA  C    sing N N 145 
HIS CA  CB   sing N N 146 
HIS CA  HA   sing N N 147 
HIS C   O    doub N N 148 
HIS C   OXT  sing N N 149 
HIS CB  CG   sing N N 150 
HIS CB  HB2  sing N N 151 
HIS CB  HB3  sing N N 152 
HIS CG  ND1  sing Y N 153 
HIS CG  CD2  doub Y N 154 
HIS ND1 CE1  doub Y N 155 
HIS ND1 HD1  sing N N 156 
HIS CD2 NE2  sing Y N 157 
HIS CD2 HD2  sing N N 158 
HIS CE1 NE2  sing Y N 159 
HIS CE1 HE1  sing N N 160 
HIS NE2 HE2  sing N N 161 
HIS OXT HXT  sing N N 162 
HOH O   H1   sing N N 163 
HOH O   H2   sing N N 164 
ILE N   CA   sing N N 165 
ILE N   H    sing N N 166 
ILE N   H2   sing N N 167 
ILE CA  C    sing N N 168 
ILE CA  CB   sing N N 169 
ILE CA  HA   sing N N 170 
ILE C   O    doub N N 171 
ILE C   OXT  sing N N 172 
ILE CB  CG1  sing N N 173 
ILE CB  CG2  sing N N 174 
ILE CB  HB   sing N N 175 
ILE CG1 CD1  sing N N 176 
ILE CG1 HG12 sing N N 177 
ILE CG1 HG13 sing N N 178 
ILE CG2 HG21 sing N N 179 
ILE CG2 HG22 sing N N 180 
ILE CG2 HG23 sing N N 181 
ILE CD1 HD11 sing N N 182 
ILE CD1 HD12 sing N N 183 
ILE CD1 HD13 sing N N 184 
ILE OXT HXT  sing N N 185 
LEU N   CA   sing N N 186 
LEU N   H    sing N N 187 
LEU N   H2   sing N N 188 
LEU CA  C    sing N N 189 
LEU CA  CB   sing N N 190 
LEU CA  HA   sing N N 191 
LEU C   O    doub N N 192 
LEU C   OXT  sing N N 193 
LEU CB  CG   sing N N 194 
LEU CB  HB2  sing N N 195 
LEU CB  HB3  sing N N 196 
LEU CG  CD1  sing N N 197 
LEU CG  CD2  sing N N 198 
LEU CG  HG   sing N N 199 
LEU CD1 HD11 sing N N 200 
LEU CD1 HD12 sing N N 201 
LEU CD1 HD13 sing N N 202 
LEU CD2 HD21 sing N N 203 
LEU CD2 HD22 sing N N 204 
LEU CD2 HD23 sing N N 205 
LEU OXT HXT  sing N N 206 
LYS N   CA   sing N N 207 
LYS N   H    sing N N 208 
LYS N   H2   sing N N 209 
LYS CA  C    sing N N 210 
LYS CA  CB   sing N N 211 
LYS CA  HA   sing N N 212 
LYS C   O    doub N N 213 
LYS C   OXT  sing N N 214 
LYS CB  CG   sing N N 215 
LYS CB  HB2  sing N N 216 
LYS CB  HB3  sing N N 217 
LYS CG  CD   sing N N 218 
LYS CG  HG2  sing N N 219 
LYS CG  HG3  sing N N 220 
LYS CD  CE   sing N N 221 
LYS CD  HD2  sing N N 222 
LYS CD  HD3  sing N N 223 
LYS CE  NZ   sing N N 224 
LYS CE  HE2  sing N N 225 
LYS CE  HE3  sing N N 226 
LYS NZ  HZ1  sing N N 227 
LYS NZ  HZ2  sing N N 228 
LYS NZ  HZ3  sing N N 229 
LYS OXT HXT  sing N N 230 
M3L N   CA   sing N N 231 
M3L N   H    sing N N 232 
M3L N   H2   sing N N 233 
M3L CA  CB   sing N N 234 
M3L CA  C    sing N N 235 
M3L CA  HA   sing N N 236 
M3L CB  CG   sing N N 237 
M3L CB  HB2  sing N N 238 
M3L CB  HB3  sing N N 239 
M3L CG  CD   sing N N 240 
M3L CG  HG2  sing N N 241 
M3L CG  HG3  sing N N 242 
M3L CD  CE   sing N N 243 
M3L CD  HD2  sing N N 244 
M3L CD  HD3  sing N N 245 
M3L CE  NZ   sing N N 246 
M3L CE  HE2  sing N N 247 
M3L CE  HE3  sing N N 248 
M3L NZ  CM1  sing N N 249 
M3L NZ  CM2  sing N N 250 
M3L NZ  CM3  sing N N 251 
M3L C   O    doub N N 252 
M3L C   OXT  sing N N 253 
M3L OXT HXT  sing N N 254 
M3L CM1 HM11 sing N N 255 
M3L CM1 HM12 sing N N 256 
M3L CM1 HM13 sing N N 257 
M3L CM2 HM21 sing N N 258 
M3L CM2 HM22 sing N N 259 
M3L CM2 HM23 sing N N 260 
M3L CM3 HM31 sing N N 261 
M3L CM3 HM32 sing N N 262 
M3L CM3 HM33 sing N N 263 
MET N   CA   sing N N 264 
MET N   H    sing N N 265 
MET N   H2   sing N N 266 
MET CA  C    sing N N 267 
MET CA  CB   sing N N 268 
MET CA  HA   sing N N 269 
MET C   O    doub N N 270 
MET C   OXT  sing N N 271 
MET CB  CG   sing N N 272 
MET CB  HB2  sing N N 273 
MET CB  HB3  sing N N 274 
MET CG  SD   sing N N 275 
MET CG  HG2  sing N N 276 
MET CG  HG3  sing N N 277 
MET SD  CE   sing N N 278 
MET CE  HE1  sing N N 279 
MET CE  HE2  sing N N 280 
MET CE  HE3  sing N N 281 
MET OXT HXT  sing N N 282 
PHE N   CA   sing N N 283 
PHE N   H    sing N N 284 
PHE N   H2   sing N N 285 
PHE CA  C    sing N N 286 
PHE CA  CB   sing N N 287 
PHE CA  HA   sing N N 288 
PHE C   O    doub N N 289 
PHE C   OXT  sing N N 290 
PHE CB  CG   sing N N 291 
PHE CB  HB2  sing N N 292 
PHE CB  HB3  sing N N 293 
PHE CG  CD1  doub Y N 294 
PHE CG  CD2  sing Y N 295 
PHE CD1 CE1  sing Y N 296 
PHE CD1 HD1  sing N N 297 
PHE CD2 CE2  doub Y N 298 
PHE CD2 HD2  sing N N 299 
PHE CE1 CZ   doub Y N 300 
PHE CE1 HE1  sing N N 301 
PHE CE2 CZ   sing Y N 302 
PHE CE2 HE2  sing N N 303 
PHE CZ  HZ   sing N N 304 
PHE OXT HXT  sing N N 305 
PRO N   CA   sing N N 306 
PRO N   CD   sing N N 307 
PRO N   H    sing N N 308 
PRO CA  C    sing N N 309 
PRO CA  CB   sing N N 310 
PRO CA  HA   sing N N 311 
PRO C   O    doub N N 312 
PRO C   OXT  sing N N 313 
PRO CB  CG   sing N N 314 
PRO CB  HB2  sing N N 315 
PRO CB  HB3  sing N N 316 
PRO CG  CD   sing N N 317 
PRO CG  HG2  sing N N 318 
PRO CG  HG3  sing N N 319 
PRO CD  HD2  sing N N 320 
PRO CD  HD3  sing N N 321 
PRO OXT HXT  sing N N 322 
SER N   CA   sing N N 323 
SER N   H    sing N N 324 
SER N   H2   sing N N 325 
SER CA  C    sing N N 326 
SER CA  CB   sing N N 327 
SER CA  HA   sing N N 328 
SER C   O    doub N N 329 
SER C   OXT  sing N N 330 
SER CB  OG   sing N N 331 
SER CB  HB2  sing N N 332 
SER CB  HB3  sing N N 333 
SER OG  HG   sing N N 334 
SER OXT HXT  sing N N 335 
THR N   CA   sing N N 336 
THR N   H    sing N N 337 
THR N   H2   sing N N 338 
THR CA  C    sing N N 339 
THR CA  CB   sing N N 340 
THR CA  HA   sing N N 341 
THR C   O    doub N N 342 
THR C   OXT  sing N N 343 
THR CB  OG1  sing N N 344 
THR CB  CG2  sing N N 345 
THR CB  HB   sing N N 346 
THR OG1 HG1  sing N N 347 
THR CG2 HG21 sing N N 348 
THR CG2 HG22 sing N N 349 
THR CG2 HG23 sing N N 350 
THR OXT HXT  sing N N 351 
TRP N   CA   sing N N 352 
TRP N   H    sing N N 353 
TRP N   H2   sing N N 354 
TRP CA  C    sing N N 355 
TRP CA  CB   sing N N 356 
TRP CA  HA   sing N N 357 
TRP C   O    doub N N 358 
TRP C   OXT  sing N N 359 
TRP CB  CG   sing N N 360 
TRP CB  HB2  sing N N 361 
TRP CB  HB3  sing N N 362 
TRP CG  CD1  doub Y N 363 
TRP CG  CD2  sing Y N 364 
TRP CD1 NE1  sing Y N 365 
TRP CD1 HD1  sing N N 366 
TRP CD2 CE2  doub Y N 367 
TRP CD2 CE3  sing Y N 368 
TRP NE1 CE2  sing Y N 369 
TRP NE1 HE1  sing N N 370 
TRP CE2 CZ2  sing Y N 371 
TRP CE3 CZ3  doub Y N 372 
TRP CE3 HE3  sing N N 373 
TRP CZ2 CH2  doub Y N 374 
TRP CZ2 HZ2  sing N N 375 
TRP CZ3 CH2  sing Y N 376 
TRP CZ3 HZ3  sing N N 377 
TRP CH2 HH2  sing N N 378 
TRP OXT HXT  sing N N 379 
TYR N   CA   sing N N 380 
TYR N   H    sing N N 381 
TYR N   H2   sing N N 382 
TYR CA  C    sing N N 383 
TYR CA  CB   sing N N 384 
TYR CA  HA   sing N N 385 
TYR C   O    doub N N 386 
TYR C   OXT  sing N N 387 
TYR CB  CG   sing N N 388 
TYR CB  HB2  sing N N 389 
TYR CB  HB3  sing N N 390 
TYR CG  CD1  doub Y N 391 
TYR CG  CD2  sing Y N 392 
TYR CD1 CE1  sing Y N 393 
TYR CD1 HD1  sing N N 394 
TYR CD2 CE2  doub Y N 395 
TYR CD2 HD2  sing N N 396 
TYR CE1 CZ   doub Y N 397 
TYR CE1 HE1  sing N N 398 
TYR CE2 CZ   sing Y N 399 
TYR CE2 HE2  sing N N 400 
TYR CZ  OH   sing N N 401 
TYR OH  HH   sing N N 402 
TYR OXT HXT  sing N N 403 
VAL N   CA   sing N N 404 
VAL N   H    sing N N 405 
VAL N   H2   sing N N 406 
VAL CA  C    sing N N 407 
VAL CA  CB   sing N N 408 
VAL CA  HA   sing N N 409 
VAL C   O    doub N N 410 
VAL C   OXT  sing N N 411 
VAL CB  CG1  sing N N 412 
VAL CB  CG2  sing N N 413 
VAL CB  HB   sing N N 414 
VAL CG1 HG11 sing N N 415 
VAL CG1 HG12 sing N N 416 
VAL CG1 HG13 sing N N 417 
VAL CG2 HG21 sing N N 418 
VAL CG2 HG22 sing N N 419 
VAL CG2 HG23 sing N N 420 
VAL OXT HXT  sing N N 421 
# 
_atom_sites.entry_id                    3KQI 
_atom_sites.fract_transf_matrix[1][1]   0.00156165 
_atom_sites.fract_transf_matrix[1][2]   0.00985904 
_atom_sites.fract_transf_matrix[1][3]   0.01099530 
_atom_sites.fract_transf_matrix[2][1]   0.00866114 
_atom_sites.fract_transf_matrix[2][2]   -0.00316857 
_atom_sites.fract_transf_matrix[2][3]   0.01163904 
_atom_sites.fract_transf_matrix[3][1]   0.01086129 
_atom_sites.fract_transf_matrix[3][2]   0.00559483 
_atom_sites.fract_transf_matrix[3][3]   -0.00655927 
_atom_sites.fract_transf_vector[1]      0.179355 
_atom_sites.fract_transf_vector[2]      0.762641 
_atom_sites.fract_transf_vector[3]      -0.096148 
# 
loop_
_atom_type.symbol 
C  
CL 
MG 
N  
O  
S  
ZN 
# 
loop_
_atom_site.group_PDB 
_atom_site.id 
_atom_site.type_symbol 
_atom_site.label_atom_id 
_atom_site.label_alt_id 
_atom_site.label_comp_id 
_atom_site.label_asym_id 
_atom_site.label_entity_id 
_atom_site.label_seq_id 
_atom_site.pdbx_PDB_ins_code 
_atom_site.Cartn_x 
_atom_site.Cartn_y 
_atom_site.Cartn_z 
_atom_site.occupancy 
_atom_site.B_iso_or_equiv 
_atom_site.pdbx_formal_charge 
_atom_site.auth_seq_id 
_atom_site.auth_comp_id 
_atom_site.auth_asym_id 
_atom_site.auth_atom_id 
_atom_site.pdbx_PDB_model_num 
ATOM   1   N  N   . GLY A 1 4  ? -7.666  11.393  -24.973 1.00 33.79 ? -1  GLY A N   1 
ATOM   2   C  CA  . GLY A 1 4  ? -9.069  10.899  -25.132 1.00 33.22 ? -1  GLY A CA  1 
ATOM   3   C  C   . GLY A 1 4  ? -9.256  9.464   -24.681 1.00 32.88 ? -1  GLY A C   1 
ATOM   4   O  O   . GLY A 1 4  ? -8.627  9.018   -23.724 1.00 32.13 ? -1  GLY A O   1 
ATOM   5   N  N   . SER A 1 5  ? -10.108 8.728   -25.395 1.00 32.91 ? 0   SER A N   1 
ATOM   6   C  CA  . SER A 1 5  ? -10.420 7.343   -25.036 1.00 33.05 ? 0   SER A CA  1 
ATOM   7   C  C   . SER A 1 5  ? -9.211  6.395   -25.091 1.00 32.50 ? 0   SER A C   1 
ATOM   8   O  O   . SER A 1 5  ? -9.210  5.361   -24.430 1.00 32.23 ? 0   SER A O   1 
ATOM   9   C  CB  . SER A 1 5  ? -11.559 6.798   -25.898 1.00 33.38 ? 0   SER A CB  1 
ATOM   10  O  OG  . SER A 1 5  ? -11.200 6.793   -27.265 1.00 35.54 ? 0   SER A OG  1 
ATOM   11  N  N   . MET A 1 6  ? -8.188  6.760   -25.864 1.00 31.97 ? 1   MET A N   1 
ATOM   12  C  CA  . MET A 1 6  ? -6.984  5.923   -26.001 1.00 31.57 ? 1   MET A CA  1 
ATOM   13  C  C   . MET A 1 6  ? -5.842  6.284   -25.037 1.00 30.45 ? 1   MET A C   1 
ATOM   14  O  O   . MET A 1 6  ? -4.724  5.759   -25.156 1.00 30.43 ? 1   MET A O   1 
ATOM   15  C  CB  . MET A 1 6  ? -6.493  5.932   -27.456 1.00 32.42 ? 1   MET A CB  1 
ATOM   16  C  CG  . MET A 1 6  ? -7.494  5.333   -28.442 1.00 34.00 ? 1   MET A CG  1 
ATOM   17  S  SD  . MET A 1 6  ? -8.023  3.667   -27.973 1.00 40.67 ? 1   MET A SD  1 
ATOM   18  C  CE  . MET A 1 6  ? -9.402  3.429   -29.089 1.00 36.60 ? 1   MET A CE  1 
ATOM   19  N  N   . ALA A 1 7  ? -6.126  7.167   -24.080 1.00 29.06 ? 2   ALA A N   1 
ATOM   20  C  CA  . ALA A 1 7  ? -5.145  7.557   -23.074 1.00 27.71 ? 2   ALA A CA  1 
ATOM   21  C  C   . ALA A 1 7  ? -4.756  6.351   -22.227 1.00 27.01 ? 2   ALA A C   1 
ATOM   22  O  O   . ALA A 1 7  ? -5.555  5.432   -22.037 1.00 27.02 ? 2   ALA A O   1 
ATOM   23  C  CB  . ALA A 1 7  ? -5.697  8.664   -22.184 1.00 27.83 ? 2   ALA A CB  1 
ATOM   24  N  N   . THR A 1 8  ? -3.530  6.357   -21.721 1.00 25.56 ? 3   THR A N   1 
ATOM   25  C  CA  . THR A 1 8  ? -3.115  5.327   -20.780 1.00 24.26 ? 3   THR A CA  1 
ATOM   26  C  C   . THR A 1 8  ? -3.600  5.717   -19.389 1.00 23.58 ? 3   THR A C   1 
ATOM   27  O  O   . THR A 1 8  ? -3.935  6.876   -19.144 1.00 23.46 ? 3   THR A O   1 
ATOM   28  C  CB  . THR A 1 8  ? -1.589  5.164   -20.751 1.00 24.23 ? 3   THR A CB  1 
ATOM   29  O  OG1 . THR A 1 8  ? -0.995  6.404   -20.351 1.00 24.72 ? 3   THR A OG1 1 
ATOM   30  C  CG2 . THR A 1 8  ? -1.052  4.757   -22.140 1.00 23.92 ? 3   THR A CG2 1 
ATOM   31  N  N   . VAL A 1 9  ? -3.624  4.733   -18.494 1.00 22.83 ? 4   VAL A N   1 
ATOM   32  C  CA  A VAL A 1 9  ? -3.997  4.941   -17.101 0.50 22.85 ? 4   VAL A CA  1 
ATOM   33  C  CA  B VAL A 1 9  ? -4.005  4.933   -17.104 0.50 22.73 ? 4   VAL A CA  1 
ATOM   34  C  C   . VAL A 1 9  ? -2.986  4.186   -16.240 1.00 22.63 ? 4   VAL A C   1 
ATOM   35  O  O   . VAL A 1 9  ? -2.607  3.056   -16.580 1.00 22.01 ? 4   VAL A O   1 
ATOM   36  C  CB  A VAL A 1 9  ? -5.467  4.479   -16.817 0.50 23.28 ? 4   VAL A CB  1 
ATOM   37  C  CB  B VAL A 1 9  ? -5.443  4.404   -16.862 0.50 23.17 ? 4   VAL A CB  1 
ATOM   38  C  CG1 A VAL A 1 9  ? -5.609  2.949   -16.840 0.50 22.39 ? 4   VAL A CG1 1 
ATOM   39  C  CG1 B VAL A 1 9  ? -5.781  4.334   -15.392 0.50 23.21 ? 4   VAL A CG1 1 
ATOM   40  C  CG2 A VAL A 1 9  ? -5.999  5.053   -15.515 0.50 23.94 ? 4   VAL A CG2 1 
ATOM   41  C  CG2 B VAL A 1 9  ? -6.468  5.264   -17.612 0.50 22.00 ? 4   VAL A CG2 1 
ATOM   42  N  N   . PRO A 1 10 ? -2.514  4.816   -15.132 1.00 22.54 ? 5   PRO A N   1 
ATOM   43  C  CA  . PRO A 1 10 ? -1.641  4.086   -14.201 1.00 22.09 ? 5   PRO A CA  1 
ATOM   44  C  C   . PRO A 1 10 ? -2.321  2.852   -13.604 1.00 22.28 ? 5   PRO A C   1 
ATOM   45  O  O   . PRO A 1 10 ? -3.523  2.875   -13.332 1.00 21.87 ? 5   PRO A O   1 
ATOM   46  C  CB  . PRO A 1 10 ? -1.413  5.101   -13.072 1.00 22.29 ? 5   PRO A CB  1 
ATOM   47  C  CG  . PRO A 1 10 ? -1.553  6.433   -13.751 1.00 22.09 ? 5   PRO A CG  1 
ATOM   48  C  CD  . PRO A 1 10 ? -2.696  6.218   -14.697 1.00 22.31 ? 5   PRO A CD  1 
ATOM   49  N  N   . VAL A 1 11 ? -1.535  1.804   -13.368 1.00 21.73 ? 6   VAL A N   1 
ATOM   50  C  CA  . VAL A 1 11 ? -2.034  0.597   -12.701 1.00 21.60 ? 6   VAL A CA  1 
ATOM   51  C  C   . VAL A 1 11 ? -1.102  0.267   -11.545 1.00 21.08 ? 6   VAL A C   1 
ATOM   52  O  O   . VAL A 1 11 ? 0.052   0.698   -11.528 1.00 20.27 ? 6   VAL A O   1 
ATOM   53  C  CB  . VAL A 1 11 ? -2.178  -0.615  -13.673 1.00 21.55 ? 6   VAL A CB  1 
ATOM   54  C  CG1 . VAL A 1 11 ? -3.250  -0.326  -14.738 1.00 22.02 ? 6   VAL A CG1 1 
ATOM   55  C  CG2 . VAL A 1 11 ? -0.853  -0.964  -14.329 1.00 22.36 ? 6   VAL A CG2 1 
ATOM   56  N  N   . TYR A 1 12 ? -1.618  -0.487  -10.580 1.00 20.68 ? 7   TYR A N   1 
ATOM   57  C  CA  . TYR A 1 12 ? -0.941  -0.671  -9.306  1.00 21.23 ? 7   TYR A CA  1 
ATOM   58  C  C   . TYR A 1 12 ? -1.135  -2.081  -8.784  1.00 21.25 ? 7   TYR A C   1 
ATOM   59  O  O   . TYR A 1 12 ? -1.892  -2.851  -9.360  1.00 21.06 ? 7   TYR A O   1 
ATOM   60  C  CB  . TYR A 1 12 ? -1.535  0.299   -8.265  1.00 21.10 ? 7   TYR A CB  1 
ATOM   61  C  CG  . TYR A 1 12 ? -1.477  1.756   -8.649  1.00 22.17 ? 7   TYR A CG  1 
ATOM   62  C  CD1 . TYR A 1 12 ? -0.326  2.517   -8.415  1.00 22.20 ? 7   TYR A CD1 1 
ATOM   63  C  CD2 . TYR A 1 12 ? -2.569  2.375   -9.263  1.00 21.79 ? 7   TYR A CD2 1 
ATOM   64  C  CE1 . TYR A 1 12 ? -0.279  3.856   -8.768  1.00 22.90 ? 7   TYR A CE1 1 
ATOM   65  C  CE2 . TYR A 1 12 ? -2.528  3.716   -9.615  1.00 21.72 ? 7   TYR A CE2 1 
ATOM   66  C  CZ  . TYR A 1 12 ? -1.390  4.447   -9.365  1.00 21.31 ? 7   TYR A CZ  1 
ATOM   67  O  OH  . TYR A 1 12 ? -1.357  5.777   -9.716  1.00 21.91 ? 7   TYR A OH  1 
ATOM   68  N  N   . CYS A 1 13 ? -0.433  -2.399  -7.696  1.00 21.95 ? 8   CYS A N   1 
ATOM   69  C  CA  . CYS A 1 13 ? -0.725  -3.576  -6.860  1.00 22.64 ? 8   CYS A CA  1 
ATOM   70  C  C   . CYS A 1 13 ? -0.330  -4.894  -7.521  1.00 23.38 ? 8   CYS A C   1 
ATOM   71  O  O   . CYS A 1 13 ? 0.177   -4.910  -8.647  1.00 23.69 ? 8   CYS A O   1 
ATOM   72  C  CB  . CYS A 1 13 ? -2.210  -3.586  -6.451  1.00 22.63 ? 8   CYS A CB  1 
ATOM   73  S  SG  . CYS A 1 13 ? -2.684  -4.701  -5.096  1.00 23.23 ? 8   CYS A SG  1 
ATOM   74  N  N   . VAL A 1 14 ? -0.550  -6.004  -6.819  1.00 23.47 ? 9   VAL A N   1 
ATOM   75  C  CA  . VAL A 1 14 ? -0.364  -7.323  -7.439  1.00 24.28 ? 9   VAL A CA  1 
ATOM   76  C  C   . VAL A 1 14 ? -1.433  -7.616  -8.503  1.00 24.31 ? 9   VAL A C   1 
ATOM   77  O  O   . VAL A 1 14 ? -1.201  -8.388  -9.441  1.00 24.94 ? 9   VAL A O   1 
ATOM   78  C  CB  . VAL A 1 14 ? -0.310  -8.466  -6.387  1.00 24.28 ? 9   VAL A CB  1 
ATOM   79  C  CG1 . VAL A 1 14 ? 0.858   -8.254  -5.435  1.00 25.05 ? 9   VAL A CG1 1 
ATOM   80  C  CG2 . VAL A 1 14 ? -1.615  -8.575  -5.604  1.00 25.24 ? 9   VAL A CG2 1 
ATOM   81  N  N   . CYS A 1 15 ? -2.596  -6.985  -8.372  1.00 23.84 ? 10  CYS A N   1 
ATOM   82  C  CA  . CYS A 1 15 ? -3.714  -7.251  -9.288  1.00 23.34 ? 10  CYS A CA  1 
ATOM   83  C  C   . CYS A 1 15 ? -3.616  -6.482  -10.608 1.00 23.12 ? 10  CYS A C   1 
ATOM   84  O  O   . CYS A 1 15 ? -4.330  -6.798  -11.565 1.00 23.16 ? 10  CYS A O   1 
ATOM   85  C  CB  . CYS A 1 15 ? -5.042  -6.943  -8.588  1.00 23.72 ? 10  CYS A CB  1 
ATOM   86  S  SG  . CYS A 1 15 ? -5.156  -5.230  -8.019  1.00 23.34 ? 10  CYS A SG  1 
ATOM   87  N  N   . ARG A 1 16 ? -2.713  -5.502  -10.656 1.00 22.39 ? 11  ARG A N   1 
ATOM   88  C  CA  . ARG A 1 16 ? -2.505  -4.630  -11.835 1.00 22.45 ? 11  ARG A CA  1 
ATOM   89  C  C   . ARG A 1 16 ? -3.790  -3.936  -12.288 1.00 22.91 ? 11  ARG A C   1 
ATOM   90  O  O   . ARG A 1 16 ? -4.151  -3.981  -13.461 1.00 23.43 ? 11  ARG A O   1 
ATOM   91  C  CB  . ARG A 1 16 ? -1.834  -5.364  -13.012 1.00 22.25 ? 11  ARG A CB  1 
ATOM   92  C  CG  . ARG A 1 16 ? -0.588  -6.165  -12.649 1.00 22.23 ? 11  ARG A CG  1 
ATOM   93  C  CD  . ARG A 1 16 ? 0.344   -5.374  -11.752 1.00 22.42 ? 11  ARG A CD  1 
ATOM   94  N  NE  . ARG A 1 16 ? 0.992   -4.244  -12.415 1.00 22.71 ? 11  ARG A NE  1 
ATOM   95  C  CZ  . ARG A 1 16 ? 1.577   -3.247  -11.758 1.00 23.95 ? 11  ARG A CZ  1 
ATOM   96  N  NH1 . ARG A 1 16 ? 1.558   -3.238  -10.434 1.00 23.54 ? 11  ARG A NH1 1 
ATOM   97  N  NH2 . ARG A 1 16 ? 2.171   -2.254  -12.415 1.00 23.03 ? 11  ARG A NH2 1 
ATOM   98  N  N   . LEU A 1 17 ? -4.479  -3.311  -11.334 1.00 22.84 ? 12  LEU A N   1 
ATOM   99  C  CA  . LEU A 1 17 ? -5.654  -2.515  -11.636 1.00 23.39 ? 12  LEU A CA  1 
ATOM   100 C  C   . LEU A 1 17 ? -5.355  -1.022  -11.529 1.00 23.18 ? 12  LEU A C   1 
ATOM   101 O  O   . LEU A 1 17 ? -4.459  -0.614  -10.776 1.00 22.86 ? 12  LEU A O   1 
ATOM   102 C  CB  . LEU A 1 17 ? -6.800  -2.863  -10.675 1.00 23.22 ? 12  LEU A CB  1 
ATOM   103 C  CG  . LEU A 1 17 ? -7.432  -4.261  -10.760 1.00 25.46 ? 12  LEU A CG  1 
ATOM   104 C  CD1 . LEU A 1 17 ? -8.644  -4.318  -9.829  1.00 26.49 ? 12  LEU A CD1 1 
ATOM   105 C  CD2 . LEU A 1 17 ? -7.838  -4.636  -12.167 1.00 27.34 ? 12  LEU A CD2 1 
ATOM   106 N  N   . PRO A 1 18 ? -6.140  -0.199  -12.256 1.00 23.48 ? 13  PRO A N   1 
ATOM   107 C  CA  . PRO A 1 18 ? -6.072  1.248   -12.092 1.00 23.28 ? 13  PRO A CA  1 
ATOM   108 C  C   . PRO A 1 18 ? -6.651  1.616   -10.732 1.00 23.07 ? 13  PRO A C   1 
ATOM   109 O  O   . PRO A 1 18 ? -7.318  0.794   -10.092 1.00 22.57 ? 13  PRO A O   1 
ATOM   110 C  CB  . PRO A 1 18 ? -6.993  1.787   -13.187 1.00 23.67 ? 13  PRO A CB  1 
ATOM   111 C  CG  . PRO A 1 18 ? -7.399  0.612   -14.024 1.00 24.64 ? 13  PRO A CG  1 
ATOM   112 C  CD  . PRO A 1 18 ? -7.178  -0.607  -13.217 1.00 23.82 ? 13  PRO A CD  1 
ATOM   113 N  N   . TYR A 1 19 ? -6.397  2.846   -10.306 1.00 22.19 ? 14  TYR A N   1 
ATOM   114 C  CA  . TYR A 1 19 ? -6.794  3.286   -8.987  1.00 22.23 ? 14  TYR A CA  1 
ATOM   115 C  C   . TYR A 1 19 ? -8.326  3.345   -8.852  1.00 21.86 ? 14  TYR A C   1 
ATOM   116 O  O   . TYR A 1 19 ? -9.025  3.757   -9.779  1.00 21.72 ? 14  TYR A O   1 
ATOM   117 C  CB  . TYR A 1 19 ? -6.133  4.640   -8.687  1.00 22.38 ? 14  TYR A CB  1 
ATOM   118 C  CG  . TYR A 1 19 ? -6.451  5.209   -7.319  1.00 22.06 ? 14  TYR A CG  1 
ATOM   119 C  CD1 . TYR A 1 19 ? -6.376  4.424   -6.163  1.00 22.61 ? 14  TYR A CD1 1 
ATOM   120 C  CD2 . TYR A 1 19 ? -6.792  6.553   -7.182  1.00 23.62 ? 14  TYR A CD2 1 
ATOM   121 C  CE1 . TYR A 1 19 ? -6.671  4.967   -4.907  1.00 21.33 ? 14  TYR A CE1 1 
ATOM   122 C  CE2 . TYR A 1 19 ? -7.083  7.102   -5.932  1.00 23.89 ? 14  TYR A CE2 1 
ATOM   123 C  CZ  . TYR A 1 19 ? -7.026  6.300   -4.806  1.00 22.12 ? 14  TYR A CZ  1 
ATOM   124 O  OH  . TYR A 1 19 ? -7.315  6.848   -3.569  1.00 23.16 ? 14  TYR A OH  1 
ATOM   125 N  N   . ASP A 1 20 ? -8.818  2.912   -7.693  1.00 21.57 ? 15  ASP A N   1 
ATOM   126 C  CA  . ASP A 1 20 ? -10.226 2.940   -7.322  1.00 21.48 ? 15  ASP A CA  1 
ATOM   127 C  C   . ASP A 1 20 ? -10.312 3.651   -5.962  1.00 21.77 ? 15  ASP A C   1 
ATOM   128 O  O   . ASP A 1 20 ? -9.837  3.123   -4.948  1.00 21.60 ? 15  ASP A O   1 
ATOM   129 C  CB  . ASP A 1 20 ? -10.729 1.488   -7.244  1.00 21.27 ? 15  ASP A CB  1 
ATOM   130 C  CG  . ASP A 1 20 ? -12.141 1.352   -6.662  1.00 21.67 ? 15  ASP A CG  1 
ATOM   131 O  OD1 . ASP A 1 20 ? -12.742 2.347   -6.206  1.00 22.43 ? 15  ASP A OD1 1 
ATOM   132 O  OD2 . ASP A 1 20 ? -12.650 0.211   -6.656  1.00 21.06 ? 15  ASP A OD2 1 
ATOM   133 N  N   . VAL A 1 21 ? -10.879 4.860   -5.940  1.00 21.47 ? 16  VAL A N   1 
ATOM   134 C  CA  . VAL A 1 21 ? -10.877 5.667   -4.694  1.00 22.66 ? 16  VAL A CA  1 
ATOM   135 C  C   . VAL A 1 21 ? -11.678 5.056   -3.538  1.00 22.90 ? 16  VAL A C   1 
ATOM   136 O  O   . VAL A 1 21 ? -11.593 5.533   -2.402  1.00 24.02 ? 16  VAL A O   1 
ATOM   137 C  CB  . VAL A 1 21 ? -11.373 7.130   -4.927  1.00 22.62 ? 16  VAL A CB  1 
ATOM   138 C  CG1 . VAL A 1 21 ? -10.532 7.801   -5.999  1.00 23.80 ? 16  VAL A CG1 1 
ATOM   139 C  CG2 . VAL A 1 21 ? -12.859 7.152   -5.309  1.00 23.81 ? 16  VAL A CG2 1 
ATOM   140 N  N   . THR A 1 22 ? -12.464 4.019   -3.827  1.00 22.97 ? 17  THR A N   1 
ATOM   141 C  CA  . THR A 1 22 ? -13.289 3.378   -2.793  1.00 22.79 ? 17  THR A CA  1 
ATOM   142 C  C   . THR A 1 22 ? -12.555 2.266   -2.053  1.00 22.90 ? 17  THR A C   1 
ATOM   143 O  O   . THR A 1 22 ? -13.099 1.686   -1.111  1.00 23.41 ? 17  THR A O   1 
ATOM   144 C  CB  . THR A 1 22 ? -14.615 2.829   -3.373  1.00 22.79 ? 17  THR A CB  1 
ATOM   145 O  OG1 . THR A 1 22 ? -14.348 1.723   -4.241  1.00 22.49 ? 17  THR A OG1 1 
ATOM   146 C  CG2 . THR A 1 22 ? -15.335 3.919   -4.141  1.00 23.10 ? 17  THR A CG2 1 
ATOM   147 N  N   . ARG A 1 23 ? -11.313 1.993   -2.462  1.00 22.93 ? 18  ARG A N   1 
ATOM   148 C  CA  . ARG A 1 23 ? -10.514 0.925   -1.853  1.00 23.05 ? 18  ARG A CA  1 
ATOM   149 C  C   . ARG A 1 23 ? -9.238  1.456   -1.215  1.00 23.19 ? 18  ARG A C   1 
ATOM   150 O  O   . ARG A 1 23 ? -8.511  2.242   -1.826  1.00 23.08 ? 18  ARG A O   1 
ATOM   151 C  CB  . ARG A 1 23 ? -10.160 -0.142  -2.892  1.00 23.25 ? 18  ARG A CB  1 
ATOM   152 C  CG  . ARG A 1 23 ? -11.393 -0.807  -3.486  1.00 23.10 ? 18  ARG A CG  1 
ATOM   153 C  CD  . ARG A 1 23 ? -10.999 -1.800  -4.540  1.00 22.77 ? 18  ARG A CD  1 
ATOM   154 N  NE  . ARG A 1 23 ? -10.328 -2.966  -3.968  1.00 23.23 ? 18  ARG A NE  1 
ATOM   155 C  CZ  . ARG A 1 23 ? -9.736  -3.902  -4.705  1.00 23.44 ? 18  ARG A CZ  1 
ATOM   156 N  NH1 . ARG A 1 23 ? -9.721  -3.789  -6.025  1.00 22.44 ? 18  ARG A NH1 1 
ATOM   157 N  NH2 . ARG A 1 23 ? -9.151  -4.941  -4.123  1.00 23.15 ? 18  ARG A NH2 1 
ATOM   158 N  N   . PHE A 1 24 ? -8.993  1.023   0.018   1.00 22.88 ? 19  PHE A N   1 
ATOM   159 C  CA  . PHE A 1 24 ? -7.803  1.400   0.770   1.00 23.56 ? 19  PHE A CA  1 
ATOM   160 C  C   . PHE A 1 24 ? -6.528  0.855   0.102   1.00 22.94 ? 19  PHE A C   1 
ATOM   161 O  O   . PHE A 1 24 ? -6.509  -0.284  -0.373  1.00 23.45 ? 19  PHE A O   1 
ATOM   162 C  CB  . PHE A 1 24 ? -7.914  0.889   2.216   1.00 24.02 ? 19  PHE A CB  1 
ATOM   163 C  CG  . PHE A 1 24 ? -6.610  0.873   2.947   1.00 25.10 ? 19  PHE A CG  1 
ATOM   164 C  CD1 . PHE A 1 24 ? -6.038  2.062   3.402   1.00 25.95 ? 19  PHE A CD1 1 
ATOM   165 C  CD2 . PHE A 1 24 ? -5.935  -0.326  3.147   1.00 25.75 ? 19  PHE A CD2 1 
ATOM   166 C  CE1 . PHE A 1 24 ? -4.807  2.047   4.066   1.00 27.73 ? 19  PHE A CE1 1 
ATOM   167 C  CE2 . PHE A 1 24 ? -4.700  -0.344  3.809   1.00 27.23 ? 19  PHE A CE2 1 
ATOM   168 C  CZ  . PHE A 1 24 ? -4.140  0.845   4.248   1.00 25.93 ? 19  PHE A CZ  1 
ATOM   169 N  N   . MET A 1 25 ? -5.474  1.669   0.076   1.00 22.88 ? 20  MET A N   1 
ATOM   170 C  CA  . MET A 1 25 ? -4.164  1.225   -0.435  1.00 22.71 ? 20  MET A CA  1 
ATOM   171 C  C   . MET A 1 25 ? -2.990  1.675   0.428   1.00 23.16 ? 20  MET A C   1 
ATOM   172 O  O   . MET A 1 25 ? -3.056  2.711   1.104   1.00 23.45 ? 20  MET A O   1 
ATOM   173 C  CB  . MET A 1 25 ? -3.939  1.691   -1.886  1.00 22.25 ? 20  MET A CB  1 
ATOM   174 C  CG  . MET A 1 25 ? -5.056  1.311   -2.849  1.00 22.73 ? 20  MET A CG  1 
ATOM   175 S  SD  . MET A 1 25 ? -4.597  1.720   -4.551  1.00 23.84 ? 20  MET A SD  1 
ATOM   176 C  CE  . MET A 1 25 ? -3.769  0.218   -5.069  1.00 24.18 ? 20  MET A CE  1 
ATOM   177 N  N   . ILE A 1 26 ? -1.911  0.894   0.389   1.00 23.05 ? 21  ILE A N   1 
ATOM   178 C  CA  . ILE A 1 26 ? -0.692  1.203   1.142   1.00 23.06 ? 21  ILE A CA  1 
ATOM   179 C  C   . ILE A 1 26 ? 0.533   1.124   0.217   1.00 23.48 ? 21  ILE A C   1 
ATOM   180 O  O   . ILE A 1 26 ? 0.598   0.261   -0.662  1.00 23.40 ? 21  ILE A O   1 
ATOM   181 C  CB  . ILE A 1 26 ? -0.569  0.275   2.397   1.00 23.12 ? 21  ILE A CB  1 
ATOM   182 C  CG1 . ILE A 1 26 ? 0.636   0.657   3.274   1.00 23.46 ? 21  ILE A CG1 1 
ATOM   183 C  CG2 . ILE A 1 26 ? -0.572  -1.215  1.986   1.00 23.41 ? 21  ILE A CG2 1 
ATOM   184 C  CD1 . ILE A 1 26 ? 0.585   0.005   4.684   1.00 23.27 ? 21  ILE A CD1 1 
ATOM   185 N  N   . GLU A 1 27 ? 1.478   2.049   0.384   1.00 23.39 ? 22  GLU A N   1 
ATOM   186 C  CA  . GLU A 1 27 ? 2.645   2.108   -0.476  1.00 24.20 ? 22  GLU A CA  1 
ATOM   187 C  C   . GLU A 1 27 ? 3.752   1.232   0.088   1.00 24.20 ? 22  GLU A C   1 
ATOM   188 O  O   . GLU A 1 27 ? 4.048   1.294   1.288   1.00 23.92 ? 22  GLU A O   1 
ATOM   189 C  CB  . GLU A 1 27 ? 3.152   3.555   -0.576  1.00 24.17 ? 22  GLU A CB  1 
ATOM   190 C  CG  . GLU A 1 27 ? 4.287   3.745   -1.571  1.00 26.57 ? 22  GLU A CG  1 
ATOM   191 C  CD  . GLU A 1 27 ? 5.035   5.053   -1.345  1.00 29.50 ? 22  GLU A CD  1 
ATOM   192 O  OE1 . GLU A 1 27 ? 5.322   5.382   -0.176  1.00 31.92 ? 22  GLU A OE1 1 
ATOM   193 O  OE2 . GLU A 1 27 ? 5.354   5.732   -2.337  1.00 31.92 ? 22  GLU A OE2 1 
ATOM   194 N  N   . CYS A 1 28 ? 4.353   0.413   -0.768  1.00 23.42 ? 23  CYS A N   1 
ATOM   195 C  CA  . CYS A 1 28 ? 5.570   -0.288  -0.390  1.00 23.34 ? 23  CYS A CA  1 
ATOM   196 C  C   . CYS A 1 28 ? 6.748   0.689   -0.435  1.00 23.66 ? 23  CYS A C   1 
ATOM   197 O  O   . CYS A 1 28 ? 7.026   1.295   -1.470  1.00 22.31 ? 23  CYS A O   1 
ATOM   198 C  CB  . CYS A 1 28 ? 5.832   -1.478  -1.322  1.00 24.04 ? 23  CYS A CB  1 
ATOM   199 S  SG  . CYS A 1 28 ? 7.401   -2.289  -0.973  1.00 22.38 ? 23  CYS A SG  1 
ATOM   200 N  N   . ASP A 1 29 ? 7.452   0.820   0.683   1.00 23.54 ? 24  ASP A N   1 
ATOM   201 C  CA  . ASP A 1 29 ? 8.562   1.773   0.769   1.00 24.13 ? 24  ASP A CA  1 
ATOM   202 C  C   . ASP A 1 29 ? 9.730   1.404   -0.146  1.00 24.26 ? 24  ASP A C   1 
ATOM   203 O  O   . ASP A 1 29 ? 10.548  2.263   -0.496  1.00 24.97 ? 24  ASP A O   1 
ATOM   204 C  CB  . ASP A 1 29 ? 9.050   1.913   2.212   1.00 23.85 ? 24  ASP A CB  1 
ATOM   205 C  CG  . ASP A 1 29 ? 10.012  3.086   2.389   1.00 26.41 ? 24  ASP A CG  1 
ATOM   206 O  OD1 . ASP A 1 29 ? 9.672   4.227   1.978   1.00 25.81 ? 24  ASP A OD1 1 
ATOM   207 O  OD2 . ASP A 1 29 ? 11.118  2.859   2.922   1.00 29.86 ? 24  ASP A OD2 1 
ATOM   208 N  N   . ALA A 1 30 ? 9.802   0.133   -0.534  1.00 24.37 ? 25  ALA A N   1 
ATOM   209 C  CA  . ALA A 1 30 ? 10.909  -0.347  -1.368  1.00 24.80 ? 25  ALA A CA  1 
ATOM   210 C  C   . ALA A 1 30 ? 10.658  -0.126  -2.856  1.00 25.03 ? 25  ALA A C   1 
ATOM   211 O  O   . ALA A 1 30 ? 11.394  0.635   -3.507  1.00 25.62 ? 25  ALA A O   1 
ATOM   212 C  CB  . ALA A 1 30 ? 11.235  -1.831  -1.064  1.00 24.95 ? 25  ALA A CB  1 
ATOM   213 N  N   . CYS A 1 31 ? 9.630   -0.779  -3.406  1.00 24.62 ? 26  CYS A N   1 
ATOM   214 C  CA  . CYS A 1 31 ? 9.372   -0.706  -4.849  1.00 24.39 ? 26  CYS A CA  1 
ATOM   215 C  C   . CYS A 1 31 ? 8.531   0.513   -5.249  1.00 24.25 ? 26  CYS A C   1 
ATOM   216 O  O   . CYS A 1 31 ? 8.403   0.826   -6.446  1.00 24.12 ? 26  CYS A O   1 
ATOM   217 C  CB  . CYS A 1 31 ? 8.719   -2.001  -5.351  1.00 24.31 ? 26  CYS A CB  1 
ATOM   218 S  SG  . CYS A 1 31 ? 7.060   -2.316  -4.716  1.00 25.68 ? 26  CYS A SG  1 
ATOM   219 N  N   . LYS A 1 32 ? 7.936   1.173   -4.248  1.00 23.58 ? 27  LYS A N   1 
ATOM   220 C  CA  . LYS A 1 32 ? 7.109   2.383   -4.441  1.00 23.80 ? 27  LYS A CA  1 
ATOM   221 C  C   . LYS A 1 32 ? 5.785   2.135   -5.188  1.00 24.21 ? 27  LYS A C   1 
ATOM   222 O  O   . LYS A 1 32 ? 5.095   3.086   -5.587  1.00 25.25 ? 27  LYS A O   1 
ATOM   223 C  CB  . LYS A 1 32 ? 7.907   3.530   -5.112  1.00 23.70 ? 27  LYS A CB  1 
ATOM   224 C  CG  . LYS A 1 32 ? 9.234   3.892   -4.443  1.00 23.00 ? 27  LYS A CG  1 
ATOM   225 C  CD  . LYS A 1 32 ? 9.041   4.274   -2.966  1.00 22.45 ? 27  LYS A CD  1 
ATOM   226 C  CE  . LYS A 1 32 ? 10.310  4.865   -2.394  1.00 24.08 ? 27  LYS A CE  1 
ATOM   227 N  NZ  . LYS A 1 32 ? 10.192  5.100   -0.930  1.00 23.15 ? 27  LYS A NZ  1 
ATOM   228 N  N   . ASP A 1 33 ? 5.423   0.869   -5.369  1.00 23.88 ? 28  ASP A N   1 
ATOM   229 C  CA  . ASP A 1 33 ? 4.110   0.553   -5.930  1.00 23.53 ? 28  ASP A CA  1 
ATOM   230 C  C   . ASP A 1 33 ? 3.111   0.650   -4.782  1.00 23.56 ? 28  ASP A C   1 
ATOM   231 O  O   . ASP A 1 33 ? 3.504   0.734   -3.604  1.00 23.78 ? 28  ASP A O   1 
ATOM   232 C  CB  . ASP A 1 33 ? 4.106   -0.841  -6.573  1.00 23.77 ? 28  ASP A CB  1 
ATOM   233 C  CG  . ASP A 1 33 ? 3.069   -0.979  -7.697  1.00 24.08 ? 28  ASP A CG  1 
ATOM   234 O  OD1 . ASP A 1 33 ? 2.055   -0.247  -7.705  1.00 23.35 ? 28  ASP A OD1 1 
ATOM   235 O  OD2 . ASP A 1 33 ? 3.261   -1.848  -8.572  1.00 27.08 ? 28  ASP A OD2 1 
ATOM   236 N  N   . TRP A 1 34 ? 1.827   0.658   -5.131  1.00 23.30 ? 29  TRP A N   1 
ATOM   237 C  CA  . TRP A 1 34 ? 0.745   0.750   -4.161  1.00 23.05 ? 29  TRP A CA  1 
ATOM   238 C  C   . TRP A 1 34 ? -0.084  -0.509  -4.183  1.00 22.93 ? 29  TRP A C   1 
ATOM   239 O  O   . TRP A 1 34 ? -0.250  -1.118  -5.240  1.00 21.98 ? 29  TRP A O   1 
ATOM   240 C  CB  . TRP A 1 34 ? -0.141  1.945   -4.485  1.00 23.42 ? 29  TRP A CB  1 
ATOM   241 C  CG  . TRP A 1 34 ? 0.554   3.253   -4.267  1.00 23.33 ? 29  TRP A CG  1 
ATOM   242 C  CD1 . TRP A 1 34 ? 1.456   3.874   -5.104  1.00 24.04 ? 29  TRP A CD1 1 
ATOM   243 C  CD2 . TRP A 1 34 ? 0.415   4.096   -3.125  1.00 23.24 ? 29  TRP A CD2 1 
ATOM   244 N  NE1 . TRP A 1 34 ? 1.877   5.057   -4.537  1.00 24.31 ? 29  TRP A NE1 1 
ATOM   245 C  CE2 . TRP A 1 34 ? 1.256   5.215   -3.323  1.00 23.75 ? 29  TRP A CE2 1 
ATOM   246 C  CE3 . TRP A 1 34 ? -0.335  4.007   -1.938  1.00 24.31 ? 29  TRP A CE3 1 
ATOM   247 C  CZ2 . TRP A 1 34 ? 1.353   6.252   -2.388  1.00 24.49 ? 29  TRP A CZ2 1 
ATOM   248 C  CZ3 . TRP A 1 34 ? -0.236  5.044   -1.010  1.00 24.26 ? 29  TRP A CZ3 1 
ATOM   249 C  CH2 . TRP A 1 34 ? 0.602   6.148   -1.246  1.00 24.51 ? 29  TRP A CH2 1 
ATOM   250 N  N   . PHE A 1 35 ? -0.615  -0.884  -3.017  1.00 21.88 ? 30  PHE A N   1 
ATOM   251 C  CA  . PHE A 1 35 ? -1.247  -2.196  -2.837  1.00 22.86 ? 30  PHE A CA  1 
ATOM   252 C  C   . PHE A 1 35 ? -2.586  -2.089  -2.128  1.00 22.75 ? 30  PHE A C   1 
ATOM   253 O  O   . PHE A 1 35 ? -2.693  -1.409  -1.104  1.00 22.54 ? 30  PHE A O   1 
ATOM   254 C  CB  . PHE A 1 35 ? -0.300  -3.121  -2.055  1.00 22.88 ? 30  PHE A CB  1 
ATOM   255 C  CG  . PHE A 1 35 ? 0.971   -3.410  -2.795  1.00 22.78 ? 30  PHE A CG  1 
ATOM   256 C  CD1 . PHE A 1 35 ? 1.047   -4.500  -3.657  1.00 23.41 ? 30  PHE A CD1 1 
ATOM   257 C  CD2 . PHE A 1 35 ? 2.071   -2.545  -2.695  1.00 23.06 ? 30  PHE A CD2 1 
ATOM   258 C  CE1 . PHE A 1 35 ? 2.200   -4.745  -4.391  1.00 23.96 ? 30  PHE A CE1 1 
ATOM   259 C  CE2 . PHE A 1 35 ? 3.235   -2.783  -3.437  1.00 22.72 ? 30  PHE A CE2 1 
ATOM   260 C  CZ  . PHE A 1 35 ? 3.295   -3.887  -4.280  1.00 23.97 ? 30  PHE A CZ  1 
ATOM   261 N  N   . HIS A 1 36 ? -3.617  -2.738  -2.678  1.00 23.01 ? 31  HIS A N   1 
ATOM   262 C  CA  . HIS A 1 36 ? -4.898  -2.817  -1.999  1.00 23.24 ? 31  HIS A CA  1 
ATOM   263 C  C   . HIS A 1 36 ? -4.691  -3.614  -0.729  1.00 23.69 ? 31  HIS A C   1 
ATOM   264 O  O   . HIS A 1 36 ? -4.092  -4.692  -0.765  1.00 23.37 ? 31  HIS A O   1 
ATOM   265 C  CB  . HIS A 1 36 ? -5.946  -3.553  -2.846  1.00 23.07 ? 31  HIS A CB  1 
ATOM   266 C  CG  . HIS A 1 36 ? -6.317  -2.846  -4.113  1.00 23.42 ? 31  HIS A CG  1 
ATOM   267 N  ND1 . HIS A 1 36 ? -5.993  -3.342  -5.359  1.00 23.64 ? 31  HIS A ND1 1 
ATOM   268 C  CD2 . HIS A 1 36 ? -6.998  -1.694  -4.330  1.00 23.42 ? 31  HIS A CD2 1 
ATOM   269 C  CE1 . HIS A 1 36 ? -6.456  -2.524  -6.289  1.00 24.63 ? 31  HIS A CE1 1 
ATOM   270 N  NE2 . HIS A 1 36 ? -7.063  -1.513  -5.692  1.00 22.95 ? 31  HIS A NE2 1 
ATOM   271 N  N   . GLY A 1 37 ? -5.174  -3.089  0.392   1.00 23.96 ? 32  GLY A N   1 
ATOM   272 C  CA  . GLY A 1 37 ? -5.102  -3.827  1.651   1.00 25.15 ? 32  GLY A CA  1 
ATOM   273 C  C   . GLY A 1 37 ? -5.678  -5.225  1.496   1.00 25.81 ? 32  GLY A C   1 
ATOM   274 O  O   . GLY A 1 37 ? -5.124  -6.197  2.021   1.00 26.24 ? 32  GLY A O   1 
ATOM   275 N  N   . SER A 1 38 ? -6.775  -5.337  0.747   1.00 25.97 ? 33  SER A N   1 
ATOM   276 C  CA  . SER A 1 38 ? -7.426  -6.639  0.542   1.00 26.27 ? 33  SER A CA  1 
ATOM   277 C  C   . SER A 1 38 ? -6.585  -7.614  -0.291  1.00 26.16 ? 33  SER A C   1 
ATOM   278 O  O   . SER A 1 38 ? -6.747  -8.829  -0.168  1.00 25.83 ? 33  SER A O   1 
ATOM   279 C  CB  . SER A 1 38 ? -8.832  -6.479  -0.053  1.00 26.62 ? 33  SER A CB  1 
ATOM   280 O  OG  . SER A 1 38 ? -8.804  -5.687  -1.217  1.00 27.80 ? 33  SER A OG  1 
ATOM   281 N  N   . CYS A 1 39 ? -5.689  -7.083  -1.125  1.00 25.79 ? 34  CYS A N   1 
ATOM   282 C  CA  . CYS A 1 39 ? -4.808  -7.914  -1.963  1.00 25.70 ? 34  CYS A CA  1 
ATOM   283 C  C   . CYS A 1 39 ? -3.574  -8.420  -1.214  1.00 26.18 ? 34  CYS A C   1 
ATOM   284 O  O   . CYS A 1 39 ? -2.991  -9.445  -1.588  1.00 26.83 ? 34  CYS A O   1 
ATOM   285 C  CB  . CYS A 1 39 ? -4.370  -7.147  -3.221  1.00 25.55 ? 34  CYS A CB  1 
ATOM   286 S  SG  . CYS A 1 39 ? -5.679  -6.927  -4.440  1.00 23.99 ? 34  CYS A SG  1 
ATOM   287 N  N   . VAL A 1 40 ? -3.166  -7.699  -0.175  1.00 25.84 ? 35  VAL A N   1 
ATOM   288 C  CA  . VAL A 1 40 ? -1.934  -8.035  0.545   1.00 26.21 ? 35  VAL A CA  1 
ATOM   289 C  C   . VAL A 1 40 ? -2.135  -8.344  2.036   1.00 26.49 ? 35  VAL A C   1 
ATOM   290 O  O   . VAL A 1 40 ? -1.157  -8.510  2.773   1.00 26.73 ? 35  VAL A O   1 
ATOM   291 C  CB  . VAL A 1 40 ? -0.855  -6.931  0.398   1.00 25.90 ? 35  VAL A CB  1 
ATOM   292 C  CG1 . VAL A 1 40 ? -0.380  -6.806  -1.059  1.00 25.45 ? 35  VAL A CG1 1 
ATOM   293 C  CG2 . VAL A 1 40 ? -1.363  -5.595  0.954   1.00 25.30 ? 35  VAL A CG2 1 
ATOM   294 N  N   . GLY A 1 41 ? -3.390  -8.418  2.475   1.00 26.79 ? 36  GLY A N   1 
ATOM   295 C  CA  . GLY A 1 41 ? -3.697  -8.765  3.868   1.00 27.42 ? 36  GLY A CA  1 
ATOM   296 C  C   . GLY A 1 41 ? -3.408  -7.678  4.890   1.00 27.77 ? 36  GLY A C   1 
ATOM   297 O  O   . GLY A 1 41 ? -2.960  -7.965  6.001   1.00 27.68 ? 36  GLY A O   1 
ATOM   298 N  N   . VAL A 1 42 ? -3.675  -6.428  4.523   1.00 27.68 ? 37  VAL A N   1 
ATOM   299 C  CA  . VAL A 1 42 ? -3.515  -5.303  5.438   1.00 27.94 ? 37  VAL A CA  1 
ATOM   300 C  C   . VAL A 1 42 ? -4.865  -4.607  5.596   1.00 28.56 ? 37  VAL A C   1 
ATOM   301 O  O   . VAL A 1 42 ? -5.465  -4.183  4.614   1.00 28.51 ? 37  VAL A O   1 
ATOM   302 C  CB  . VAL A 1 42 ? -2.453  -4.280  4.921   1.00 27.94 ? 37  VAL A CB  1 
ATOM   303 C  CG1 . VAL A 1 42 ? -2.388  -3.052  5.838   1.00 27.48 ? 37  VAL A CG1 1 
ATOM   304 C  CG2 . VAL A 1 42 ? -1.062  -4.929  4.798   1.00 27.03 ? 37  VAL A CG2 1 
ATOM   305 N  N   . GLU A 1 43 ? -5.343  -4.489  6.832   1.00 29.19 ? 38  GLU A N   1 
ATOM   306 C  CA  . GLU A 1 43 ? -6.608  -3.807  7.108   1.00 29.93 ? 38  GLU A CA  1 
ATOM   307 C  C   . GLU A 1 43 ? -6.373  -2.311  7.218   1.00 29.69 ? 38  GLU A C   1 
ATOM   308 O  O   . GLU A 1 43 ? -5.346  -1.890  7.750   1.00 30.01 ? 38  GLU A O   1 
ATOM   309 C  CB  . GLU A 1 43 ? -7.233  -4.340  8.403   1.00 30.48 ? 38  GLU A CB  1 
ATOM   310 C  CG  . GLU A 1 43 ? -7.491  -5.832  8.366   1.00 33.28 ? 38  GLU A CG  1 
ATOM   311 C  CD  . GLU A 1 43 ? -8.326  -6.320  9.529   1.00 37.85 ? 38  GLU A CD  1 
ATOM   312 O  OE1 . GLU A 1 43 ? -8.264  -5.711  10.623  1.00 39.76 ? 38  GLU A OE1 1 
ATOM   313 O  OE2 . GLU A 1 43 ? -9.042  -7.331  9.346   1.00 40.00 ? 38  GLU A OE2 1 
ATOM   314 N  N   . GLU A 1 44 ? -7.311  -1.511  6.711   1.00 29.44 ? 39  GLU A N   1 
ATOM   315 C  CA  . GLU A 1 44 ? -7.175  -0.051  6.745   1.00 29.96 ? 39  GLU A CA  1 
ATOM   316 C  C   . GLU A 1 44 ? -6.907  0.441   8.168   1.00 30.11 ? 39  GLU A C   1 
ATOM   317 O  O   . GLU A 1 44 ? -6.058  1.301   8.382   1.00 29.61 ? 39  GLU A O   1 
ATOM   318 C  CB  . GLU A 1 44 ? -8.400  0.651   6.126   1.00 29.66 ? 39  GLU A CB  1 
ATOM   319 C  CG  . GLU A 1 44 ? -8.324  2.186   6.159   1.00 30.16 ? 39  GLU A CG  1 
ATOM   320 C  CD  . GLU A 1 44 ? -9.293  2.880   5.207   1.00 30.74 ? 39  GLU A CD  1 
ATOM   321 O  OE1 . GLU A 1 44 ? -10.184 2.206   4.643   1.00 32.39 ? 39  GLU A OE1 1 
ATOM   322 O  OE2 . GLU A 1 44 ? -9.159  4.113   5.019   1.00 31.68 ? 39  GLU A OE2 1 
ATOM   323 N  N   . GLU A 1 45 ? -7.612  -0.147  9.131   1.00 30.35 ? 40  GLU A N   1 
ATOM   324 C  CA  . GLU A 1 45 ? -7.490  0.246   10.536  1.00 31.15 ? 40  GLU A CA  1 
ATOM   325 C  C   . GLU A 1 45 ? -6.177  -0.179  11.211  1.00 30.88 ? 40  GLU A C   1 
ATOM   326 O  O   . GLU A 1 45 ? -5.824  0.349   12.274  1.00 31.17 ? 40  GLU A O   1 
ATOM   327 C  CB  . GLU A 1 45 ? -8.718  -0.223  11.338  1.00 31.91 ? 40  GLU A CB  1 
ATOM   328 C  CG  . GLU A 1 45 ? -10.075 0.323   10.825  1.00 35.51 ? 40  GLU A CG  1 
ATOM   329 C  CD  . GLU A 1 45 ? -10.071 1.823   10.475  1.00 41.28 ? 40  GLU A CD  1 
ATOM   330 O  OE1 . GLU A 1 45 ? -9.353  2.610   11.137  1.00 43.82 ? 40  GLU A OE1 1 
ATOM   331 O  OE2 . GLU A 1 45 ? -10.802 2.222   9.536   1.00 43.09 ? 40  GLU A OE2 1 
ATOM   332 N  N   . GLU A 1 46 ? -5.450  -1.116  10.601  1.00 30.55 ? 41  GLU A N   1 
ATOM   333 C  CA  . GLU A 1 46 ? -4.161  -1.559  11.142  1.00 30.35 ? 41  GLU A CA  1 
ATOM   334 C  C   . GLU A 1 46 ? -3.004  -0.748  10.571  1.00 28.71 ? 41  GLU A C   1 
ATOM   335 O  O   . GLU A 1 46 ? -1.927  -0.680  11.167  1.00 27.51 ? 41  GLU A O   1 
ATOM   336 C  CB  . GLU A 1 46 ? -3.941  -3.062  10.897  1.00 30.88 ? 41  GLU A CB  1 
ATOM   337 C  CG  . GLU A 1 46 ? -3.152  -3.413  9.634   1.00 33.54 ? 41  GLU A CG  1 
ATOM   338 C  CD  . GLU A 1 46 ? -3.087  -4.907  9.359   1.00 33.76 ? 41  GLU A CD  1 
ATOM   339 O  OE1 . GLU A 1 46 ? -4.147  -5.522  9.104   1.00 35.65 ? 41  GLU A OE1 1 
ATOM   340 O  OE2 . GLU A 1 46 ? -1.959  -5.459  9.385   1.00 40.12 ? 41  GLU A OE2 1 
ATOM   341 N  N   . ALA A 1 47 ? -3.230  -0.127  9.410   1.00 27.35 ? 42  ALA A N   1 
ATOM   342 C  CA  . ALA A 1 47 ? -2.151  0.557   8.704   1.00 26.78 ? 42  ALA A CA  1 
ATOM   343 C  C   . ALA A 1 47 ? -1.472  1.712   9.460   1.00 26.14 ? 42  ALA A C   1 
ATOM   344 O  O   . ALA A 1 47 ? -0.256  1.887   9.320   1.00 26.32 ? 42  ALA A O   1 
ATOM   345 C  CB  . ALA A 1 47 ? -2.614  1.008   7.312   1.00 26.61 ? 42  ALA A CB  1 
ATOM   346 N  N   . PRO A 1 48 ? -2.232  2.499   10.255  1.00 26.27 ? 43  PRO A N   1 
ATOM   347 C  CA  . PRO A 1 48 ? -1.584  3.563   11.028  1.00 25.65 ? 43  PRO A CA  1 
ATOM   348 C  C   . PRO A 1 48 ? -0.469  3.078   11.946  1.00 25.98 ? 43  PRO A C   1 
ATOM   349 O  O   . PRO A 1 48 ? 0.399   3.877   12.307  1.00 26.03 ? 43  PRO A O   1 
ATOM   350 C  CB  . PRO A 1 48 ? -2.738  4.138   11.851  1.00 26.57 ? 43  PRO A CB  1 
ATOM   351 C  CG  . PRO A 1 48 ? -3.922  3.911   10.991  1.00 26.49 ? 43  PRO A CG  1 
ATOM   352 C  CD  . PRO A 1 48 ? -3.690  2.515   10.478  1.00 25.58 ? 43  PRO A CD  1 
ATOM   353 N  N   . ASP A 1 49 ? -0.493  1.801   12.330  1.00 25.50 ? 44  ASP A N   1 
ATOM   354 C  CA  . ASP A 1 49 ? 0.598   1.239   13.126  1.00 25.44 ? 44  ASP A CA  1 
ATOM   355 C  C   . ASP A 1 49 ? 1.820   0.764   12.327  1.00 25.66 ? 44  ASP A C   1 
ATOM   356 O  O   . ASP A 1 49 ? 2.874   0.492   12.910  1.00 25.75 ? 44  ASP A O   1 
ATOM   357 C  CB  . ASP A 1 49 ? 0.082   0.125   14.038  1.00 25.38 ? 44  ASP A CB  1 
ATOM   358 C  CG  . ASP A 1 49 ? -0.664  0.669   15.224  1.00 25.48 ? 44  ASP A CG  1 
ATOM   359 O  OD1 . ASP A 1 49 ? -0.095  1.527   15.942  1.00 23.76 ? 44  ASP A OD1 1 
ATOM   360 O  OD2 . ASP A 1 49 ? -1.812  0.240   15.434  1.00 25.78 ? 44  ASP A OD2 1 
ATOM   361 N  N   . ILE A 1 50 ? 1.691   0.670   11.004  1.00 25.31 ? 45  ILE A N   1 
ATOM   362 C  CA  . ILE A 1 50 ? 2.821   0.265   10.179  1.00 24.90 ? 45  ILE A CA  1 
ATOM   363 C  C   . ILE A 1 50 ? 3.763   1.449   9.921   1.00 25.19 ? 45  ILE A C   1 
ATOM   364 O  O   . ILE A 1 50 ? 3.345   2.518   9.474   1.00 25.22 ? 45  ILE A O   1 
ATOM   365 C  CB  . ILE A 1 50 ? 2.367   -0.434  8.846   1.00 25.09 ? 45  ILE A CB  1 
ATOM   366 C  CG1 . ILE A 1 50 ? 1.449   -1.633  9.170   1.00 24.53 ? 45  ILE A CG1 1 
ATOM   367 C  CG2 . ILE A 1 50 ? 3.599   -0.860  8.015   1.00 25.34 ? 45  ILE A CG2 1 
ATOM   368 C  CD1 . ILE A 1 50 ? 0.652   -2.179  7.974   1.00 25.18 ? 45  ILE A CD1 1 
ATOM   369 N  N   . ASP A 1 51 ? 5.038   1.252   10.237  1.00 25.22 ? 46  ASP A N   1 
ATOM   370 C  CA  . ASP A 1 51 ? 6.057   2.250   9.971   1.00 25.78 ? 46  ASP A CA  1 
ATOM   371 C  C   . ASP A 1 51 ? 6.538   2.061   8.536   1.00 26.12 ? 46  ASP A C   1 
ATOM   372 O  O   . ASP A 1 51 ? 6.098   2.784   7.645   1.00 26.03 ? 46  ASP A O   1 
ATOM   373 C  CB  . ASP A 1 51 ? 7.215   2.116   10.981  1.00 25.73 ? 46  ASP A CB  1 
ATOM   374 C  CG  . ASP A 1 51 ? 8.290   3.187   10.801  1.00 27.49 ? 46  ASP A CG  1 
ATOM   375 O  OD1 . ASP A 1 51 ? 9.371   3.035   11.412  1.00 27.86 ? 46  ASP A OD1 1 
ATOM   376 O  OD2 . ASP A 1 51 ? 8.061   4.176   10.065  1.00 29.90 ? 46  ASP A OD2 1 
ATOM   377 N  N   . ILE A 1 52 ? 7.429   1.088   8.316   1.00 26.38 ? 47  ILE A N   1 
ATOM   378 C  CA  . ILE A 1 52 ? 7.899   0.778   6.962   1.00 26.80 ? 47  ILE A CA  1 
ATOM   379 C  C   . ILE A 1 52 ? 7.121   -0.411  6.412   1.00 25.95 ? 47  ILE A C   1 
ATOM   380 O  O   . ILE A 1 52 ? 7.245   -1.526  6.925   1.00 25.95 ? 47  ILE A O   1 
ATOM   381 C  CB  . ILE A 1 52 ? 9.424   0.486   6.904   1.00 26.74 ? 47  ILE A CB  1 
ATOM   382 C  CG1 . ILE A 1 52 ? 10.223  1.664   7.484   1.00 27.82 ? 47  ILE A CG1 1 
ATOM   383 C  CG2 . ILE A 1 52 ? 9.846   0.190   5.437   1.00 26.89 ? 47  ILE A CG2 1 
ATOM   384 C  CD1 . ILE A 1 52 ? 11.735  1.418   7.654   1.00 28.74 ? 47  ILE A CD1 1 
ATOM   385 N  N   . TYR A 1 53 ? 6.325   -0.171  5.371   1.00 25.25 ? 48  TYR A N   1 
ATOM   386 C  CA  . TYR A 1 53 ? 5.604   -1.243  4.698   1.00 24.39 ? 48  TYR A CA  1 
ATOM   387 C  C   . TYR A 1 53 ? 6.415   -1.825  3.547   1.00 23.97 ? 48  TYR A C   1 
ATOM   388 O  O   . TYR A 1 53 ? 6.906   -1.088  2.688   1.00 23.75 ? 48  TYR A O   1 
ATOM   389 C  CB  . TYR A 1 53 ? 4.220   -0.806  4.188   1.00 24.66 ? 48  TYR A CB  1 
ATOM   390 C  CG  . TYR A 1 53 ? 3.536   -1.957  3.489   1.00 24.78 ? 48  TYR A CG  1 
ATOM   391 C  CD1 . TYR A 1 53 ? 3.068   -3.056  4.229   1.00 24.14 ? 48  TYR A CD1 1 
ATOM   392 C  CD2 . TYR A 1 53 ? 3.409   -1.989  2.096   1.00 23.57 ? 48  TYR A CD2 1 
ATOM   393 C  CE1 . TYR A 1 53 ? 2.483   -4.146  3.607   1.00 25.52 ? 48  TYR A CE1 1 
ATOM   394 C  CE2 . TYR A 1 53 ? 2.817   -3.099  1.452   1.00 23.76 ? 48  TYR A CE2 1 
ATOM   395 C  CZ  . TYR A 1 53 ? 2.357   -4.164  2.222   1.00 24.82 ? 48  TYR A CZ  1 
ATOM   396 O  OH  . TYR A 1 53 ? 1.775   -5.265  1.625   1.00 25.44 ? 48  TYR A OH  1 
ATOM   397 N  N   . HIS A 1 54 ? 6.567   -3.148  3.558   1.00 23.57 ? 49  HIS A N   1 
ATOM   398 C  CA  . HIS A 1 54 ? 7.121   -3.877  2.422   1.00 24.13 ? 49  HIS A CA  1 
ATOM   399 C  C   . HIS A 1 54 ? 6.085   -4.867  1.902   1.00 24.56 ? 49  HIS A C   1 
ATOM   400 O  O   . HIS A 1 54 ? 5.519   -5.649  2.675   1.00 24.31 ? 49  HIS A O   1 
ATOM   401 C  CB  . HIS A 1 54 ? 8.417   -4.605  2.802   1.00 24.41 ? 49  HIS A CB  1 
ATOM   402 C  CG  . HIS A 1 54 ? 9.586   -3.690  3.008   1.00 24.45 ? 49  HIS A CG  1 
ATOM   403 N  ND1 . HIS A 1 54 ? 10.710  -4.066  3.711   1.00 25.79 ? 49  HIS A ND1 1 
ATOM   404 C  CD2 . HIS A 1 54 ? 9.812   -2.420  2.588   1.00 25.43 ? 49  HIS A CD2 1 
ATOM   405 C  CE1 . HIS A 1 54 ? 11.578  -3.069  3.718   1.00 26.09 ? 49  HIS A CE1 1 
ATOM   406 N  NE2 . HIS A 1 54 ? 11.056  -2.057  3.047   1.00 26.15 ? 49  HIS A NE2 1 
ATOM   407 N  N   . CYS A 1 55 ? 5.840   -4.820  0.596   1.00 24.77 ? 50  CYS A N   1 
ATOM   408 C  CA  . CYS A 1 55 ? 4.908   -5.744  -0.042  1.00 25.85 ? 50  CYS A CA  1 
ATOM   409 C  C   . CYS A 1 55 ? 5.454   -7.184  0.020   1.00 26.75 ? 50  CYS A C   1 
ATOM   410 O  O   . CYS A 1 55 ? 6.648   -7.386  0.259   1.00 26.25 ? 50  CYS A O   1 
ATOM   411 C  CB  . CYS A 1 55 ? 4.666   -5.309  -1.486  1.00 25.53 ? 50  CYS A CB  1 
ATOM   412 S  SG  . CYS A 1 55 ? 6.067   -5.547  -2.607  1.00 25.45 ? 50  CYS A SG  1 
ATOM   413 N  N   . PRO A 1 56 ? 4.577   -8.190  -0.182  1.00 27.89 ? 51  PRO A N   1 
ATOM   414 C  CA  . PRO A 1 56 ? 4.996   -9.594  -0.142  1.00 28.74 ? 51  PRO A CA  1 
ATOM   415 C  C   . PRO A 1 56 ? 6.202   -9.915  -1.031  1.00 29.33 ? 51  PRO A C   1 
ATOM   416 O  O   . PRO A 1 56 ? 7.057   -10.702 -0.628  1.00 30.25 ? 51  PRO A O   1 
ATOM   417 C  CB  . PRO A 1 56 ? 3.739   -10.340 -0.609  1.00 29.01 ? 51  PRO A CB  1 
ATOM   418 C  CG  . PRO A 1 56 ? 2.618   -9.470  -0.103  1.00 28.57 ? 51  PRO A CG  1 
ATOM   419 C  CD  . PRO A 1 56 ? 3.124   -8.068  -0.416  1.00 27.93 ? 51  PRO A CD  1 
ATOM   420 N  N   . ASN A 1 57 ? 6.296   -9.299  -2.204  1.00 30.00 ? 52  ASN A N   1 
ATOM   421 C  CA  . ASN A 1 57 ? 7.469   -9.510  -3.068  1.00 30.88 ? 52  ASN A CA  1 
ATOM   422 C  C   . ASN A 1 57 ? 8.744   -8.891  -2.492  1.00 30.36 ? 52  ASN A C   1 
ATOM   423 O  O   . ASN A 1 57 ? 9.786   -9.553  -2.422  1.00 30.82 ? 52  ASN A O   1 
ATOM   424 C  CB  . ASN A 1 57 ? 7.202   -9.019  -4.492  1.00 31.20 ? 52  ASN A CB  1 
ATOM   425 C  CG  . ASN A 1 57 ? 6.231   -9.922  -5.247  1.00 34.07 ? 52  ASN A CG  1 
ATOM   426 O  OD1 . ASN A 1 57 ? 6.301   -11.155 -5.155  1.00 37.52 ? 52  ASN A OD1 1 
ATOM   427 N  ND2 . ASN A 1 57 ? 5.323   -9.313  -6.002  1.00 36.34 ? 52  ASN A ND2 1 
ATOM   428 N  N   . CYS A 1 58 ? 8.656   -7.640  -2.041  1.00 29.58 ? 53  CYS A N   1 
ATOM   429 C  CA  . CYS A 1 58 ? 9.824   -6.944  -1.476  1.00 29.19 ? 53  CYS A CA  1 
ATOM   430 C  C   . CYS A 1 58 ? 10.300  -7.471  -0.122  1.00 29.84 ? 53  CYS A C   1 
ATOM   431 O  O   . CYS A 1 58 ? 11.477  -7.324  0.215   1.00 29.16 ? 53  CYS A O   1 
ATOM   432 C  CB  . CYS A 1 58 ? 9.573   -5.440  -1.389  1.00 28.27 ? 53  CYS A CB  1 
ATOM   433 S  SG  . CYS A 1 58 ? 9.580   -4.642  -3.002  1.00 26.19 ? 53  CYS A SG  1 
ATOM   434 N  N   . GLU A 1 59 ? 9.390   -8.077  0.644   1.00 30.80 ? 54  GLU A N   1 
ATOM   435 C  CA  . GLU A 1 59 ? 9.729   -8.710  1.921   1.00 32.48 ? 54  GLU A CA  1 
ATOM   436 C  C   . GLU A 1 59 ? 10.938  -9.624  1.779   1.00 32.62 ? 54  GLU A C   1 
ATOM   437 O  O   . GLU A 1 59 ? 11.839  -9.634  2.623   1.00 32.96 ? 54  GLU A O   1 
ATOM   438 C  CB  . GLU A 1 59 ? 8.581   -9.594  2.399   1.00 32.84 ? 54  GLU A CB  1 
ATOM   439 C  CG  . GLU A 1 59 ? 7.425   -8.905  3.036   1.00 36.89 ? 54  GLU A CG  1 
ATOM   440 C  CD  . GLU A 1 59 ? 6.399   -9.906  3.542   1.00 40.39 ? 54  GLU A CD  1 
ATOM   441 O  OE1 . GLU A 1 59 ? 6.151   -10.924 2.853   1.00 43.32 ? 54  GLU A OE1 1 
ATOM   442 O  OE2 . GLU A 1 59 ? 5.843   -9.682  4.630   1.00 41.80 ? 54  GLU A OE2 1 
ATOM   443 N  N   . LYS A 1 60 ? 10.930  -10.394 0.698   1.00 33.03 ? 55  LYS A N   1 
ATOM   444 C  CA  . LYS A 1 60 ? 11.896  -11.462 0.481   1.00 33.73 ? 55  LYS A CA  1 
ATOM   445 C  C   . LYS A 1 60 ? 13.340  -10.973 0.498   1.00 33.46 ? 55  LYS A C   1 
ATOM   446 O  O   . LYS A 1 60 ? 14.229  -11.699 0.935   1.00 34.10 ? 55  LYS A O   1 
ATOM   447 C  CB  . LYS A 1 60 ? 11.577  -12.198 -0.823  1.00 33.92 ? 55  LYS A CB  1 
ATOM   448 C  CG  . LYS A 1 60 ? 10.191  -12.834 -0.836  1.00 35.43 ? 55  LYS A CG  1 
ATOM   449 C  CD  . LYS A 1 60 ? 9.801   -13.331 -2.219  1.00 38.05 ? 55  LYS A CD  1 
ATOM   450 C  CE  . LYS A 1 60 ? 8.297   -13.570 -2.299  1.00 39.27 ? 55  LYS A CE  1 
ATOM   451 N  NZ  . LYS A 1 60 ? 7.915   -14.305 -3.536  1.00 41.42 ? 55  LYS A NZ  1 
ATOM   452 N  N   . THR A 1 61 ? 13.576  -9.743  0.042   1.00 32.94 ? 56  THR A N   1 
ATOM   453 C  CA  . THR A 1 61 ? 14.944  -9.215  0.002   1.00 32.71 ? 56  THR A CA  1 
ATOM   454 C  C   . THR A 1 61 ? 15.181  -7.997  0.896   1.00 31.84 ? 56  THR A C   1 
ATOM   455 O  O   . THR A 1 61 ? 16.317  -7.735  1.291   1.00 31.40 ? 56  THR A O   1 
ATOM   456 C  CB  . THR A 1 61 ? 15.398  -8.905  -1.437  1.00 32.81 ? 56  THR A CB  1 
ATOM   457 O  OG1 . THR A 1 61 ? 14.452  -8.037  -2.061  1.00 34.40 ? 56  THR A OG1 1 
ATOM   458 C  CG2 . THR A 1 61 ? 15.504  -10.190 -2.250  1.00 33.72 ? 56  THR A CG2 1 
ATOM   459 N  N   . HIS A 1 62 ? 14.109  -7.276  1.224   1.00 30.78 ? 57  HIS A N   1 
ATOM   460 C  CA  . HIS A 1 62 ? 14.203  -6.032  1.980   1.00 30.34 ? 57  HIS A CA  1 
ATOM   461 C  C   . HIS A 1 62 ? 13.706  -6.162  3.418   1.00 29.88 ? 57  HIS A C   1 
ATOM   462 O  O   . HIS A 1 62 ? 13.755  -5.194  4.187   1.00 29.55 ? 57  HIS A O   1 
ATOM   463 C  CB  . HIS A 1 62 ? 13.414  -4.926  1.276   1.00 30.50 ? 57  HIS A CB  1 
ATOM   464 C  CG  . HIS A 1 62 ? 13.935  -4.585  -0.082  1.00 32.07 ? 57  HIS A CG  1 
ATOM   465 N  ND1 . HIS A 1 62 ? 15.074  -3.833  -0.272  1.00 33.50 ? 57  HIS A ND1 1 
ATOM   466 C  CD2 . HIS A 1 62 ? 13.470  -4.882  -1.317  1.00 34.27 ? 57  HIS A CD2 1 
ATOM   467 C  CE1 . HIS A 1 62 ? 15.292  -3.687  -1.567  1.00 34.96 ? 57  HIS A CE1 1 
ATOM   468 N  NE2 . HIS A 1 62 ? 14.333  -4.315  -2.223  1.00 34.83 ? 57  HIS A NE2 1 
ATOM   469 N  N   . GLY A 1 63 ? 13.220  -7.349  3.772   1.00 29.39 ? 58  GLY A N   1 
ATOM   470 C  CA  . GLY A 1 63 ? 12.800  -7.635  5.137   1.00 29.32 ? 58  GLY A CA  1 
ATOM   471 C  C   . GLY A 1 63 ? 11.336  -7.343  5.391   1.00 29.21 ? 58  GLY A C   1 
ATOM   472 O  O   . GLY A 1 63 ? 10.679  -6.646  4.614   1.00 29.17 ? 58  GLY A O   1 
ATOM   473 N  N   . LYS A 1 64 ? 10.823  -7.872  6.496   1.00 28.97 ? 59  LYS A N   1 
ATOM   474 C  CA  . LYS A 1 64 ? 9.412   -7.699  6.831   1.00 29.00 ? 59  LYS A CA  1 
ATOM   475 C  C   . LYS A 1 64 ? 9.080   -6.252  7.194   1.00 27.97 ? 59  LYS A C   1 
ATOM   476 O  O   . LYS A 1 64 ? 9.959   -5.473  7.578   1.00 27.85 ? 59  LYS A O   1 
ATOM   477 C  CB  . LYS A 1 64 ? 9.002   -8.666  7.949   1.00 29.74 ? 59  LYS A CB  1 
ATOM   478 C  CG  . LYS A 1 64 ? 8.834   -10.096 7.440   1.00 31.85 ? 59  LYS A CG  1 
ATOM   479 C  CD  . LYS A 1 64 ? 8.940   -11.130 8.543   1.00 35.45 ? 59  LYS A CD  1 
ATOM   480 C  CE  . LYS A 1 64 ? 9.212   -12.499 7.941   1.00 36.63 ? 59  LYS A CE  1 
ATOM   481 N  NZ  . LYS A 1 64 ? 9.261   -13.570 8.973   1.00 39.80 ? 59  LYS A NZ  1 
ATOM   482 N  N   . SER A 1 65 ? 7.808   -5.895  7.044   1.00 26.85 ? 60  SER A N   1 
ATOM   483 C  CA  . SER A 1 65 ? 7.320   -4.578  7.449   1.00 26.01 ? 60  SER A CA  1 
ATOM   484 C  C   . SER A 1 65 ? 7.629   -4.345  8.929   1.00 25.96 ? 60  SER A C   1 
ATOM   485 O  O   . SER A 1 65 ? 7.757   -5.301  9.694   1.00 25.81 ? 60  SER A O   1 
ATOM   486 C  CB  . SER A 1 65 ? 5.810   -4.476  7.227   1.00 26.07 ? 60  SER A CB  1 
ATOM   487 O  OG  . SER A 1 65 ? 5.481   -4.620  5.857   1.00 25.34 ? 60  SER A OG  1 
ATOM   488 N  N   . THR A 1 66 ? 7.775   -3.082  9.316   1.00 25.67 ? 61  THR A N   1 
ATOM   489 C  CA  . THR A 1 66 ? 8.006   -2.742  10.728  1.00 25.74 ? 61  THR A CA  1 
ATOM   490 C  C   . THR A 1 66 ? 6.824   -1.987  11.303  1.00 25.92 ? 61  THR A C   1 
ATOM   491 O  O   . THR A 1 66 ? 6.018   -1.404  10.562  1.00 26.01 ? 61  THR A O   1 
ATOM   492 C  CB  . THR A 1 66 ? 9.266   -1.892  10.911  1.00 25.50 ? 61  THR A CB  1 
ATOM   493 O  OG1 . THR A 1 66 ? 9.163   -0.705  10.112  1.00 25.19 ? 61  THR A OG1 1 
ATOM   494 C  CG2 . THR A 1 66 ? 10.505  -2.676  10.510  1.00 26.41 ? 61  THR A CG2 1 
ATOM   495 N  N   . LEU A 1 67 ? 6.728   -1.985  12.632  1.00 25.61 ? 62  LEU A N   1 
ATOM   496 C  CA  . LEU A 1 67 ? 5.680   -1.239  13.313  1.00 25.79 ? 62  LEU A CA  1 
ATOM   497 C  C   . LEU A 1 67 ? 6.242   0.020   13.971  1.00 25.32 ? 62  LEU A C   1 
ATOM   498 O  O   . LEU A 1 67 ? 7.404   0.046   14.386  1.00 25.11 ? 62  LEU A O   1 
ATOM   499 C  CB  . LEU A 1 67 ? 4.982   -2.118  14.357  1.00 25.99 ? 62  LEU A CB  1 
ATOM   500 C  CG  . LEU A 1 67 ? 4.288   -3.393  13.850  1.00 27.57 ? 62  LEU A CG  1 
ATOM   501 C  CD1 . LEU A 1 67 ? 3.577   -4.097  14.984  1.00 30.24 ? 62  LEU A CD1 1 
ATOM   502 C  CD2 . LEU A 1 67 ? 3.316   -3.082  12.718  1.00 29.49 ? 62  LEU A CD2 1 
ATOM   503 N  N   . LYS A 1 68 ? 5.404   1.052   14.049  1.00 24.58 ? 63  LYS A N   1 
ATOM   504 C  CA  . LYS A 1 68 ? 5.730   2.285   14.776  1.00 24.36 ? 63  LYS A CA  1 
ATOM   505 C  C   . LYS A 1 68 ? 5.852   2.007   16.274  1.00 23.98 ? 63  LYS A C   1 
ATOM   506 O  O   . LYS A 1 68 ? 4.987   1.349   16.853  1.00 24.29 ? 63  LYS A O   1 
ATOM   507 C  CB  . LYS A 1 68 ? 4.641   3.340   14.549  1.00 24.26 ? 63  LYS A CB  1 
ATOM   508 C  CG  . LYS A 1 68 ? 4.534   3.809   13.098  1.00 24.26 ? 63  LYS A CG  1 
ATOM   509 C  CD  . LYS A 1 68 ? 3.454   4.879   12.939  1.00 24.18 ? 63  LYS A CD  1 
ATOM   510 C  CE  . LYS A 1 68 ? 3.312   5.318   11.470  1.00 23.95 ? 63  LYS A CE  1 
ATOM   511 N  NZ  . LYS A 1 68 ? 1.975   5.981   11.299  1.00 24.79 ? 63  LYS A NZ  1 
ATOM   512 N  N   . LYS A 1 69 ? 6.910   2.532   16.890  1.00 23.55 ? 64  LYS A N   1 
ATOM   513 C  CA  . LYS A 1 69 ? 7.140   2.368   18.329  1.00 23.78 ? 64  LYS A CA  1 
ATOM   514 C  C   . LYS A 1 69 ? 6.438   3.447   19.149  1.00 23.48 ? 64  LYS A C   1 
ATOM   515 O  O   . LYS A 1 69 ? 6.342   3.351   20.379  1.00 22.54 ? 64  LYS A O   1 
ATOM   516 C  CB  . LYS A 1 69 ? 8.641   2.377   18.636  1.00 24.10 ? 64  LYS A CB  1 
ATOM   517 C  CG  . LYS A 1 69 ? 9.449   1.389   17.810  1.00 26.91 ? 64  LYS A CG  1 
ATOM   518 C  CD  . LYS A 1 69 ? 10.909  1.419   18.227  1.00 30.45 ? 64  LYS A CD  1 
ATOM   519 C  CE  . LYS A 1 69 ? 11.679  0.251   17.632  1.00 32.50 ? 64  LYS A CE  1 
ATOM   520 N  NZ  . LYS A 1 69 ? 13.069  0.203   18.193  1.00 34.92 ? 64  LYS A NZ  1 
ATOM   521 N  N   . LYS A 1 70 ? 5.945   4.476   18.462  1.00 23.71 ? 65  LYS A N   1 
ATOM   522 C  CA  . LYS A 1 70 ? 5.214   5.563   19.113  1.00 24.38 ? 65  LYS A CA  1 
ATOM   523 C  C   . LYS A 1 70 ? 4.116   6.048   18.176  1.00 23.95 ? 65  LYS A C   1 
ATOM   524 O  O   . LYS A 1 70 ? 4.228   5.894   16.958  1.00 24.21 ? 65  LYS A O   1 
ATOM   525 C  CB  . LYS A 1 70 ? 6.159   6.722   19.460  1.00 25.01 ? 65  LYS A CB  1 
ATOM   526 C  CG  . LYS A 1 70 ? 6.832   7.345   18.223  1.00 27.68 ? 65  LYS A CG  1 
ATOM   527 C  CD  . LYS A 1 70 ? 8.010   8.216   18.610  1.00 32.46 ? 65  LYS A CD  1 
ATOM   528 C  CE  . LYS A 1 70 ? 8.792   8.664   17.386  1.00 34.49 ? 65  LYS A CE  1 
ATOM   529 N  NZ  . LYS A 1 70 ? 8.030   9.673   16.614  1.00 37.68 ? 65  LYS A NZ  1 
ATOM   530 N  N   . ARG A 1 71 ? 3.076   6.648   18.745  1.00 23.85 ? 66  ARG A N   1 
ATOM   531 C  CA  . ARG A 1 71 ? 1.914   7.105   17.975  1.00 24.33 ? 66  ARG A CA  1 
ATOM   532 C  C   . ARG A 1 71 ? 1.439   8.468   18.459  1.00 24.62 ? 66  ARG A C   1 
ATOM   533 O  O   . ARG A 1 71 ? 1.555   8.788   19.645  1.00 23.38 ? 66  ARG A O   1 
ATOM   534 C  CB  . ARG A 1 71 ? 0.754   6.098   18.091  1.00 24.22 ? 66  ARG A CB  1 
ATOM   535 C  CG  . ARG A 1 71 ? 1.002   4.728   17.433  1.00 24.13 ? 66  ARG A CG  1 
ATOM   536 C  CD  . ARG A 1 71 ? 1.152   4.824   15.900  1.00 24.13 ? 66  ARG A CD  1 
ATOM   537 N  NE  . ARG A 1 71 ? 0.075   5.633   15.329  1.00 25.27 ? 66  ARG A NE  1 
ATOM   538 C  CZ  . ARG A 1 71 ? -1.169  5.205   15.127  1.00 25.17 ? 66  ARG A CZ  1 
ATOM   539 N  NH1 . ARG A 1 71 ? -1.514  3.959   15.416  1.00 25.93 ? 66  ARG A NH1 1 
ATOM   540 N  NH2 . ARG A 1 71 ? -2.079  6.037   14.640  1.00 28.17 ? 66  ARG A NH2 1 
ATOM   541 N  N   . THR A 1 72 ? 0.897   9.263   17.536  1.00 25.94 ? 67  THR A N   1 
ATOM   542 C  CA  . THR A 1 72 ? 0.256   10.521  17.892  1.00 28.26 ? 67  THR A CA  1 
ATOM   543 C  C   . THR A 1 72 ? -1.191  10.252  18.297  1.00 29.71 ? 67  THR A C   1 
ATOM   544 O  O   . THR A 1 72 ? -1.988  9.770   17.500  1.00 30.62 ? 67  THR A O   1 
ATOM   545 C  CB  . THR A 1 72 ? 0.311   11.532  16.714  1.00 28.11 ? 67  THR A CB  1 
ATOM   546 O  OG1 . THR A 1 72 ? 1.666   11.660  16.267  1.00 27.95 ? 67  THR A OG1 1 
ATOM   547 C  CG2 . THR A 1 72 ? -0.214  12.895  17.142  1.00 29.10 ? 67  THR A CG2 1 
ATOM   548 N  N   . TRP A 1 73 ? -1.509  10.529  19.553  1.00 31.95 ? 68  TRP A N   1 
ATOM   549 C  CA  . TRP A 1 73 ? -2.881  10.469  20.039  1.00 33.83 ? 68  TRP A CA  1 
ATOM   550 C  C   . TRP A 1 73 ? -3.474  11.866  19.849  1.00 34.26 ? 68  TRP A C   1 
ATOM   551 O  O   . TRP A 1 73 ? -2.778  12.858  20.060  1.00 35.50 ? 68  TRP A O   1 
ATOM   552 C  CB  . TRP A 1 73 ? -2.849  10.056  21.512  1.00 34.89 ? 68  TRP A CB  1 
ATOM   553 C  CG  . TRP A 1 73 ? -4.169  9.944   22.238  1.00 36.13 ? 68  TRP A CG  1 
ATOM   554 C  CD1 . TRP A 1 73 ? -4.420  10.345  23.509  1.00 36.63 ? 68  TRP A CD1 1 
ATOM   555 C  CD2 . TRP A 1 73 ? -5.403  9.390   21.744  1.00 37.16 ? 68  TRP A CD2 1 
ATOM   556 N  NE1 . TRP A 1 73 ? -5.717  10.078  23.852  1.00 36.94 ? 68  TRP A NE1 1 
ATOM   557 C  CE2 . TRP A 1 73 ? -6.349  9.497   22.786  1.00 37.88 ? 68  TRP A CE2 1 
ATOM   558 C  CE3 . TRP A 1 73 ? -5.801  8.820   20.529  1.00 38.64 ? 68  TRP A CE3 1 
ATOM   559 C  CZ2 . TRP A 1 73 ? -7.672  9.053   22.654  1.00 37.29 ? 68  TRP A CZ2 1 
ATOM   560 C  CZ3 . TRP A 1 73 ? -7.128  8.381   20.399  1.00 37.86 ? 68  TRP A CZ3 1 
ATOM   561 C  CH2 . TRP A 1 73 ? -8.039  8.498   21.460  1.00 36.62 ? 68  TRP A CH2 1 
ATOM   562 N  N   . HIS A 1 74 ? -4.737  11.961  19.450  1.00 34.02 ? 69  HIS A N   1 
ATOM   563 C  CA  . HIS A 1 74 ? -5.375  13.265  19.172  1.00 33.54 ? 69  HIS A CA  1 
ATOM   564 C  C   . HIS A 1 74 ? -5.107  13.684  17.722  1.00 33.73 ? 69  HIS A C   1 
ATOM   565 O  O   . HIS A 1 74 ? -4.053  13.364  17.161  1.00 34.26 ? 69  HIS A O   1 
ATOM   566 C  CB  . HIS A 1 74 ? -4.901  14.396  20.114  1.00 33.00 ? 69  HIS A CB  1 
ATOM   567 C  CG  . HIS A 1 74 ? -5.296  14.226  21.555  1.00 30.75 ? 69  HIS A CG  1 
ATOM   568 N  ND1 . HIS A 1 74 ? -6.568  13.871  21.952  1.00 28.83 ? 69  HIS A ND1 1 
ATOM   569 C  CD2 . HIS A 1 74 ? -4.591  14.418  22.695  1.00 29.76 ? 69  HIS A CD2 1 
ATOM   570 C  CE1 . HIS A 1 74 ? -6.620  13.821  23.271  1.00 29.45 ? 69  HIS A CE1 1 
ATOM   571 N  NE2 . HIS A 1 74 ? -5.433  14.150  23.747  1.00 27.88 ? 69  HIS A NE2 1 
ATOM   572 N  N   . ALA B 2 1  ? 3.745   4.438   7.330   1.00 22.93 ? 1   ALA B N   1 
ATOM   573 C  CA  . ALA B 2 1  ? 3.615   4.104   5.882   1.00 23.00 ? 1   ALA B CA  1 
ATOM   574 C  C   . ALA B 2 1  ? 2.710   5.117   5.197   1.00 23.51 ? 1   ALA B C   1 
ATOM   575 O  O   . ALA B 2 1  ? 1.863   5.729   5.847   1.00 24.37 ? 1   ALA B O   1 
ATOM   576 C  CB  . ALA B 2 1  ? 3.053   2.703   5.716   1.00 23.38 ? 1   ALA B CB  1 
ATOM   577 N  N   . ARG B 2 2  ? 2.882   5.294   3.889   1.00 23.54 ? 2   ARG B N   1 
ATOM   578 C  CA  . ARG B 2 2  ? 2.001   6.167   3.118   1.00 24.08 ? 2   ARG B CA  1 
ATOM   579 C  C   . ARG B 2 2  ? 0.789   5.355   2.699   1.00 23.93 ? 2   ARG B C   1 
ATOM   580 O  O   . ARG B 2 2  ? 0.915   4.193   2.299   1.00 24.33 ? 2   ARG B O   1 
ATOM   581 C  CB  . ARG B 2 2  ? 2.704   6.719   1.875   1.00 23.73 ? 2   ARG B CB  1 
ATOM   582 C  CG  . ARG B 2 2  ? 3.911   7.593   2.191   1.00 26.56 ? 2   ARG B CG  1 
ATOM   583 C  CD  . ARG B 2 2  ? 4.612   8.003   0.901   1.00 30.59 ? 2   ARG B CD  1 
ATOM   584 N  NE  . ARG B 2 2  ? 3.942   9.087   0.199   1.00 32.66 ? 2   ARG B NE  1 
ATOM   585 C  CZ  . ARG B 2 2  ? 4.034   9.316   -1.112  1.00 33.84 ? 2   ARG B CZ  1 
ATOM   586 N  NH1 . ARG B 2 2  ? 4.737   8.510   -1.902  1.00 32.94 ? 2   ARG B NH1 1 
ATOM   587 N  NH2 . ARG B 2 2  ? 3.399   10.348  -1.642  1.00 35.08 ? 2   ARG B NH2 1 
ATOM   588 N  N   . THR B 2 3  ? -0.383  5.968   2.791   1.00 24.27 ? 3   THR B N   1 
ATOM   589 C  CA  . THR B 2 3  ? -1.620  5.260   2.493   1.00 24.53 ? 3   THR B CA  1 
ATOM   590 C  C   . THR B 2 3  ? -2.578  6.130   1.692   1.00 25.11 ? 3   THR B C   1 
ATOM   591 O  O   . THR B 2 3  ? -2.435  7.357   1.653   1.00 25.35 ? 3   THR B O   1 
ATOM   592 C  CB  . THR B 2 3  ? -2.352  4.854   3.787   1.00 24.54 ? 3   THR B CB  1 
ATOM   593 O  OG1 . THR B 2 3  ? -2.636  6.035   4.564   1.00 23.51 ? 3   THR B OG1 1 
ATOM   594 C  CG2 . THR B 2 3  ? -1.534  3.848   4.618   1.00 24.45 ? 3   THR B CG2 1 
HETATM 595 N  N   . M3L B 2 4  ? -3.556  5.474   1.070   1.00 25.30 ? 4   M3L B N   1 
HETATM 596 C  CA  . M3L B 2 4  ? -4.674  6.141   0.414   1.00 25.52 ? 4   M3L B CA  1 
HETATM 597 C  CB  . M3L B 2 4  ? -4.713  5.834   -1.091  1.00 25.09 ? 4   M3L B CB  1 
HETATM 598 C  CG  . M3L B 2 4  ? -3.519  6.409   -1.845  1.00 24.22 ? 4   M3L B CG  1 
HETATM 599 C  CD  . M3L B 2 4  ? -3.573  5.985   -3.316  1.00 22.48 ? 4   M3L B CD  1 
HETATM 600 C  CE  . M3L B 2 4  ? -2.322  6.446   -4.072  1.00 21.08 ? 4   M3L B CE  1 
HETATM 601 N  NZ  . M3L B 2 4  ? -2.300  6.117   -5.523  1.00 21.26 ? 4   M3L B NZ  1 
HETATM 602 C  C   . M3L B 2 4  ? -5.920  5.677   1.114   1.00 26.57 ? 4   M3L B C   1 
HETATM 603 O  O   . M3L B 2 4  ? -6.287  4.499   1.041   1.00 26.42 ? 4   M3L B O   1 
HETATM 604 C  CM1 . M3L B 2 4  ? -0.994  6.535   -6.056  1.00 21.88 ? 4   M3L B CM1 1 
HETATM 605 C  CM2 . M3L B 2 4  ? -3.311  6.861   -6.283  1.00 21.17 ? 4   M3L B CM2 1 
HETATM 606 C  CM3 . M3L B 2 4  ? -2.479  4.671   -5.765  1.00 22.06 ? 4   M3L B CM3 1 
ATOM   607 N  N   . GLN B 2 5  ? -6.543  6.596   1.848   1.00 27.82 ? 5   GLN B N   1 
ATOM   608 C  CA  . GLN B 2 5  ? -7.746  6.331   2.642   1.00 30.08 ? 5   GLN B CA  1 
ATOM   609 C  C   . GLN B 2 5  ? -8.998  6.168   1.809   1.00 30.34 ? 5   GLN B C   1 
ATOM   610 O  O   . GLN B 2 5  ? -9.039  6.591   0.655   1.00 31.05 ? 5   GLN B O   1 
ATOM   611 C  CB  . GLN B 2 5  ? -7.988  7.487   3.612   1.00 30.55 ? 5   GLN B CB  1 
ATOM   612 C  CG  . GLN B 2 5  ? -7.622  7.197   5.037   1.00 34.22 ? 5   GLN B CG  1 
ATOM   613 C  CD  . GLN B 2 5  ? -6.131  7.216   5.285   1.00 36.28 ? 5   GLN B CD  1 
ATOM   614 O  OE1 . GLN B 2 5  ? -5.397  6.379   4.776   1.00 38.25 ? 5   GLN B OE1 1 
ATOM   615 N  NE2 . GLN B 2 5  ? -5.683  8.160   6.115   1.00 37.72 ? 5   GLN B NE2 1 
ATOM   616 N  N   . THR B 2 6  ? -10.031 5.580   2.408   1.00 31.05 ? 6   THR B N   1 
ATOM   617 C  CA  . THR B 2 6  ? -11.346 5.525   1.780   1.00 31.25 ? 6   THR B CA  1 
ATOM   618 C  C   . THR B 2 6  ? -12.282 6.554   2.403   1.00 31.80 ? 6   THR B C   1 
ATOM   619 O  O   . THR B 2 6  ? -12.193 6.840   3.600   1.00 32.59 ? 6   THR B O   1 
ATOM   620 C  CB  . THR B 2 6  ? -11.983 4.125   1.877   1.00 31.31 ? 6   THR B CB  1 
ATOM   621 O  OG1 . THR B 2 6  ? -12.045 3.710   3.245   1.00 30.53 ? 6   THR B OG1 1 
ATOM   622 C  CG2 . THR B 2 6  ? -11.174 3.127   1.106   1.00 31.75 ? 6   THR B CG2 1 
HETATM 623 ZN ZN  . ZN  C 3 .  ? 7.420   -3.711  -2.865  1.00 24.55 ? 71  ZN  A ZN  1 
HETATM 624 ZN ZN  . ZN  D 3 .  ? -4.893  -5.170  -5.721  1.00 23.47 ? 72  ZN  A ZN  1 
HETATM 625 C  C1  . GOL E 4 .  ? 12.352  -3.593  -5.131  1.00 62.45 ? 968 GOL A C1  1 
HETATM 626 O  O1  . GOL E 4 .  ? 13.181  -2.452  -5.135  1.00 61.91 ? 968 GOL A O1  1 
HETATM 627 C  C2  . GOL E 4 .  ? 13.169  -4.834  -5.470  1.00 62.67 ? 968 GOL A C2  1 
HETATM 628 O  O2  . GOL E 4 .  ? 14.467  -4.706  -4.948  1.00 63.31 ? 968 GOL A O2  1 
HETATM 629 C  C3  . GOL E 4 .  ? 12.527  -6.075  -4.864  1.00 63.17 ? 968 GOL A C3  1 
HETATM 630 O  O3  . GOL E 4 .  ? 13.518  -7.062  -4.669  1.00 62.98 ? 968 GOL A O3  1 
HETATM 631 CL CL  . CL  F 5 .  ? 8.608   4.583   15.481  1.00 56.28 ? 73  CL  A CL  1 
HETATM 632 MG MG  . MG  G 6 .  ? 1.446   8.927   13.905  1.00 35.85 ? 74  MG  A MG  1 
HETATM 633 MG MG  . MG  H 6 .  ? -11.633 -3.687  -0.452  1.00 42.55 ? 75  MG  A MG  1 
HETATM 634 O  O   . HOH I 7 .  ? -5.525  3.829   7.592   1.00 42.37 ? 76  HOH A O   1 
HETATM 635 O  O   . HOH I 7 .  ? -6.028  9.244   -2.987  1.00 54.86 ? 77  HOH A O   1 
HETATM 636 O  O   . HOH I 7 .  ? -9.949  -1.838  8.564   1.00 51.68 ? 78  HOH A O   1 
HETATM 637 O  O   . HOH I 7 .  ? -5.085  4.728   -12.033 1.00 20.58 ? 79  HOH A O   1 
HETATM 638 O  O   . HOH I 7 .  ? -8.052  4.978   -1.748  1.00 25.02 ? 80  HOH A O   1 
HETATM 639 O  O   . HOH I 7 .  ? -7.744  1.283   -5.467  1.00 21.00 ? 81  HOH A O   1 
HETATM 640 O  O   . HOH I 7 .  ? -4.366  3.960   15.034  1.00 49.41 ? 82  HOH A O   1 
HETATM 641 O  O   . HOH I 7 .  ? 12.365  -9.289  -3.244  1.00 44.52 ? 83  HOH A O   1 
HETATM 642 O  O   . HOH I 7 .  ? 5.059   5.634   -4.869  1.00 33.19 ? 84  HOH A O   1 
HETATM 643 O  O   . HOH I 7 .  ? 1.339   -7.258  3.277   1.00 30.98 ? 85  HOH A O   1 
HETATM 644 O  O   . HOH I 7 .  ? -5.703  8.665   -18.005 1.00 24.83 ? 86  HOH A O   1 
HETATM 645 O  O   . HOH I 7 .  ? 7.393   5.016   5.652   1.00 43.50 ? 87  HOH A O   1 
HETATM 646 O  O   . HOH I 7 .  ? -8.522  -7.952  -3.502  1.00 38.91 ? 88  HOH A O   1 
HETATM 647 O  O   . HOH I 7 .  ? -3.771  6.902   -10.622 1.00 20.96 ? 89  HOH A O   1 
HETATM 648 O  O   . HOH I 7 .  ? 4.589   -6.740  -5.866  1.00 54.02 ? 90  HOH A O   1 
HETATM 649 O  O   . HOH I 7 .  ? 2.909   -11.379 -6.969  1.00 83.91 ? 91  HOH A O   1 
HETATM 650 O  O   . HOH I 7 .  ? -1.023  7.301   10.687  1.00 38.81 ? 92  HOH A O   1 
HETATM 651 O  O   . HOH I 7 .  ? 11.031  0.828   11.056  1.00 56.45 ? 93  HOH A O   1 
HETATM 652 O  O   . HOH I 7 .  ? 4.806   3.529   2.643   1.00 28.69 ? 94  HOH A O   1 
HETATM 653 O  O   . HOH I 7 .  ? 1.273   -8.892  -10.465 1.00 47.94 ? 95  HOH A O   1 
HETATM 654 O  O   . HOH I 7 .  ? 6.463   2.541   4.405   1.00 31.16 ? 96  HOH A O   1 
HETATM 655 O  O   . HOH I 7 .  ? -6.574  -9.889  2.566   1.00 53.39 ? 97  HOH A O   1 
HETATM 656 O  O   . HOH I 7 .  ? 2.709   6.209   -7.703  1.00 42.90 ? 98  HOH A O   1 
HETATM 657 O  O   . HOH I 7 .  ? -3.399  -11.139 -3.771  1.00 38.13 ? 99  HOH A O   1 
HETATM 658 O  O   . HOH I 7 .  ? 12.427  -9.408  8.142   1.00 43.20 ? 100 HOH A O   1 
HETATM 659 O  O   . HOH I 7 .  ? 6.924   1.091   -8.707  1.00 49.40 ? 101 HOH A O   1 
HETATM 660 O  O   . HOH I 7 .  ? 4.707   7.875   14.959  1.00 38.99 ? 102 HOH A O   1 
HETATM 661 O  O   . HOH I 7 .  ? 14.800  -1.562  2.948   1.00 71.95 ? 103 HOH A O   1 
HETATM 662 O  O   . HOH I 7 .  ? 6.071   -7.443  5.569   1.00 43.06 ? 104 HOH A O   1 
HETATM 663 O  O   . HOH I 7 .  ? 2.221   7.474   8.863   1.00 40.96 ? 105 HOH A O   1 
HETATM 664 O  O   . HOH I 7 .  ? -15.029 -0.839  -2.943  1.00 51.44 ? 106 HOH A O   1 
HETATM 665 O  O   . HOH I 7 .  ? 7.020   4.896   1.717   1.00 54.74 ? 107 HOH A O   1 
HETATM 666 O  O   . HOH I 7 .  ? 9.771   4.851   -8.123  1.00 42.99 ? 108 HOH A O   1 
HETATM 667 O  O   . HOH I 7 .  ? 3.307   3.747   -7.828  1.00 31.78 ? 109 HOH A O   1 
HETATM 668 O  O   . HOH I 7 .  ? -0.213  -3.172  12.114  1.00 55.20 ? 110 HOH A O   1 
HETATM 669 O  O   . HOH I 7 .  ? 4.968   -12.878 -3.571  1.00 68.06 ? 111 HOH A O   1 
HETATM 670 O  O   . HOH I 7 .  ? -0.757  -7.302  7.988   1.00 48.71 ? 112 HOH A O   1 
HETATM 671 O  O   . HOH I 7 .  ? -8.361  -0.806  -8.046  1.00 23.94 ? 113 HOH A O   1 
HETATM 672 O  O   . HOH I 7 .  ? 0.896   6.975   -9.569  1.00 31.50 ? 114 HOH A O   1 
HETATM 673 O  O   . HOH I 7 .  ? 6.181   5.865   9.156   1.00 53.44 ? 115 HOH A O   1 
HETATM 674 O  O   . HOH I 7 .  ? -4.552  -8.075  8.612   1.00 55.18 ? 116 HOH A O   1 
HETATM 675 O  O   . HOH I 7 .  ? 2.611   0.190   -10.907 1.00 24.26 ? 117 HOH A O   1 
HETATM 676 O  O   . HOH I 7 .  ? -5.551  6.941   11.407  1.00 73.77 ? 118 HOH A O   1 
HETATM 677 O  O   . HOH I 7 .  ? -3.411  -3.969  -15.928 1.00 29.04 ? 119 HOH A O   1 
HETATM 678 O  O   . HOH I 7 .  ? -5.143  -0.006  -8.071  1.00 32.07 ? 120 HOH A O   1 
HETATM 679 O  O   . HOH I 7 .  ? -15.253 2.637   0.552   1.00 46.46 ? 121 HOH A O   1 
HETATM 680 O  O   . HOH I 7 .  ? -8.112  -6.069  -6.863  1.00 26.97 ? 122 HOH A O   1 
HETATM 681 O  O   . HOH I 7 .  ? -11.126 -0.252  3.969   1.00 35.12 ? 123 HOH A O   1 
HETATM 682 O  O   . HOH I 7 .  ? 2.465   0.353   16.364  1.00 24.20 ? 124 HOH A O   1 
HETATM 683 O  O   . HOH I 7 .  ? 3.981   -7.819  2.922   1.00 32.90 ? 125 HOH A O   1 
HETATM 684 O  O   . HOH I 7 .  ? 1.484   3.379   -11.872 1.00 32.05 ? 126 HOH A O   1 
HETATM 685 O  O   . HOH I 7 .  ? -14.949 -0.704  -6.300  1.00 39.89 ? 127 HOH A O   1 
HETATM 686 O  O   . HOH I 7 .  ? 6.010   10.336  14.824  1.00 55.40 ? 128 HOH A O   1 
HETATM 687 O  O   . HOH I 7 .  ? -11.712 0.063   7.850   1.00 84.53 ? 129 HOH A O   1 
HETATM 688 O  O   . HOH I 7 .  ? -13.346 6.916   -0.549  1.00 53.87 ? 130 HOH A O   1 
HETATM 689 O  O   . HOH I 7 .  ? 4.830   -3.994  -8.759  1.00 55.76 ? 131 HOH A O   1 
HETATM 690 O  O   . HOH I 7 .  ? -9.068  6.243   7.714   1.00 66.44 ? 132 HOH A O   1 
HETATM 691 O  O   . HOH I 7 .  ? -8.148  -2.671  0.090   1.00 27.33 ? 133 HOH A O   1 
HETATM 692 O  O   . HOH I 7 .  ? -11.069 -0.436  1.272   1.00 29.35 ? 134 HOH A O   1 
HETATM 693 O  O   . HOH I 7 .  ? -5.022  -9.686  -5.729  1.00 35.73 ? 135 HOH A O   1 
HETATM 694 O  O   . HOH I 7 .  ? -0.087  -10.915 -2.068  1.00 53.77 ? 136 HOH A O   1 
HETATM 695 O  O   . HOH I 7 .  ? -0.869  6.749   -17.531 1.00 35.44 ? 137 HOH A O   1 
HETATM 696 O  O   . HOH I 7 .  ? 9.648   1.299   13.691  1.00 57.00 ? 138 HOH A O   1 
HETATM 697 O  O   . HOH I 7 .  ? -14.239 -3.367  -2.710  1.00 52.92 ? 139 HOH A O   1 
HETATM 698 O  O   . HOH I 7 .  ? -13.174 -4.894  -5.000  1.00 43.77 ? 140 HOH A O   1 
HETATM 699 O  O   . HOH I 7 .  ? 13.815  0.096   5.166   1.00 52.32 ? 141 HOH A O   1 
HETATM 700 O  O   . HOH I 7 .  ? 7.882   6.644   -0.596  1.00 30.96 ? 142 HOH A O   1 
HETATM 701 O  O   . HOH I 7 .  ? 12.901  -5.034  7.630   1.00 60.72 ? 143 HOH A O   1 
HETATM 702 O  O   . HOH I 7 .  ? -6.581  -0.730  15.151  1.00 65.29 ? 144 HOH A O   1 
HETATM 703 O  O   . HOH I 7 .  ? 12.331  0.291   2.842   1.00 35.41 ? 145 HOH A O   1 
HETATM 704 O  O   . HOH I 7 .  ? -4.031  1.381   14.321  1.00 44.20 ? 146 HOH A O   1 
HETATM 705 O  O   . HOH I 7 .  ? -7.759  -11.030 -3.328  1.00 69.01 ? 147 HOH A O   1 
HETATM 706 O  O   . HOH I 7 .  ? 8.225   -4.427  -12.534 1.00 31.03 ? 148 HOH A O   1 
HETATM 707 O  O   . HOH I 7 .  ? -0.920  11.228  8.552   1.00 85.73 ? 149 HOH A O   1 
HETATM 708 O  O   . HOH I 7 .  ? -1.970  8.595   -22.644 1.00 40.32 ? 150 HOH A O   1 
HETATM 709 O  O   . HOH I 7 .  ? -2.728  9.440   -19.775 1.00 43.54 ? 151 HOH A O   1 
HETATM 710 O  O   . HOH I 7 .  ? 1.900   8.198   -11.853 1.00 49.10 ? 152 HOH A O   1 
HETATM 711 O  O   . HOH I 7 .  ? -3.646  -9.743  -12.493 1.00 55.74 ? 153 HOH A O   1 
HETATM 712 O  O   . HOH I 7 .  ? 14.674  -0.870  -3.808  0.50 57.81 ? 154 HOH A O   1 
HETATM 713 O  O   . HOH I 7 .  ? 6.503   -4.612  -6.839  1.00 36.15 ? 155 HOH A O   1 
HETATM 714 O  O   . HOH I 7 .  ? 9.097   -6.322  -5.658  1.00 41.15 ? 156 HOH A O   1 
HETATM 715 O  O   . HOH I 7 .  ? -7.838  -6.698  4.231   1.00 67.81 ? 157 HOH A O   1 
HETATM 716 O  O   . HOH I 7 .  ? 10.364  5.648   17.661  1.00 62.68 ? 158 HOH A O   1 
HETATM 717 O  O   . HOH I 7 .  ? -4.978  6.228   13.930  1.00 53.74 ? 159 HOH A O   1 
HETATM 718 O  O   . HOH I 7 .  ? -2.724  -2.123  14.862  1.00 42.19 ? 160 HOH A O   1 
HETATM 719 O  O   . HOH I 7 .  ? -0.396  -4.264  14.268  1.00 51.56 ? 161 HOH A O   1 
HETATM 720 O  O   . HOH I 7 .  ? 6.300   -7.444  14.216  1.00 59.21 ? 162 HOH A O   1 
HETATM 721 O  O   . HOH I 7 .  ? 9.732   -0.560  21.713  1.00 53.48 ? 163 HOH A O   1 
HETATM 722 O  O   . HOH I 7 .  ? 1.280   7.364   -21.581 1.00 45.82 ? 164 HOH A O   1 
HETATM 723 O  O   . HOH I 7 .  ? 2.152   -5.674  7.631   1.00 60.74 ? 165 HOH A O   1 
HETATM 724 O  O   . HOH I 7 .  ? 1.435   6.875   -16.363 1.00 45.64 ? 166 HOH A O   1 
HETATM 725 O  O   . HOH I 7 .  ? 7.624   6.190   13.573  1.00 58.62 ? 167 HOH A O   1 
HETATM 726 O  O   . HOH I 7 .  ? 12.741  -1.840  7.333   1.00 54.84 ? 168 HOH A O   1 
HETATM 727 O  O   . HOH I 7 .  ? 11.077  6.366   2.412   1.00 42.55 ? 169 HOH A O   1 
HETATM 728 O  O   . HOH I 7 .  ? 12.717  2.166   -5.298  1.00 44.10 ? 170 HOH A O   1 
HETATM 729 O  O   . HOH I 7 .  ? 6.369   -1.823  -12.229 1.00 52.51 ? 171 HOH A O   1 
HETATM 730 O  O   . HOH I 7 .  ? 5.784   -2.075  -9.825  1.00 52.08 ? 172 HOH A O   1 
HETATM 731 O  O   . HOH I 7 .  ? 3.954   -8.557  -3.684  1.00 43.62 ? 173 HOH A O   1 
HETATM 732 O  O   . HOH I 7 .  ? 17.094  -8.300  5.009   0.50 44.73 ? 174 HOH A O   1 
HETATM 733 O  O   . HOH I 7 .  ? 16.012  -7.522  6.698   0.50 39.32 ? 175 HOH A O   1 
HETATM 734 O  O   . HOH I 7 .  ? 2.857   -7.724  16.689  1.00 50.22 ? 176 HOH A O   1 
HETATM 735 O  O   . HOH I 7 .  ? 4.485   -6.785  18.451  1.00 49.23 ? 177 HOH A O   1 
HETATM 736 O  O   . HOH I 7 .  ? 13.150  -2.736  16.547  1.00 41.47 ? 178 HOH A O   1 
HETATM 737 O  O   . HOH I 7 .  ? 2.740   14.068  16.696  1.00 41.81 ? 179 HOH A O   1 
HETATM 738 O  O   . HOH I 7 .  ? -0.988  13.231  20.790  1.00 36.01 ? 180 HOH A O   1 
HETATM 739 O  O   . HOH I 7 .  ? 2.137   8.313   -5.687  1.00 54.87 ? 181 HOH A O   1 
HETATM 740 O  O   . HOH I 7 .  ? 14.057  0.071   0.954   1.00 58.28 ? 182 HOH A O   1 
HETATM 741 O  O   . HOH J 7 .  ? 1.279   4.337   8.698   1.00 26.51 ? 22  HOH B O   1 
HETATM 742 O  O   . HOH J 7 .  ? -3.026  9.275   3.901   1.00 39.84 ? 23  HOH B O   1 
HETATM 743 O  O   . HOH J 7 .  ? -1.108  5.725   8.199   1.00 34.65 ? 34  HOH B O   1 
HETATM 744 O  O   . HOH J 7 .  ? -0.063  8.782   3.679   1.00 29.18 ? 36  HOH B O   1 
HETATM 745 O  O   . HOH J 7 .  ? -5.364  9.308   2.092   1.00 41.90 ? 37  HOH B O   1 
HETATM 746 O  O   . HOH J 7 .  ? -3.448  5.338   7.259   1.00 36.10 ? 49  HOH B O   1 
HETATM 747 O  O   . HOH J 7 .  ? 4.531   7.079   7.460   1.00 48.90 ? 67  HOH B O   1 
HETATM 748 O  O   . HOH J 7 .  ? 4.649   10.558  -4.907  1.00 49.75 ? 71  HOH B O   1 
HETATM 749 O  O   . HOH J 7 .  ? 0.385   9.814   1.114   1.00 45.52 ? 73  HOH B O   1 
HETATM 750 O  O   . HOH J 7 .  ? -14.917 7.789   4.797   1.00 82.15 ? 84  HOH B O   1 
HETATM 751 O  O   . HOH J 7 .  ? -0.466  7.201   6.158   1.00 37.93 ? 96  HOH B O   1 
HETATM 752 O  O   . HOH J 7 .  ? -9.921  7.608   -1.437  1.00 53.73 ? 109 HOH B O   1 
HETATM 753 O  O   . HOH J 7 .  ? 4.647   8.053   9.913   1.00 85.83 ? 113 HOH B O   1 
HETATM 754 O  O   . HOH J 7 .  ? -1.947  9.423   -0.077  1.00 53.73 ? 124 HOH B O   1 
HETATM 755 O  O   . HOH J 7 .  ? 1.415   9.764   -3.520  1.00 76.88 ? 133 HOH B O   1 
HETATM 756 O  O   . HOH J 7 .  ? -15.449 6.387   2.544   1.00 72.57 ? 160 HOH B O   1 
HETATM 757 O  O   . HOH J 7 .  ? 2.828   12.247  -4.284  1.00 63.88 ? 164 HOH B O   1 
HETATM 758 O  O   . HOH J 7 .  ? -2.303  10.033  -5.003  1.00 45.12 ? 171 HOH B O   1 
# 
